data_2G3Q
#
_entry.id   2G3Q
#
_cell.length_a   1.000
_cell.length_b   1.000
_cell.length_c   1.000
_cell.angle_alpha   90.00
_cell.angle_beta   90.00
_cell.angle_gamma   90.00
#
_symmetry.space_group_name_H-M   'P 1'
#
loop_
_entity.id
_entity.type
_entity.pdbx_description
1 polymer 'Protein YBL047C'
2 polymer Ubiquitin
#
loop_
_entity_poly.entity_id
_entity_poly.type
_entity_poly.pdbx_seq_one_letter_code
_entity_poly.pdbx_strand_id
1 'polypeptide(L)' TTPKSLAVEELSGMGFTEEEAHNALEKCNWDLEAATNFLLDSA A
2 'polypeptide(L)' MQIFVKTLTGKTITLEVESSDTIDNVKSKIQDKEGIPPDQQRLIFAGKQLEDGRTLSDYNIQKESTLHLVLRLRGG B
#
# COMPACT_ATOMS: atom_id res chain seq x y z
N THR A 1 11.33 16.86 -7.93
CA THR A 1 10.79 16.84 -9.32
C THR A 1 9.34 17.29 -9.35
N THR A 2 8.81 17.44 -10.55
CA THR A 2 7.42 17.84 -10.74
C THR A 2 6.48 16.88 -10.00
N PRO A 3 5.45 17.42 -9.33
CA PRO A 3 4.49 16.59 -8.57
C PRO A 3 3.71 15.64 -9.46
N LYS A 4 3.16 16.19 -10.54
CA LYS A 4 2.38 15.42 -11.50
C LYS A 4 3.11 14.13 -11.92
N SER A 5 4.38 14.27 -12.29
CA SER A 5 5.17 13.12 -12.72
C SER A 5 5.67 12.32 -11.52
N LEU A 6 5.90 13.00 -10.41
CA LEU A 6 6.37 12.36 -9.19
C LEU A 6 5.40 11.28 -8.73
N ALA A 7 4.11 11.59 -8.79
CA ALA A 7 3.07 10.64 -8.39
C ALA A 7 3.08 9.42 -9.29
N VAL A 8 3.09 9.66 -10.60
CA VAL A 8 3.09 8.58 -11.58
C VAL A 8 4.33 7.70 -11.43
N GLU A 9 5.43 8.30 -11.00
CA GLU A 9 6.68 7.57 -10.82
C GLU A 9 6.58 6.60 -9.65
N GLU A 10 6.12 7.12 -8.50
CA GLU A 10 5.97 6.30 -7.31
C GLU A 10 4.97 5.18 -7.55
N LEU A 11 3.90 5.51 -8.26
CA LEU A 11 2.85 4.53 -8.57
C LEU A 11 3.34 3.48 -9.56
N SER A 12 4.28 3.86 -10.41
CA SER A 12 4.83 2.94 -11.40
C SER A 12 5.68 1.86 -10.74
N GLY A 13 6.12 2.13 -9.52
CA GLY A 13 6.93 1.17 -8.78
C GLY A 13 6.14 0.40 -7.75
N MET A 14 4.88 0.12 -8.06
CA MET A 14 4.01 -0.62 -7.14
C MET A 14 3.49 -1.89 -7.80
N GLY A 15 3.12 -1.80 -9.06
CA GLY A 15 2.60 -2.95 -9.78
C GLY A 15 1.85 -2.58 -11.05
N PHE A 16 1.93 -1.31 -11.44
CA PHE A 16 1.26 -0.85 -12.65
C PHE A 16 2.11 0.15 -13.40
N THR A 17 1.88 0.27 -14.71
CA THR A 17 2.63 1.19 -15.56
C THR A 17 2.30 2.65 -15.25
N GLU A 18 3.01 3.55 -15.91
CA GLU A 18 2.81 4.98 -15.72
C GLU A 18 1.51 5.45 -16.37
N GLU A 19 1.06 4.69 -17.38
CA GLU A 19 -0.16 5.01 -18.08
C GLU A 19 -1.37 4.89 -17.16
N GLU A 20 -1.56 3.68 -16.61
CA GLU A 20 -2.66 3.42 -15.70
C GLU A 20 -2.64 4.39 -14.53
N ALA A 21 -1.44 4.66 -14.02
CA ALA A 21 -1.29 5.59 -12.89
C ALA A 21 -1.66 7.01 -13.31
N HIS A 22 -1.39 7.34 -14.57
CA HIS A 22 -1.70 8.66 -15.09
C HIS A 22 -3.20 8.91 -15.09
N ASN A 23 -3.95 8.01 -15.71
CA ASN A 23 -5.41 8.14 -15.76
C ASN A 23 -6.01 8.17 -14.36
N ALA A 24 -5.57 7.23 -13.53
CA ALA A 24 -6.06 7.12 -12.15
C ALA A 24 -5.90 8.45 -11.41
N LEU A 25 -4.69 9.01 -11.46
CA LEU A 25 -4.40 10.26 -10.79
C LEU A 25 -5.30 11.38 -11.28
N GLU A 26 -5.21 11.66 -12.58
CA GLU A 26 -6.00 12.74 -13.19
C GLU A 26 -7.44 12.71 -12.70
N LYS A 27 -8.15 11.63 -13.04
CA LYS A 27 -9.56 11.47 -12.67
C LYS A 27 -9.78 11.69 -11.17
N CYS A 28 -8.99 11.01 -10.35
CA CYS A 28 -9.10 11.15 -8.90
C CYS A 28 -8.78 12.58 -8.46
N ASN A 29 -8.30 13.37 -9.42
CA ASN A 29 -7.93 14.78 -9.23
C ASN A 29 -6.46 14.87 -8.90
N TRP A 30 -5.66 14.25 -9.76
CA TRP A 30 -4.21 14.21 -9.60
C TRP A 30 -3.80 13.90 -8.15
N ASP A 31 -4.63 13.13 -7.46
CA ASP A 31 -4.34 12.77 -6.07
C ASP A 31 -3.61 11.42 -6.02
N LEU A 32 -2.48 11.39 -5.32
CA LEU A 32 -1.68 10.18 -5.20
C LEU A 32 -2.42 9.06 -4.50
N GLU A 33 -2.75 9.26 -3.22
CA GLU A 33 -3.46 8.26 -2.43
C GLU A 33 -4.72 7.80 -3.16
N ALA A 34 -5.44 8.75 -3.75
CA ALA A 34 -6.66 8.43 -4.47
C ALA A 34 -6.35 7.60 -5.71
N ALA A 35 -5.20 7.86 -6.32
CA ALA A 35 -4.77 7.12 -7.50
C ALA A 35 -4.58 5.66 -7.16
N THR A 36 -3.77 5.40 -6.13
CA THR A 36 -3.54 4.03 -5.68
C THR A 36 -4.87 3.38 -5.35
N ASN A 37 -5.72 4.14 -4.68
CA ASN A 37 -7.04 3.68 -4.30
C ASN A 37 -7.85 3.32 -5.54
N PHE A 38 -7.53 4.01 -6.64
CA PHE A 38 -8.21 3.76 -7.92
C PHE A 38 -7.80 2.40 -8.44
N LEU A 39 -6.50 2.13 -8.46
CA LEU A 39 -5.98 0.86 -8.94
C LEU A 39 -6.40 -0.28 -8.00
N LEU A 40 -6.77 0.08 -6.77
CA LEU A 40 -7.19 -0.90 -5.77
C LEU A 40 -8.65 -1.30 -5.97
N ASP A 41 -9.56 -0.35 -5.86
CA ASP A 41 -10.99 -0.61 -6.03
C ASP A 41 -11.44 -0.37 -7.47
N SER A 42 -11.35 0.88 -7.91
CA SER A 42 -11.76 1.25 -9.26
C SER A 42 -11.17 0.31 -10.31
N ALA A 43 -12.03 -0.20 -11.19
CA ALA A 43 -11.60 -1.12 -12.24
C ALA A 43 -12.44 -0.95 -13.49
N MET B 1 10.92 -14.01 9.23
CA MET B 1 10.86 -13.17 8.00
C MET B 1 10.35 -11.77 8.32
N GLN B 2 10.92 -10.77 7.66
CA GLN B 2 10.54 -9.38 7.89
C GLN B 2 9.95 -8.76 6.63
N ILE B 3 9.11 -7.75 6.81
CA ILE B 3 8.48 -7.06 5.69
C ILE B 3 8.77 -5.56 5.74
N PHE B 4 8.93 -4.95 4.57
CA PHE B 4 9.22 -3.52 4.48
C PHE B 4 8.01 -2.73 3.99
N VAL B 5 7.30 -2.12 4.91
CA VAL B 5 6.13 -1.33 4.58
C VAL B 5 6.55 0.04 4.05
N LYS B 6 5.81 0.54 3.06
CA LYS B 6 6.12 1.84 2.48
C LYS B 6 4.93 2.79 2.57
N THR B 7 5.07 3.84 3.35
CA THR B 7 4.01 4.84 3.51
C THR B 7 4.08 5.84 2.37
N LEU B 8 2.94 6.45 2.06
CA LEU B 8 2.89 7.44 0.97
C LEU B 8 3.38 8.81 1.45
N THR B 9 4.07 8.83 2.58
CA THR B 9 4.59 10.07 3.14
C THR B 9 6.12 10.09 3.07
N GLY B 10 6.71 8.93 2.76
CA GLY B 10 8.14 8.83 2.68
C GLY B 10 8.77 8.20 3.91
N LYS B 11 8.04 7.27 4.53
CA LYS B 11 8.50 6.59 5.72
C LYS B 11 8.57 5.08 5.51
N THR B 12 9.67 4.49 5.95
CA THR B 12 9.88 3.05 5.84
C THR B 12 9.68 2.36 7.17
N ILE B 13 8.97 1.23 7.16
CA ILE B 13 8.71 0.48 8.39
C ILE B 13 9.13 -0.98 8.25
N THR B 14 9.97 -1.43 9.17
CA THR B 14 10.44 -2.80 9.17
C THR B 14 9.77 -3.61 10.28
N LEU B 15 8.94 -4.57 9.89
CA LEU B 15 8.23 -5.40 10.86
C LEU B 15 8.71 -6.84 10.83
N GLU B 16 8.67 -7.49 11.99
CA GLU B 16 9.11 -8.88 12.13
C GLU B 16 7.90 -9.80 12.28
N VAL B 17 7.68 -10.64 11.28
CA VAL B 17 6.55 -11.57 11.30
C VAL B 17 7.02 -13.01 11.07
N GLU B 18 6.07 -13.95 11.16
CA GLU B 18 6.37 -15.36 10.95
C GLU B 18 5.67 -15.88 9.71
N SER B 19 5.89 -17.15 9.39
CA SER B 19 5.28 -17.77 8.23
C SER B 19 3.81 -18.11 8.51
N SER B 20 3.35 -17.76 9.71
CA SER B 20 1.97 -18.03 10.11
C SER B 20 1.25 -16.74 10.46
N ASP B 21 1.93 -15.61 10.26
CA ASP B 21 1.35 -14.30 10.56
C ASP B 21 0.16 -14.01 9.64
N THR B 22 -0.62 -12.99 10.00
CA THR B 22 -1.78 -12.61 9.20
C THR B 22 -1.78 -11.11 8.93
N ILE B 23 -2.54 -10.70 7.92
CA ILE B 23 -2.62 -9.30 7.54
C ILE B 23 -3.12 -8.45 8.71
N ASP B 24 -4.26 -8.83 9.27
CA ASP B 24 -4.86 -8.11 10.40
C ASP B 24 -3.82 -7.82 11.47
N ASN B 25 -2.91 -8.75 11.71
CA ASN B 25 -1.87 -8.58 12.71
C ASN B 25 -0.88 -7.50 12.31
N VAL B 26 -0.52 -7.48 11.02
CA VAL B 26 0.42 -6.49 10.52
C VAL B 26 -0.10 -5.07 10.77
N LYS B 27 -1.39 -4.87 10.51
CA LYS B 27 -2.01 -3.56 10.69
C LYS B 27 -1.88 -3.09 12.14
N SER B 28 -2.21 -3.97 13.07
CA SER B 28 -2.13 -3.64 14.50
C SER B 28 -0.71 -3.24 14.87
N LYS B 29 0.27 -3.99 14.35
CA LYS B 29 1.67 -3.71 14.63
C LYS B 29 2.04 -2.28 14.22
N ILE B 30 1.63 -1.90 13.01
CA ILE B 30 1.91 -0.57 12.49
C ILE B 30 1.27 0.50 13.38
N GLN B 31 0.06 0.23 13.84
CA GLN B 31 -0.67 1.17 14.70
C GLN B 31 0.11 1.46 15.97
N ASP B 32 0.60 0.39 16.61
CA ASP B 32 1.37 0.53 17.84
C ASP B 32 2.79 1.02 17.56
N LYS B 33 3.20 0.92 16.30
CA LYS B 33 4.53 1.34 15.89
C LYS B 33 4.60 2.86 15.76
N GLU B 34 3.89 3.40 14.77
CA GLU B 34 3.87 4.84 14.53
C GLU B 34 2.56 5.46 15.02
N GLY B 35 1.46 5.03 14.43
CA GLY B 35 0.17 5.56 14.82
C GLY B 35 -0.80 5.69 13.65
N ILE B 36 -0.42 5.12 12.52
CA ILE B 36 -1.27 5.18 11.32
C ILE B 36 -2.61 4.51 11.58
N PRO B 37 -3.73 5.26 11.41
CA PRO B 37 -5.08 4.72 11.65
C PRO B 37 -5.30 3.36 10.98
N PRO B 38 -5.62 2.32 11.77
CA PRO B 38 -5.84 0.96 11.25
C PRO B 38 -7.08 0.87 10.36
N ASP B 39 -8.08 1.69 10.67
CA ASP B 39 -9.33 1.69 9.90
C ASP B 39 -9.14 2.37 8.54
N GLN B 40 -7.95 2.94 8.33
CA GLN B 40 -7.65 3.62 7.06
C GLN B 40 -6.55 2.90 6.30
N GLN B 41 -5.42 2.68 6.96
CA GLN B 41 -4.28 2.01 6.34
C GLN B 41 -4.69 0.67 5.71
N ARG B 42 -4.08 0.36 4.56
CA ARG B 42 -4.35 -0.88 3.86
C ARG B 42 -3.07 -1.47 3.29
N LEU B 43 -2.87 -2.77 3.48
CA LEU B 43 -1.69 -3.45 3.00
C LEU B 43 -1.80 -3.77 1.51
N ILE B 44 -0.72 -3.54 0.76
CA ILE B 44 -0.71 -3.81 -0.67
C ILE B 44 0.57 -4.55 -1.08
N PHE B 45 0.45 -5.41 -2.08
CA PHE B 45 1.60 -6.17 -2.57
C PHE B 45 1.42 -6.51 -4.05
N ALA B 46 2.43 -6.15 -4.85
CA ALA B 46 2.39 -6.43 -6.29
C ALA B 46 1.15 -5.81 -6.94
N GLY B 47 0.56 -4.82 -6.26
CA GLY B 47 -0.63 -4.17 -6.78
C GLY B 47 -1.90 -4.73 -6.18
N LYS B 48 -1.85 -5.98 -5.76
CA LYS B 48 -3.01 -6.64 -5.16
C LYS B 48 -3.09 -6.34 -3.67
N GLN B 49 -4.23 -5.84 -3.23
CA GLN B 49 -4.44 -5.50 -1.82
C GLN B 49 -4.59 -6.77 -0.98
N LEU B 50 -3.81 -6.85 0.09
CA LEU B 50 -3.85 -8.00 0.98
C LEU B 50 -5.13 -7.98 1.83
N GLU B 51 -6.05 -8.89 1.52
CA GLU B 51 -7.32 -8.97 2.24
C GLU B 51 -7.08 -9.38 3.69
N ASP B 52 -7.68 -8.62 4.60
CA ASP B 52 -7.54 -8.90 6.03
C ASP B 52 -8.09 -10.28 6.38
N GLY B 53 -7.38 -10.99 7.24
CA GLY B 53 -7.80 -12.33 7.64
C GLY B 53 -6.88 -13.41 7.11
N ARG B 54 -6.56 -13.34 5.82
CA ARG B 54 -5.69 -14.34 5.20
C ARG B 54 -4.25 -14.19 5.69
N THR B 55 -3.43 -15.21 5.40
CA THR B 55 -2.04 -15.20 5.82
C THR B 55 -1.14 -14.59 4.73
N LEU B 56 0.16 -14.67 4.95
CA LEU B 56 1.13 -14.12 4.00
C LEU B 56 1.48 -15.15 2.91
N SER B 57 1.16 -16.41 3.18
CA SER B 57 1.44 -17.47 2.23
C SER B 57 0.39 -17.52 1.12
N ASP B 58 -0.78 -16.95 1.39
CA ASP B 58 -1.86 -16.93 0.41
C ASP B 58 -1.57 -15.96 -0.72
N TYR B 59 -0.59 -15.08 -0.51
CA TYR B 59 -0.22 -14.09 -1.52
C TYR B 59 1.21 -14.28 -1.98
N ASN B 60 1.80 -15.43 -1.62
CA ASN B 60 3.18 -15.75 -2.00
C ASN B 60 4.14 -14.68 -1.50
N ILE B 61 3.73 -13.94 -0.48
CA ILE B 61 4.58 -12.90 0.09
C ILE B 61 5.93 -13.46 0.54
N GLN B 62 6.97 -13.15 -0.23
CA GLN B 62 8.31 -13.64 0.08
C GLN B 62 8.91 -12.88 1.26
N LYS B 63 10.21 -13.05 1.46
CA LYS B 63 10.92 -12.39 2.54
C LYS B 63 11.44 -11.02 2.11
N GLU B 64 11.47 -10.08 3.05
CA GLU B 64 11.94 -8.73 2.76
C GLU B 64 11.14 -8.10 1.63
N SER B 65 9.93 -8.61 1.43
CA SER B 65 9.04 -8.10 0.38
C SER B 65 8.74 -6.62 0.60
N THR B 66 8.54 -5.90 -0.50
CA THR B 66 8.23 -4.48 -0.44
C THR B 66 6.72 -4.26 -0.36
N LEU B 67 6.23 -4.08 0.86
CA LEU B 67 4.79 -3.86 1.07
C LEU B 67 4.46 -2.38 1.06
N HIS B 68 3.21 -2.06 0.74
CA HIS B 68 2.76 -0.68 0.69
C HIS B 68 1.63 -0.45 1.68
N LEU B 69 1.50 0.78 2.17
CA LEU B 69 0.46 1.12 3.12
C LEU B 69 -0.29 2.37 2.68
N VAL B 70 -1.52 2.18 2.20
CA VAL B 70 -2.35 3.30 1.74
C VAL B 70 -3.63 3.41 2.55
N LEU B 71 -4.00 4.65 2.90
CA LEU B 71 -5.22 4.88 3.68
C LEU B 71 -6.46 4.71 2.81
N ARG B 72 -7.60 4.46 3.46
CA ARG B 72 -8.87 4.28 2.76
C ARG B 72 -9.38 5.62 2.23
N LEU B 73 -9.03 6.70 2.94
CA LEU B 73 -9.45 8.05 2.56
C LEU B 73 -10.96 8.20 2.64
N ARG B 74 -11.42 9.44 2.65
CA ARG B 74 -12.86 9.73 2.73
C ARG B 74 -13.31 10.54 1.51
N GLY B 75 -14.40 10.11 0.89
CA GLY B 75 -14.92 10.80 -0.26
C GLY B 75 -16.42 10.65 -0.41
N GLY B 76 -17.08 10.30 0.68
CA GLY B 76 -18.52 10.14 0.66
C GLY B 76 -19.25 11.45 0.57
N THR A 1 11.56 19.83 -7.94
CA THR A 1 10.81 18.69 -8.55
C THR A 1 9.32 18.88 -8.38
N THR A 2 8.56 18.50 -9.41
CA THR A 2 7.10 18.62 -9.37
C THR A 2 6.45 17.39 -8.73
N PRO A 3 5.35 17.60 -7.98
CA PRO A 3 4.63 16.50 -7.32
C PRO A 3 3.89 15.62 -8.31
N LYS A 4 3.48 16.21 -9.42
CA LYS A 4 2.76 15.48 -10.45
C LYS A 4 3.62 14.36 -11.02
N SER A 5 4.93 14.54 -10.99
CA SER A 5 5.86 13.54 -11.50
C SER A 5 6.14 12.49 -10.44
N LEU A 6 6.41 12.94 -9.22
CA LEU A 6 6.70 12.04 -8.11
C LEU A 6 5.58 11.04 -7.90
N ALA A 7 4.34 11.48 -8.17
CA ALA A 7 3.18 10.63 -8.02
C ALA A 7 3.21 9.49 -9.03
N VAL A 8 3.40 9.84 -10.30
CA VAL A 8 3.45 8.85 -11.37
C VAL A 8 4.63 7.91 -11.20
N GLU A 9 5.72 8.42 -10.64
CA GLU A 9 6.93 7.62 -10.43
C GLU A 9 6.73 6.62 -9.29
N GLU A 10 6.28 7.12 -8.15
CA GLU A 10 6.04 6.28 -6.97
C GLU A 10 5.03 5.17 -7.29
N LEU A 11 4.00 5.52 -8.05
CA LEU A 11 2.97 4.56 -8.42
C LEU A 11 3.52 3.50 -9.37
N SER A 12 4.45 3.90 -10.23
CA SER A 12 5.05 2.97 -11.19
C SER A 12 5.81 1.86 -10.48
N GLY A 13 6.24 2.13 -9.25
CA GLY A 13 6.98 1.14 -8.49
C GLY A 13 6.10 0.40 -7.50
N MET A 14 4.88 0.08 -7.92
CA MET A 14 3.93 -0.62 -7.05
C MET A 14 3.35 -1.84 -7.76
N GLY A 15 2.99 -1.68 -9.03
CA GLY A 15 2.42 -2.77 -9.80
C GLY A 15 1.77 -2.32 -11.08
N PHE A 16 1.90 -1.03 -11.39
CA PHE A 16 1.32 -0.47 -12.61
C PHE A 16 2.32 0.43 -13.33
N THR A 17 2.01 0.76 -14.58
CA THR A 17 2.88 1.61 -15.38
C THR A 17 2.69 3.08 -15.04
N GLU A 18 3.44 3.95 -15.71
CA GLU A 18 3.35 5.38 -15.48
C GLU A 18 2.05 5.95 -16.04
N GLU A 19 1.61 5.41 -17.18
CA GLU A 19 0.38 5.87 -17.81
C GLU A 19 -0.82 5.63 -16.90
N GLU A 20 -1.06 4.37 -16.56
CA GLU A 20 -2.18 4.00 -15.70
C GLU A 20 -2.17 4.85 -14.43
N ALA A 21 -0.97 5.19 -13.97
CA ALA A 21 -0.82 6.02 -12.77
C ALA A 21 -1.27 7.44 -13.04
N HIS A 22 -0.92 7.96 -14.21
CA HIS A 22 -1.28 9.31 -14.59
C HIS A 22 -2.79 9.48 -14.64
N ASN A 23 -3.47 8.58 -15.35
CA ASN A 23 -4.92 8.62 -15.48
C ASN A 23 -5.58 8.48 -14.10
N ALA A 24 -5.09 7.53 -13.32
CA ALA A 24 -5.63 7.28 -11.99
C ALA A 24 -5.57 8.53 -11.13
N LEU A 25 -4.37 9.12 -11.01
CA LEU A 25 -4.19 10.32 -10.20
C LEU A 25 -5.10 11.43 -10.66
N GLU A 26 -4.97 11.81 -11.92
CA GLU A 26 -5.76 12.90 -12.49
C GLU A 26 -7.22 12.77 -12.08
N LYS A 27 -7.87 11.70 -12.54
CA LYS A 27 -9.28 11.45 -12.24
C LYS A 27 -9.57 11.56 -10.74
N CYS A 28 -8.81 10.80 -9.94
CA CYS A 28 -8.99 10.83 -8.49
C CYS A 28 -8.79 12.23 -7.94
N ASN A 29 -8.30 13.12 -8.82
CA ASN A 29 -8.04 14.53 -8.51
C ASN A 29 -6.59 14.68 -8.07
N TRP A 30 -5.70 14.18 -8.91
CA TRP A 30 -4.27 14.22 -8.64
C TRP A 30 -3.96 13.94 -7.17
N ASP A 31 -3.94 12.65 -6.81
CA ASP A 31 -3.67 12.24 -5.43
C ASP A 31 -3.13 10.80 -5.41
N LEU A 32 -2.07 10.58 -4.63
CA LEU A 32 -1.44 9.26 -4.55
C LEU A 32 -2.38 8.20 -3.98
N GLU A 33 -2.62 8.22 -2.68
CA GLU A 33 -3.48 7.22 -2.04
C GLU A 33 -4.77 7.02 -2.83
N ALA A 34 -5.30 8.09 -3.40
CA ALA A 34 -6.52 8.01 -4.18
C ALA A 34 -6.28 7.21 -5.46
N ALA A 35 -5.15 7.48 -6.10
CA ALA A 35 -4.78 6.78 -7.34
C ALA A 35 -4.56 5.31 -7.07
N THR A 36 -3.69 5.01 -6.09
CA THR A 36 -3.41 3.63 -5.73
C THR A 36 -4.71 2.90 -5.41
N ASN A 37 -5.52 3.51 -4.56
CA ASN A 37 -6.81 2.95 -4.18
C ASN A 37 -7.66 2.73 -5.41
N PHE A 38 -7.47 3.58 -6.42
CA PHE A 38 -8.22 3.48 -7.66
C PHE A 38 -7.83 2.20 -8.40
N LEU A 39 -6.53 2.01 -8.63
CA LEU A 39 -6.04 0.83 -9.33
C LEU A 39 -6.59 -0.44 -8.70
N LEU A 40 -6.94 -0.35 -7.42
CA LEU A 40 -7.49 -1.48 -6.69
C LEU A 40 -8.95 -1.71 -7.09
N ASP A 41 -9.76 -0.66 -7.01
CA ASP A 41 -11.16 -0.74 -7.36
C ASP A 41 -11.41 -0.33 -8.82
N SER A 42 -11.22 0.95 -9.10
CA SER A 42 -11.42 1.51 -10.44
C SER A 42 -12.56 0.82 -11.18
N ALA A 43 -13.80 1.25 -10.90
CA ALA A 43 -14.97 0.68 -11.54
C ALA A 43 -15.92 1.76 -12.03
N MET B 1 11.12 -13.44 9.78
CA MET B 1 10.30 -12.84 8.69
C MET B 1 10.20 -11.33 8.84
N GLN B 2 10.74 -10.60 7.87
CA GLN B 2 10.71 -9.15 7.90
C GLN B 2 10.10 -8.58 6.62
N ILE B 3 9.38 -7.48 6.77
CA ILE B 3 8.74 -6.81 5.64
C ILE B 3 9.05 -5.32 5.63
N PHE B 4 8.81 -4.67 4.50
CA PHE B 4 9.07 -3.24 4.38
C PHE B 4 7.81 -2.49 3.96
N VAL B 5 7.16 -1.84 4.94
CA VAL B 5 5.96 -1.08 4.68
C VAL B 5 6.30 0.35 4.28
N LYS B 6 5.77 0.79 3.14
CA LYS B 6 6.04 2.14 2.65
C LYS B 6 4.75 2.92 2.41
N THR B 7 4.72 4.17 2.86
CA THR B 7 3.55 5.03 2.69
C THR B 7 3.72 5.91 1.45
N LEU B 8 2.59 6.42 0.93
CA LEU B 8 2.62 7.27 -0.25
C LEU B 8 3.32 8.59 0.04
N THR B 9 3.39 8.95 1.32
CA THR B 9 4.05 10.19 1.73
C THR B 9 5.57 10.08 1.58
N GLY B 10 6.04 8.91 1.20
CA GLY B 10 7.47 8.69 1.03
C GLY B 10 8.15 8.34 2.33
N LYS B 11 7.71 7.26 2.96
CA LYS B 11 8.29 6.82 4.22
C LYS B 11 8.45 5.30 4.26
N THR B 12 9.67 4.84 4.50
CA THR B 12 9.95 3.40 4.58
C THR B 12 9.93 2.92 6.02
N ILE B 13 9.38 1.72 6.23
CA ILE B 13 9.30 1.16 7.57
C ILE B 13 9.67 -0.33 7.56
N THR B 14 10.40 -0.74 8.59
CA THR B 14 10.82 -2.14 8.71
C THR B 14 10.09 -2.82 9.87
N LEU B 15 9.51 -3.98 9.60
CA LEU B 15 8.77 -4.72 10.62
C LEU B 15 9.19 -6.18 10.66
N GLU B 16 9.16 -6.77 11.86
CA GLU B 16 9.52 -8.17 12.04
C GLU B 16 8.28 -8.99 12.36
N VAL B 17 7.72 -9.62 11.33
CA VAL B 17 6.51 -10.43 11.50
C VAL B 17 6.82 -11.92 11.36
N GLU B 18 5.79 -12.72 11.14
CA GLU B 18 5.95 -14.16 10.97
C GLU B 18 5.36 -14.63 9.65
N SER B 19 5.88 -15.74 9.14
CA SER B 19 5.42 -16.29 7.88
C SER B 19 4.00 -16.84 8.00
N SER B 20 3.59 -17.14 9.23
CA SER B 20 2.26 -17.66 9.49
C SER B 20 1.35 -16.60 10.08
N ASP B 21 1.88 -15.38 10.21
CA ASP B 21 1.12 -14.26 10.77
C ASP B 21 -0.01 -13.86 9.83
N THR B 22 -1.06 -13.27 10.39
CA THR B 22 -2.21 -12.84 9.60
C THR B 22 -1.98 -11.46 8.99
N ILE B 23 -2.94 -10.99 8.21
CA ILE B 23 -2.86 -9.69 7.58
C ILE B 23 -3.22 -8.57 8.54
N ASP B 24 -4.40 -8.68 9.16
CA ASP B 24 -4.88 -7.67 10.10
C ASP B 24 -3.86 -7.46 11.23
N ASN B 25 -3.23 -8.54 11.67
CA ASN B 25 -2.23 -8.45 12.74
C ASN B 25 -1.13 -7.48 12.35
N VAL B 26 -0.72 -7.54 11.09
CA VAL B 26 0.32 -6.65 10.58
C VAL B 26 -0.14 -5.20 10.66
N LYS B 27 -1.42 -4.98 10.42
CA LYS B 27 -1.99 -3.64 10.47
C LYS B 27 -1.80 -3.03 11.86
N SER B 28 -2.04 -3.86 12.88
CA SER B 28 -1.88 -3.42 14.27
C SER B 28 -0.42 -3.08 14.56
N LYS B 29 0.48 -3.96 14.13
CA LYS B 29 1.91 -3.75 14.34
C LYS B 29 2.34 -2.40 13.76
N ILE B 30 1.79 -2.05 12.60
CA ILE B 30 2.11 -0.79 11.95
C ILE B 30 1.52 0.38 12.72
N GLN B 31 0.32 0.19 13.26
CA GLN B 31 -0.33 1.23 14.04
C GLN B 31 0.53 1.67 15.21
N ASP B 32 1.01 0.71 15.99
CA ASP B 32 1.86 0.99 17.14
C ASP B 32 3.22 1.53 16.71
N LYS B 33 3.61 1.20 15.48
CA LYS B 33 4.88 1.64 14.94
C LYS B 33 4.88 3.14 14.68
N GLU B 34 4.04 3.57 13.76
CA GLU B 34 3.94 4.99 13.42
C GLU B 34 2.70 5.61 14.06
N GLY B 35 1.53 5.17 13.62
CA GLY B 35 0.29 5.70 14.16
C GLY B 35 -0.85 5.66 13.16
N ILE B 36 -0.56 5.15 11.96
CA ILE B 36 -1.56 5.06 10.91
C ILE B 36 -2.75 4.21 11.38
N PRO B 37 -4.00 4.71 11.20
CA PRO B 37 -5.21 3.98 11.64
C PRO B 37 -5.33 2.61 10.96
N PRO B 38 -5.75 1.58 11.73
CA PRO B 38 -5.91 0.22 11.20
C PRO B 38 -7.19 0.05 10.38
N ASP B 39 -8.23 0.79 10.76
CA ASP B 39 -9.51 0.73 10.08
C ASP B 39 -9.48 1.48 8.75
N GLN B 40 -8.29 1.93 8.35
CA GLN B 40 -8.13 2.67 7.10
C GLN B 40 -6.94 2.15 6.30
N GLN B 41 -5.81 1.97 6.97
CA GLN B 41 -4.60 1.50 6.31
C GLN B 41 -4.84 0.14 5.65
N ARG B 42 -4.19 -0.09 4.52
CA ARG B 42 -4.32 -1.34 3.79
C ARG B 42 -2.98 -1.75 3.18
N LEU B 43 -2.71 -3.05 3.18
CA LEU B 43 -1.46 -3.57 2.63
C LEU B 43 -1.65 -4.08 1.20
N ILE B 44 -0.78 -3.63 0.31
CA ILE B 44 -0.85 -4.05 -1.09
C ILE B 44 0.46 -4.72 -1.52
N PHE B 45 0.34 -5.81 -2.26
CA PHE B 45 1.51 -6.55 -2.74
C PHE B 45 1.28 -7.03 -4.17
N ALA B 46 2.27 -6.75 -5.04
CA ALA B 46 2.18 -7.16 -6.44
C ALA B 46 0.97 -6.54 -7.13
N GLY B 47 0.39 -5.53 -6.48
CA GLY B 47 -0.77 -4.86 -7.05
C GLY B 47 -2.07 -5.34 -6.45
N LYS B 48 -2.05 -6.53 -5.87
CA LYS B 48 -3.24 -7.11 -5.25
C LYS B 48 -3.34 -6.72 -3.77
N GLN B 49 -4.52 -6.26 -3.37
CA GLN B 49 -4.76 -5.84 -1.99
C GLN B 49 -4.96 -7.06 -1.09
N LEU B 50 -4.27 -7.08 0.04
CA LEU B 50 -4.38 -8.18 0.99
C LEU B 50 -5.63 -8.05 1.84
N GLU B 51 -6.40 -9.13 1.94
CA GLU B 51 -7.64 -9.13 2.71
C GLU B 51 -7.36 -9.52 4.16
N ASP B 52 -8.09 -8.90 5.09
CA ASP B 52 -7.93 -9.20 6.51
C ASP B 52 -8.47 -10.59 6.84
N GLY B 53 -7.84 -11.23 7.83
CA GLY B 53 -8.27 -12.56 8.23
C GLY B 53 -7.40 -13.65 7.64
N ARG B 54 -6.83 -13.38 6.47
CA ARG B 54 -5.96 -14.35 5.80
C ARG B 54 -4.51 -14.21 6.27
N THR B 55 -3.64 -15.04 5.72
CA THR B 55 -2.23 -15.00 6.08
C THR B 55 -1.37 -14.51 4.92
N LEU B 56 -0.05 -14.53 5.10
CA LEU B 56 0.87 -14.08 4.07
C LEU B 56 1.12 -15.18 3.03
N SER B 57 0.72 -16.41 3.37
CA SER B 57 0.90 -17.54 2.47
C SER B 57 -0.21 -17.60 1.42
N ASP B 58 -1.38 -17.09 1.77
CA ASP B 58 -2.53 -17.10 0.86
C ASP B 58 -2.33 -16.12 -0.29
N TYR B 59 -1.24 -15.36 -0.25
CA TYR B 59 -0.95 -14.38 -1.29
C TYR B 59 0.49 -14.52 -1.78
N ASN B 60 1.20 -15.51 -1.23
CA ASN B 60 2.59 -15.75 -1.59
C ASN B 60 3.45 -14.50 -1.39
N ILE B 61 4.01 -14.37 -0.19
CA ILE B 61 4.85 -13.22 0.13
C ILE B 61 6.24 -13.67 0.60
N GLN B 62 7.25 -13.32 -0.19
CA GLN B 62 8.63 -13.68 0.13
C GLN B 62 9.17 -12.85 1.29
N LYS B 63 10.42 -13.13 1.66
CA LYS B 63 11.07 -12.42 2.76
C LYS B 63 11.54 -11.04 2.31
N GLU B 64 11.61 -10.09 3.25
CA GLU B 64 12.05 -8.74 2.94
C GLU B 64 11.18 -8.14 1.82
N SER B 65 9.97 -8.66 1.69
CA SER B 65 9.03 -8.19 0.68
C SER B 65 8.72 -6.70 0.86
N THR B 66 8.22 -6.08 -0.20
CA THR B 66 7.89 -4.66 -0.17
C THR B 66 6.37 -4.47 -0.16
N LEU B 67 5.83 -4.12 1.00
CA LEU B 67 4.39 -3.90 1.15
C LEU B 67 4.06 -2.41 1.08
N HIS B 68 2.90 -2.09 0.54
CA HIS B 68 2.46 -0.71 0.41
C HIS B 68 1.33 -0.40 1.39
N LEU B 69 1.41 0.77 2.02
CA LEU B 69 0.40 1.20 2.98
C LEU B 69 -0.45 2.33 2.39
N VAL B 70 -1.73 2.05 2.18
CA VAL B 70 -2.64 3.03 1.61
C VAL B 70 -3.83 3.29 2.53
N LEU B 71 -4.33 4.52 2.50
CA LEU B 71 -5.47 4.90 3.33
C LEU B 71 -6.78 4.47 2.66
N ARG B 72 -7.70 3.92 3.44
CA ARG B 72 -8.98 3.47 2.90
C ARG B 72 -9.83 4.65 2.45
N LEU B 73 -9.77 5.75 3.21
CA LEU B 73 -10.55 6.94 2.89
C LEU B 73 -12.04 6.65 2.90
N ARG B 74 -12.84 7.66 2.56
CA ARG B 74 -14.30 7.52 2.53
C ARG B 74 -14.84 7.10 3.89
N GLY B 75 -15.30 8.08 4.67
CA GLY B 75 -15.85 7.80 5.98
C GLY B 75 -14.85 8.07 7.08
N GLY B 76 -13.93 8.99 6.84
CA GLY B 76 -12.93 9.33 7.84
C GLY B 76 -13.12 10.73 8.41
N THR A 1 9.56 15.56 -11.25
CA THR A 1 9.78 16.79 -10.44
C THR A 1 8.48 17.56 -10.24
N THR A 2 7.58 17.42 -11.21
CA THR A 2 6.29 18.10 -11.15
C THR A 2 5.33 17.32 -10.25
N PRO A 3 4.24 17.97 -9.77
CA PRO A 3 3.26 17.29 -8.91
C PRO A 3 2.47 16.22 -9.65
N LYS A 4 2.34 16.40 -10.96
CA LYS A 4 1.60 15.44 -11.79
C LYS A 4 2.53 14.34 -12.31
N SER A 5 3.81 14.67 -12.46
CA SER A 5 4.79 13.71 -12.95
C SER A 5 5.32 12.84 -11.80
N LEU A 6 5.58 13.47 -10.67
CA LEU A 6 6.09 12.77 -9.49
C LEU A 6 5.09 11.74 -9.00
N ALA A 7 3.81 12.00 -9.26
CA ALA A 7 2.76 11.09 -8.83
C ALA A 7 2.81 9.79 -9.64
N VAL A 8 2.86 9.93 -10.96
CA VAL A 8 2.91 8.79 -11.85
C VAL A 8 4.18 7.97 -11.63
N GLU A 9 5.27 8.67 -11.33
CA GLU A 9 6.55 8.01 -11.09
C GLU A 9 6.51 7.18 -9.81
N GLU A 10 5.97 7.78 -8.74
CA GLU A 10 5.86 7.10 -7.46
C GLU A 10 4.90 5.91 -7.55
N LEU A 11 3.91 6.03 -8.42
CA LEU A 11 2.93 4.97 -8.60
C LEU A 11 3.48 3.86 -9.50
N SER A 12 4.44 4.22 -10.34
CA SER A 12 5.05 3.27 -11.26
C SER A 12 5.89 2.23 -10.50
N GLY A 13 6.36 2.62 -9.32
CA GLY A 13 7.16 1.73 -8.51
C GLY A 13 6.31 0.83 -7.62
N MET A 14 5.00 1.05 -7.66
CA MET A 14 4.06 0.28 -6.86
C MET A 14 3.87 -1.12 -7.46
N GLY A 15 3.25 -1.17 -8.64
CA GLY A 15 3.02 -2.44 -9.29
C GLY A 15 2.30 -2.30 -10.62
N PHE A 16 2.27 -1.08 -11.15
CA PHE A 16 1.61 -0.82 -12.42
C PHE A 16 2.42 0.13 -13.29
N THR A 17 2.03 0.26 -14.56
CA THR A 17 2.73 1.13 -15.49
C THR A 17 2.41 2.60 -15.24
N GLU A 18 3.09 3.48 -15.97
CA GLU A 18 2.89 4.91 -15.82
C GLU A 18 1.56 5.33 -16.44
N GLU A 19 1.08 4.55 -17.40
CA GLU A 19 -0.18 4.84 -18.08
C GLU A 19 -1.36 4.67 -17.12
N GLU A 20 -1.44 3.49 -16.51
CA GLU A 20 -2.53 3.19 -15.58
C GLU A 20 -2.55 4.18 -14.43
N ALA A 21 -1.36 4.60 -13.99
CA ALA A 21 -1.24 5.56 -12.90
C ALA A 21 -1.65 6.96 -13.36
N HIS A 22 -1.31 7.29 -14.59
CA HIS A 22 -1.64 8.59 -15.15
C HIS A 22 -3.16 8.78 -15.20
N ASN A 23 -3.85 7.78 -15.75
CA ASN A 23 -5.30 7.84 -15.86
C ASN A 23 -5.96 7.82 -14.48
N ALA A 24 -5.43 6.98 -13.59
CA ALA A 24 -5.95 6.85 -12.24
C ALA A 24 -5.92 8.20 -11.51
N LEU A 25 -4.77 8.87 -11.55
CA LEU A 25 -4.62 10.16 -10.89
C LEU A 25 -5.54 11.20 -11.50
N GLU A 26 -5.37 11.43 -12.80
CA GLU A 26 -6.18 12.42 -13.50
C GLU A 26 -7.64 12.29 -13.13
N LYS A 27 -8.23 11.15 -13.49
CA LYS A 27 -9.64 10.87 -13.22
C LYS A 27 -9.99 11.12 -11.75
N CYS A 28 -9.24 10.51 -10.84
CA CYS A 28 -9.50 10.68 -9.41
C CYS A 28 -9.34 12.15 -9.01
N ASN A 29 -8.84 12.94 -9.96
CA ASN A 29 -8.62 14.38 -9.77
C ASN A 29 -7.19 14.63 -9.35
N TRP A 30 -6.28 14.08 -10.14
CA TRP A 30 -4.85 14.19 -9.88
C TRP A 30 -4.53 14.11 -8.38
N ASP A 31 -4.68 12.92 -7.82
CA ASP A 31 -4.40 12.69 -6.40
C ASP A 31 -3.68 11.36 -6.23
N LEU A 32 -2.51 11.41 -5.58
CA LEU A 32 -1.70 10.21 -5.37
C LEU A 32 -2.47 9.08 -4.71
N GLU A 33 -2.71 9.18 -3.41
CA GLU A 33 -3.43 8.15 -2.66
C GLU A 33 -4.71 7.72 -3.37
N ALA A 34 -5.43 8.68 -3.93
CA ALA A 34 -6.68 8.38 -4.65
C ALA A 34 -6.43 7.43 -5.81
N ALA A 35 -5.41 7.74 -6.62
CA ALA A 35 -5.06 6.91 -7.76
C ALA A 35 -4.62 5.53 -7.31
N THR A 36 -3.90 5.49 -6.19
CA THR A 36 -3.42 4.22 -5.65
C THR A 36 -4.60 3.30 -5.37
N ASN A 37 -5.56 3.79 -4.59
CA ASN A 37 -6.74 3.01 -4.28
C ASN A 37 -7.53 2.73 -5.54
N PHE A 38 -7.37 3.60 -6.55
CA PHE A 38 -8.05 3.43 -7.82
C PHE A 38 -7.57 2.15 -8.50
N LEU A 39 -6.27 1.88 -8.38
CA LEU A 39 -5.70 0.67 -8.97
C LEU A 39 -6.08 -0.56 -8.14
N LEU A 40 -6.36 -0.35 -6.86
CA LEU A 40 -6.73 -1.44 -5.96
C LEU A 40 -8.17 -1.87 -6.19
N ASP A 41 -9.11 -0.95 -6.01
CA ASP A 41 -10.53 -1.24 -6.19
C ASP A 41 -10.99 -0.91 -7.60
N SER A 42 -10.94 0.37 -7.95
CA SER A 42 -11.37 0.82 -9.27
C SER A 42 -10.61 0.09 -10.38
N ALA A 43 -11.06 0.26 -11.62
CA ALA A 43 -10.42 -0.38 -12.77
C ALA A 43 -9.78 0.64 -13.69
N MET B 1 10.25 -14.19 9.47
CA MET B 1 10.52 -13.29 8.32
C MET B 1 9.98 -11.89 8.59
N GLN B 2 10.70 -10.89 8.08
CA GLN B 2 10.31 -9.50 8.27
C GLN B 2 9.81 -8.88 6.96
N ILE B 3 9.14 -7.74 7.07
CA ILE B 3 8.62 -7.04 5.92
C ILE B 3 8.81 -5.54 6.06
N PHE B 4 8.84 -4.84 4.92
CA PHE B 4 9.02 -3.38 4.92
C PHE B 4 7.78 -2.68 4.40
N VAL B 5 7.11 -1.95 5.28
CA VAL B 5 5.90 -1.22 4.90
C VAL B 5 6.26 0.14 4.34
N LYS B 6 6.07 0.32 3.03
CA LYS B 6 6.38 1.58 2.38
C LYS B 6 5.15 2.48 2.28
N THR B 7 5.02 3.40 3.23
CA THR B 7 3.90 4.33 3.24
C THR B 7 3.97 5.24 2.01
N LEU B 8 2.80 5.62 1.50
CA LEU B 8 2.74 6.49 0.32
C LEU B 8 3.16 7.91 0.66
N THR B 9 3.61 8.11 1.90
CA THR B 9 4.07 9.42 2.35
C THR B 9 5.59 9.53 2.28
N GLY B 10 6.25 8.39 2.34
CA GLY B 10 7.71 8.37 2.28
C GLY B 10 8.35 7.88 3.56
N LYS B 11 7.77 6.83 4.15
CA LYS B 11 8.29 6.27 5.38
C LYS B 11 8.27 4.74 5.35
N THR B 12 9.42 4.13 5.62
CA THR B 12 9.53 2.68 5.63
C THR B 12 9.40 2.13 7.04
N ILE B 13 8.66 1.03 7.20
CA ILE B 13 8.45 0.43 8.50
C ILE B 13 8.97 -1.00 8.55
N THR B 14 9.99 -1.23 9.36
CA THR B 14 10.57 -2.56 9.51
C THR B 14 9.82 -3.34 10.59
N LEU B 15 9.13 -4.40 10.19
CA LEU B 15 8.37 -5.21 11.14
C LEU B 15 8.74 -6.69 11.02
N GLU B 16 8.74 -7.37 12.17
CA GLU B 16 9.05 -8.79 12.21
C GLU B 16 7.79 -9.62 12.47
N VAL B 17 7.46 -10.50 11.55
CA VAL B 17 6.27 -11.33 11.68
C VAL B 17 6.55 -12.79 11.32
N GLU B 18 5.52 -13.62 11.43
CA GLU B 18 5.65 -15.05 11.11
C GLU B 18 5.11 -15.34 9.71
N SER B 19 5.27 -16.58 9.27
CA SER B 19 4.80 -16.98 7.95
C SER B 19 3.28 -17.16 7.94
N SER B 20 2.71 -17.48 9.10
CA SER B 20 1.27 -17.68 9.22
C SER B 20 0.60 -16.45 9.84
N ASP B 21 1.31 -15.33 9.83
CA ASP B 21 0.78 -14.08 10.38
C ASP B 21 -0.37 -13.55 9.53
N THR B 22 -1.41 -13.05 10.19
CA THR B 22 -2.57 -12.52 9.50
C THR B 22 -2.38 -11.05 9.15
N ILE B 23 -2.91 -10.64 8.00
CA ILE B 23 -2.80 -9.25 7.55
C ILE B 23 -3.37 -8.29 8.58
N ASP B 24 -4.45 -8.70 9.25
CA ASP B 24 -5.09 -7.87 10.26
C ASP B 24 -4.14 -7.60 11.43
N ASN B 25 -3.31 -8.60 11.75
CA ASN B 25 -2.36 -8.47 12.84
C ASN B 25 -1.22 -7.52 12.46
N VAL B 26 -0.89 -7.50 11.17
CA VAL B 26 0.17 -6.65 10.68
C VAL B 26 -0.11 -5.17 10.98
N LYS B 27 -1.30 -4.72 10.58
CA LYS B 27 -1.71 -3.34 10.81
C LYS B 27 -1.64 -3.00 12.31
N SER B 28 -2.07 -3.94 13.14
CA SER B 28 -2.05 -3.75 14.59
C SER B 28 -0.64 -3.46 15.08
N LYS B 29 0.31 -4.25 14.61
CA LYS B 29 1.71 -4.10 15.00
C LYS B 29 2.23 -2.72 14.59
N ILE B 30 1.91 -2.31 13.38
CA ILE B 30 2.34 -1.01 12.87
C ILE B 30 1.79 0.11 13.75
N GLN B 31 0.56 -0.08 14.23
CA GLN B 31 -0.08 0.92 15.09
C GLN B 31 0.57 0.95 16.47
N ASP B 32 1.04 -0.21 16.92
CA ASP B 32 1.68 -0.32 18.23
C ASP B 32 3.14 0.08 18.14
N LYS B 33 3.61 0.36 16.92
CA LYS B 33 4.99 0.76 16.70
C LYS B 33 5.09 2.26 16.46
N GLU B 34 4.55 2.71 15.32
CA GLU B 34 4.58 4.12 14.97
C GLU B 34 3.33 4.84 15.47
N GLY B 35 2.21 4.61 14.78
CA GLY B 35 0.96 5.25 15.19
C GLY B 35 0.01 5.49 14.02
N ILE B 36 0.13 4.67 12.97
CA ILE B 36 -0.75 4.81 11.81
C ILE B 36 -2.09 4.12 12.07
N PRO B 37 -3.22 4.82 11.86
CA PRO B 37 -4.56 4.26 12.09
C PRO B 37 -4.80 2.98 11.28
N PRO B 38 -5.03 1.84 11.97
CA PRO B 38 -5.27 0.55 11.29
C PRO B 38 -6.56 0.55 10.49
N ASP B 39 -7.52 1.35 10.93
CA ASP B 39 -8.81 1.43 10.25
C ASP B 39 -8.69 2.10 8.89
N GLN B 40 -7.56 2.76 8.66
CA GLN B 40 -7.32 3.46 7.40
C GLN B 40 -6.23 2.77 6.58
N GLN B 41 -5.03 2.68 7.17
CA GLN B 41 -3.89 2.06 6.50
C GLN B 41 -4.22 0.68 5.93
N ARG B 42 -3.66 0.38 4.77
CA ARG B 42 -3.87 -0.91 4.11
C ARG B 42 -2.59 -1.38 3.44
N LEU B 43 -2.26 -2.66 3.60
CA LEU B 43 -1.05 -3.22 3.01
C LEU B 43 -1.25 -3.52 1.52
N ILE B 44 -0.19 -3.32 0.74
CA ILE B 44 -0.26 -3.56 -0.70
C ILE B 44 0.99 -4.27 -1.20
N PHE B 45 0.80 -5.39 -1.89
CA PHE B 45 1.92 -6.17 -2.43
C PHE B 45 1.64 -6.60 -3.87
N ALA B 46 2.65 -6.49 -4.72
CA ALA B 46 2.53 -6.87 -6.12
C ALA B 46 1.44 -6.07 -6.81
N GLY B 47 1.08 -4.94 -6.23
CA GLY B 47 0.05 -4.09 -6.81
C GLY B 47 -1.34 -4.47 -6.34
N LYS B 48 -1.46 -5.69 -5.81
CA LYS B 48 -2.73 -6.19 -5.30
C LYS B 48 -2.90 -5.89 -3.81
N GLN B 49 -4.09 -5.49 -3.41
CA GLN B 49 -4.37 -5.17 -2.02
C GLN B 49 -4.35 -6.42 -1.15
N LEU B 50 -3.93 -6.26 0.11
CA LEU B 50 -3.86 -7.36 1.05
C LEU B 50 -5.04 -7.35 2.00
N GLU B 51 -6.03 -8.21 1.73
CA GLU B 51 -7.22 -8.29 2.57
C GLU B 51 -6.90 -8.92 3.92
N ASP B 52 -7.68 -8.55 4.94
CA ASP B 52 -7.48 -9.07 6.28
C ASP B 52 -8.02 -10.49 6.40
N GLY B 53 -7.64 -11.17 7.48
CA GLY B 53 -8.10 -12.53 7.69
C GLY B 53 -7.15 -13.56 7.12
N ARG B 54 -6.80 -13.41 5.85
CA ARG B 54 -5.91 -14.34 5.18
C ARG B 54 -4.45 -14.10 5.61
N THR B 55 -3.57 -15.01 5.22
CA THR B 55 -2.16 -14.91 5.57
C THR B 55 -1.33 -14.42 4.38
N LEU B 56 -0.03 -14.32 4.57
CA LEU B 56 0.88 -13.86 3.52
C LEU B 56 1.02 -14.92 2.43
N SER B 57 0.53 -16.13 2.71
CA SER B 57 0.62 -17.23 1.76
C SER B 57 -0.49 -17.14 0.71
N ASP B 58 -1.64 -16.58 1.11
CA ASP B 58 -2.78 -16.45 0.21
C ASP B 58 -2.50 -15.42 -0.88
N TYR B 59 -1.36 -14.74 -0.77
CA TYR B 59 -0.98 -13.74 -1.76
C TYR B 59 0.46 -13.94 -2.22
N ASN B 60 1.12 -14.94 -1.66
CA ASN B 60 2.50 -15.25 -2.01
C ASN B 60 3.40 -14.04 -1.77
N ILE B 61 4.01 -13.99 -0.58
CA ILE B 61 4.91 -12.89 -0.24
C ILE B 61 6.27 -13.42 0.20
N GLN B 62 7.32 -12.92 -0.44
CA GLN B 62 8.68 -13.34 -0.13
C GLN B 62 9.15 -12.76 1.20
N LYS B 63 10.42 -12.99 1.52
CA LYS B 63 11.01 -12.49 2.76
C LYS B 63 11.59 -11.09 2.55
N GLU B 64 11.45 -10.24 3.57
CA GLU B 64 11.96 -8.88 3.52
C GLU B 64 11.37 -8.12 2.33
N SER B 65 10.24 -8.60 1.82
CA SER B 65 9.59 -7.96 0.68
C SER B 65 9.22 -6.52 1.01
N THR B 66 9.20 -5.66 -0.01
CA THR B 66 8.87 -4.26 0.17
C THR B 66 7.43 -3.99 -0.23
N LEU B 67 6.53 -3.96 0.75
CA LEU B 67 5.12 -3.70 0.51
C LEU B 67 4.83 -2.20 0.58
N HIS B 68 3.56 -1.84 0.51
CA HIS B 68 3.15 -0.44 0.57
C HIS B 68 2.02 -0.24 1.56
N LEU B 69 1.78 1.02 1.93
CA LEU B 69 0.73 1.34 2.88
C LEU B 69 -0.08 2.54 2.41
N VAL B 70 -1.39 2.37 2.35
CA VAL B 70 -2.29 3.44 1.95
C VAL B 70 -3.53 3.47 2.83
N LEU B 71 -3.89 4.66 3.29
CA LEU B 71 -5.06 4.81 4.16
C LEU B 71 -6.35 4.72 3.36
N ARG B 72 -7.43 4.40 4.06
CA ARG B 72 -8.74 4.26 3.45
C ARG B 72 -9.12 5.54 2.70
N LEU B 73 -8.96 6.68 3.36
CA LEU B 73 -9.29 7.98 2.77
C LEU B 73 -10.78 8.06 2.44
N ARG B 74 -11.49 8.88 3.20
CA ARG B 74 -12.93 9.05 2.98
C ARG B 74 -13.38 10.44 3.42
N GLY B 75 -14.07 11.15 2.53
CA GLY B 75 -14.55 12.47 2.86
C GLY B 75 -15.71 12.90 1.98
N GLY B 76 -16.14 12.01 1.09
CA GLY B 76 -17.24 12.31 0.21
C GLY B 76 -16.78 12.77 -1.16
N THR A 1 11.51 19.07 -12.50
CA THR A 1 10.48 18.00 -12.42
C THR A 1 9.14 18.56 -11.96
N THR A 2 8.09 17.75 -12.11
CA THR A 2 6.76 18.17 -11.71
C THR A 2 6.06 17.08 -10.90
N PRO A 3 5.24 17.48 -9.90
CA PRO A 3 4.52 16.53 -9.03
C PRO A 3 3.63 15.58 -9.82
N LYS A 4 2.97 16.12 -10.86
CA LYS A 4 2.08 15.32 -11.69
C LYS A 4 2.84 14.16 -12.33
N SER A 5 4.12 14.36 -12.57
CA SER A 5 4.96 13.33 -13.19
C SER A 5 5.48 12.35 -12.14
N LEU A 6 5.91 12.88 -11.00
CA LEU A 6 6.44 12.06 -9.92
C LEU A 6 5.39 11.06 -9.43
N ALA A 7 4.13 11.48 -9.41
CA ALA A 7 3.04 10.61 -8.96
C ALA A 7 2.94 9.38 -9.86
N VAL A 8 2.87 9.62 -11.16
CA VAL A 8 2.78 8.52 -12.13
C VAL A 8 4.00 7.62 -12.04
N GLU A 9 5.16 8.22 -11.81
CA GLU A 9 6.40 7.46 -11.70
C GLU A 9 6.34 6.55 -10.47
N GLU A 10 5.69 7.03 -9.42
CA GLU A 10 5.55 6.26 -8.19
C GLU A 10 4.70 5.01 -8.45
N LEU A 11 3.49 5.24 -8.98
CA LEU A 11 2.59 4.16 -9.29
C LEU A 11 3.24 3.10 -10.17
N SER A 12 3.92 3.56 -11.22
CA SER A 12 4.60 2.66 -12.14
C SER A 12 5.57 1.73 -11.41
N GLY A 13 6.09 2.21 -10.28
CA GLY A 13 7.03 1.42 -9.51
C GLY A 13 6.37 0.68 -8.36
N MET A 14 5.13 0.24 -8.59
CA MET A 14 4.39 -0.49 -7.56
C MET A 14 3.84 -1.80 -8.11
N GLY A 15 2.90 -1.69 -9.06
CA GLY A 15 2.31 -2.88 -9.65
C GLY A 15 1.44 -2.56 -10.85
N PHE A 16 1.56 -1.34 -11.38
CA PHE A 16 0.77 -0.94 -12.53
C PHE A 16 1.60 -0.10 -13.50
N THR A 17 0.98 0.30 -14.62
CA THR A 17 1.67 1.10 -15.62
C THR A 17 1.46 2.59 -15.39
N GLU A 18 2.12 3.40 -16.22
CA GLU A 18 2.03 4.85 -16.12
C GLU A 18 0.67 5.36 -16.61
N GLU A 19 0.10 4.67 -17.59
CA GLU A 19 -1.20 5.06 -18.15
C GLU A 19 -2.29 4.97 -17.08
N GLU A 20 -2.52 3.75 -16.59
CA GLU A 20 -3.53 3.52 -15.56
C GLU A 20 -3.30 4.45 -14.38
N ALA A 21 -2.04 4.82 -14.16
CA ALA A 21 -1.67 5.71 -13.08
C ALA A 21 -2.13 7.13 -13.38
N HIS A 22 -1.98 7.53 -14.64
CA HIS A 22 -2.38 8.86 -15.08
C HIS A 22 -3.88 9.06 -14.90
N ASN A 23 -4.67 8.14 -15.44
CA ASN A 23 -6.12 8.22 -15.34
C ASN A 23 -6.57 8.16 -13.89
N ALA A 24 -5.94 7.27 -13.12
CA ALA A 24 -6.28 7.11 -11.71
C ALA A 24 -6.09 8.41 -10.94
N LEU A 25 -4.95 9.05 -11.12
CA LEU A 25 -4.66 10.30 -10.43
C LEU A 25 -5.67 11.37 -10.80
N GLU A 26 -5.75 11.68 -12.10
CA GLU A 26 -6.66 12.71 -12.58
C GLU A 26 -8.03 12.54 -11.94
N LYS A 27 -8.68 11.42 -12.23
CA LYS A 27 -10.02 11.12 -11.70
C LYS A 27 -10.08 11.31 -10.19
N CYS A 28 -9.20 10.63 -9.46
CA CYS A 28 -9.18 10.73 -8.00
C CYS A 28 -8.95 12.18 -7.59
N ASN A 29 -8.65 13.02 -8.58
CA ASN A 29 -8.41 14.45 -8.40
C ASN A 29 -6.94 14.68 -8.16
N TRP A 30 -6.14 14.19 -9.11
CA TRP A 30 -4.68 14.29 -9.04
C TRP A 30 -4.18 14.13 -7.61
N ASP A 31 -4.05 12.88 -7.17
CA ASP A 31 -3.57 12.57 -5.83
C ASP A 31 -2.90 11.20 -5.82
N LEU A 32 -1.67 11.15 -5.30
CA LEU A 32 -0.90 9.92 -5.26
C LEU A 32 -1.62 8.80 -4.51
N GLU A 33 -1.69 8.91 -3.19
CA GLU A 33 -2.34 7.89 -2.36
C GLU A 33 -3.72 7.52 -2.88
N ALA A 34 -4.46 8.53 -3.36
CA ALA A 34 -5.80 8.30 -3.90
C ALA A 34 -5.73 7.45 -5.17
N ALA A 35 -4.69 7.66 -5.97
CA ALA A 35 -4.52 6.91 -7.21
C ALA A 35 -4.13 5.47 -6.91
N THR A 36 -3.08 5.29 -6.10
CA THR A 36 -2.64 3.96 -5.73
C THR A 36 -3.82 3.18 -5.18
N ASN A 37 -4.66 3.87 -4.41
CA ASN A 37 -5.84 3.28 -3.83
C ASN A 37 -6.92 3.11 -4.89
N PHE A 38 -6.88 3.98 -5.90
CA PHE A 38 -7.85 3.93 -6.99
C PHE A 38 -7.74 2.59 -7.71
N LEU A 39 -6.52 2.09 -7.83
CA LEU A 39 -6.27 0.81 -8.47
C LEU A 39 -6.67 -0.35 -7.58
N LEU A 40 -6.75 -0.08 -6.27
CA LEU A 40 -7.12 -1.09 -5.30
C LEU A 40 -8.63 -1.31 -5.28
N ASP A 41 -9.37 -0.28 -4.89
CA ASP A 41 -10.82 -0.35 -4.82
C ASP A 41 -11.47 0.08 -6.14
N SER A 42 -11.25 1.34 -6.51
CA SER A 42 -11.82 1.87 -7.75
C SER A 42 -11.36 1.06 -8.96
N ALA A 43 -11.96 1.34 -10.12
CA ALA A 43 -11.62 0.64 -11.34
C ALA A 43 -11.71 1.56 -12.54
N MET B 1 11.57 -13.85 9.45
CA MET B 1 10.60 -13.29 8.47
C MET B 1 10.26 -11.85 8.82
N GLN B 2 10.87 -10.91 8.11
CA GLN B 2 10.64 -9.49 8.35
C GLN B 2 10.16 -8.79 7.08
N ILE B 3 9.25 -7.84 7.24
CA ILE B 3 8.72 -7.08 6.12
C ILE B 3 8.96 -5.59 6.33
N PHE B 4 9.00 -4.84 5.24
CA PHE B 4 9.21 -3.40 5.32
C PHE B 4 8.05 -2.61 4.73
N VAL B 5 7.44 -1.77 5.57
CA VAL B 5 6.31 -0.95 5.12
C VAL B 5 6.81 0.30 4.42
N LYS B 6 6.06 0.75 3.41
CA LYS B 6 6.44 1.93 2.65
C LYS B 6 5.31 2.96 2.59
N THR B 7 5.39 3.99 3.42
CA THR B 7 4.39 5.04 3.44
C THR B 7 4.69 6.09 2.38
N LEU B 8 3.65 6.70 1.82
CA LEU B 8 3.84 7.71 0.78
C LEU B 8 4.55 8.94 1.34
N THR B 9 4.60 9.05 2.65
CA THR B 9 5.27 10.17 3.30
C THR B 9 6.78 10.04 3.20
N GLY B 10 7.23 8.87 2.76
CA GLY B 10 8.65 8.63 2.61
C GLY B 10 9.26 7.98 3.84
N LYS B 11 8.58 6.96 4.36
CA LYS B 11 9.07 6.25 5.54
C LYS B 11 9.08 4.74 5.32
N THR B 12 10.08 4.09 5.90
CA THR B 12 10.22 2.64 5.79
C THR B 12 10.21 1.98 7.17
N ILE B 13 9.13 1.27 7.46
CA ILE B 13 8.99 0.60 8.76
C ILE B 13 9.51 -0.83 8.71
N THR B 14 10.03 -1.30 9.85
CA THR B 14 10.55 -2.66 9.94
C THR B 14 9.77 -3.46 10.97
N LEU B 15 9.03 -4.46 10.50
CA LEU B 15 8.23 -5.30 11.39
C LEU B 15 8.55 -6.78 11.18
N GLU B 16 8.63 -7.52 12.29
CA GLU B 16 8.92 -8.95 12.24
C GLU B 16 7.65 -9.77 12.45
N VAL B 17 7.28 -10.55 11.44
CA VAL B 17 6.08 -11.38 11.53
C VAL B 17 6.40 -12.85 11.32
N GLU B 18 5.38 -13.69 11.41
CA GLU B 18 5.55 -15.13 11.23
C GLU B 18 4.94 -15.59 9.90
N SER B 19 5.23 -16.82 9.51
CA SER B 19 4.70 -17.36 8.26
C SER B 19 3.22 -17.67 8.40
N SER B 20 2.71 -17.67 9.62
CA SER B 20 1.31 -17.95 9.88
C SER B 20 0.57 -16.68 10.30
N ASP B 21 1.29 -15.55 10.31
CA ASP B 21 0.69 -14.28 10.68
C ASP B 21 -0.40 -13.87 9.71
N THR B 22 -1.33 -13.04 10.18
CA THR B 22 -2.43 -12.59 9.35
C THR B 22 -2.30 -11.10 9.02
N ILE B 23 -2.80 -10.73 7.85
CA ILE B 23 -2.74 -9.34 7.40
C ILE B 23 -3.42 -8.41 8.40
N ASP B 24 -4.57 -8.83 8.90
CA ASP B 24 -5.33 -8.05 9.86
C ASP B 24 -4.48 -7.72 11.09
N ASN B 25 -3.57 -8.64 11.44
CA ASN B 25 -2.71 -8.45 12.59
C ASN B 25 -1.59 -7.46 12.28
N VAL B 26 -1.08 -7.52 11.05
CA VAL B 26 0.00 -6.63 10.62
C VAL B 26 -0.40 -5.17 10.81
N LYS B 27 -1.53 -4.78 10.23
CA LYS B 27 -2.02 -3.40 10.33
C LYS B 27 -2.08 -2.96 11.79
N SER B 28 -2.59 -3.85 12.64
CA SER B 28 -2.70 -3.55 14.06
C SER B 28 -1.35 -3.21 14.66
N LYS B 29 -0.34 -4.00 14.31
CA LYS B 29 1.02 -3.78 14.80
C LYS B 29 1.52 -2.42 14.35
N ILE B 30 1.17 -2.04 13.12
CA ILE B 30 1.59 -0.75 12.57
C ILE B 30 0.96 0.40 13.35
N GLN B 31 -0.28 0.19 13.79
CA GLN B 31 -0.99 1.22 14.55
C GLN B 31 -0.39 1.36 15.96
N ASP B 32 0.03 0.25 16.53
CA ASP B 32 0.62 0.25 17.86
C ASP B 32 2.09 0.66 17.81
N LYS B 33 2.62 0.73 16.59
CA LYS B 33 4.03 1.11 16.39
C LYS B 33 4.14 2.59 16.04
N GLU B 34 3.56 2.96 14.91
CA GLU B 34 3.61 4.35 14.45
C GLU B 34 2.36 5.11 14.88
N GLY B 35 1.24 4.83 14.23
CA GLY B 35 0.00 5.50 14.56
C GLY B 35 -1.02 5.45 13.44
N ILE B 36 -0.62 4.95 12.28
CA ILE B 36 -1.51 4.85 11.12
C ILE B 36 -2.70 3.96 11.45
N PRO B 37 -3.95 4.43 11.18
CA PRO B 37 -5.16 3.65 11.47
C PRO B 37 -5.42 2.55 10.44
N PRO B 38 -5.70 1.31 10.91
CA PRO B 38 -5.97 0.16 10.03
C PRO B 38 -7.23 0.35 9.19
N ASP B 39 -8.15 1.16 9.67
CA ASP B 39 -9.40 1.40 8.97
C ASP B 39 -9.17 2.19 7.67
N GLN B 40 -7.93 2.61 7.44
CA GLN B 40 -7.59 3.36 6.24
C GLN B 40 -6.37 2.78 5.53
N GLN B 41 -5.31 2.52 6.31
CA GLN B 41 -4.08 1.98 5.75
C GLN B 41 -4.30 0.59 5.14
N ARG B 42 -3.52 0.27 4.11
CA ARG B 42 -3.61 -1.02 3.45
C ARG B 42 -2.25 -1.47 2.96
N LEU B 43 -1.96 -2.77 3.09
CA LEU B 43 -0.69 -3.32 2.65
C LEU B 43 -0.79 -3.84 1.23
N ILE B 44 -0.01 -3.25 0.32
CA ILE B 44 -0.02 -3.66 -1.08
C ILE B 44 1.25 -4.44 -1.44
N PHE B 45 1.09 -5.46 -2.27
CA PHE B 45 2.22 -6.28 -2.71
C PHE B 45 1.99 -6.78 -4.13
N ALA B 46 2.97 -6.56 -5.00
CA ALA B 46 2.88 -6.98 -6.40
C ALA B 46 1.76 -6.25 -7.12
N GLY B 47 1.22 -5.22 -6.49
CA GLY B 47 0.15 -4.44 -7.10
C GLY B 47 -1.23 -4.91 -6.69
N LYS B 48 -1.31 -5.71 -5.64
CA LYS B 48 -2.59 -6.20 -5.16
C LYS B 48 -2.76 -5.92 -3.66
N GLN B 49 -3.93 -5.42 -3.28
CA GLN B 49 -4.21 -5.11 -1.89
C GLN B 49 -4.42 -6.39 -1.08
N LEU B 50 -3.60 -6.57 -0.05
CA LEU B 50 -3.69 -7.74 0.81
C LEU B 50 -4.87 -7.61 1.77
N GLU B 51 -5.91 -8.40 1.52
CA GLU B 51 -7.10 -8.38 2.36
C GLU B 51 -6.77 -8.78 3.79
N ASP B 52 -7.60 -8.34 4.72
CA ASP B 52 -7.40 -8.65 6.13
C ASP B 52 -7.96 -10.04 6.47
N GLY B 53 -7.35 -10.69 7.45
CA GLY B 53 -7.80 -12.01 7.85
C GLY B 53 -7.13 -13.12 7.06
N ARG B 54 -6.51 -12.75 5.94
CA ARG B 54 -5.83 -13.72 5.09
C ARG B 54 -4.40 -13.94 5.55
N THR B 55 -3.75 -14.94 4.97
CA THR B 55 -2.37 -15.26 5.31
C THR B 55 -1.39 -14.69 4.29
N LEU B 56 -0.16 -14.43 4.73
CA LEU B 56 0.87 -13.88 3.86
C LEU B 56 1.15 -14.80 2.68
N SER B 57 1.11 -16.11 2.92
CA SER B 57 1.36 -17.09 1.89
C SER B 57 0.27 -17.09 0.82
N ASP B 58 -0.91 -16.60 1.20
CA ASP B 58 -2.04 -16.55 0.27
C ASP B 58 -1.75 -15.60 -0.88
N TYR B 59 -0.82 -14.69 -0.68
CA TYR B 59 -0.45 -13.72 -1.71
C TYR B 59 0.98 -13.94 -2.19
N ASN B 60 1.62 -14.99 -1.69
CA ASN B 60 2.99 -15.31 -2.06
C ASN B 60 3.93 -14.14 -1.77
N ILE B 61 4.53 -14.14 -0.59
CA ILE B 61 5.44 -13.07 -0.20
C ILE B 61 6.78 -13.63 0.26
N GLN B 62 7.87 -13.01 -0.18
CA GLN B 62 9.21 -13.45 0.19
C GLN B 62 9.69 -12.72 1.44
N LYS B 63 10.96 -12.93 1.79
CA LYS B 63 11.54 -12.30 2.96
C LYS B 63 12.04 -10.89 2.64
N GLU B 64 11.96 -10.00 3.63
CA GLU B 64 12.40 -8.62 3.45
C GLU B 64 11.63 -7.92 2.34
N SER B 65 10.43 -8.43 2.05
CA SER B 65 9.59 -7.85 1.01
C SER B 65 9.28 -6.38 1.30
N THR B 66 8.87 -5.65 0.27
CA THR B 66 8.56 -4.23 0.41
C THR B 66 7.05 -3.99 0.25
N LEU B 67 6.36 -3.86 1.37
CA LEU B 67 4.92 -3.61 1.36
C LEU B 67 4.63 -2.12 1.26
N HIS B 68 3.53 -1.77 0.62
CA HIS B 68 3.15 -0.36 0.45
C HIS B 68 1.95 -0.02 1.33
N LEU B 69 2.09 1.05 2.12
CA LEU B 69 1.02 1.48 3.00
C LEU B 69 0.22 2.62 2.37
N VAL B 70 -1.05 2.36 2.07
CA VAL B 70 -1.91 3.37 1.45
C VAL B 70 -3.20 3.53 2.24
N LEU B 71 -3.66 4.77 2.36
CA LEU B 71 -4.89 5.07 3.08
C LEU B 71 -6.12 4.87 2.20
N ARG B 72 -7.25 4.60 2.84
CA ARG B 72 -8.50 4.38 2.13
C ARG B 72 -9.21 5.69 1.84
N LEU B 73 -8.91 6.71 2.64
CA LEU B 73 -9.52 8.03 2.48
C LEU B 73 -11.03 7.98 2.69
N ARG B 74 -11.76 7.61 1.64
CA ARG B 74 -13.22 7.51 1.71
C ARG B 74 -13.84 8.87 2.07
N GLY B 75 -13.07 9.93 1.90
CA GLY B 75 -13.55 11.26 2.21
C GLY B 75 -12.50 12.12 2.90
N GLY B 76 -11.25 11.67 2.85
CA GLY B 76 -10.17 12.41 3.48
C GLY B 76 -8.97 12.55 2.59
N THR A 1 11.17 19.79 -7.43
CA THR A 1 10.95 18.64 -8.34
C THR A 1 9.52 18.64 -8.87
N THR A 2 9.31 17.98 -10.01
CA THR A 2 8.00 17.91 -10.62
C THR A 2 6.98 17.28 -9.66
N PRO A 3 5.73 17.79 -9.65
CA PRO A 3 4.68 17.28 -8.78
C PRO A 3 3.81 16.23 -9.46
N LYS A 4 3.08 16.65 -10.47
CA LYS A 4 2.18 15.77 -11.21
C LYS A 4 2.92 14.52 -11.72
N SER A 5 4.03 14.75 -12.42
CA SER A 5 4.82 13.64 -12.95
C SER A 5 5.32 12.73 -11.84
N LEU A 6 5.66 13.33 -10.70
CA LEU A 6 6.14 12.60 -9.54
C LEU A 6 5.11 11.56 -9.08
N ALA A 7 3.84 11.93 -9.16
CA ALA A 7 2.76 11.04 -8.76
C ALA A 7 2.77 9.77 -9.61
N VAL A 8 2.88 9.96 -10.92
CA VAL A 8 2.90 8.84 -11.86
C VAL A 8 4.19 8.03 -11.70
N GLU A 9 5.27 8.72 -11.33
CA GLU A 9 6.56 8.08 -11.15
C GLU A 9 6.56 7.18 -9.91
N GLU A 10 5.89 7.64 -8.86
CA GLU A 10 5.81 6.87 -7.62
C GLU A 10 4.88 5.68 -7.78
N LEU A 11 3.76 5.91 -8.47
CA LEU A 11 2.77 4.85 -8.70
C LEU A 11 3.34 3.77 -9.62
N SER A 12 4.08 4.18 -10.63
CA SER A 12 4.67 3.24 -11.59
C SER A 12 5.69 2.34 -10.91
N GLY A 13 6.11 2.72 -9.71
CA GLY A 13 7.09 1.93 -8.97
C GLY A 13 6.45 1.11 -7.88
N MET A 14 5.13 0.96 -7.93
CA MET A 14 4.41 0.19 -6.91
C MET A 14 4.03 -1.19 -7.45
N GLY A 15 3.32 -1.22 -8.57
CA GLY A 15 2.90 -2.48 -9.17
C GLY A 15 2.18 -2.30 -10.48
N PHE A 16 2.16 -1.06 -10.99
CA PHE A 16 1.50 -0.76 -12.24
C PHE A 16 2.37 0.12 -13.13
N THR A 17 1.88 0.41 -14.33
CA THR A 17 2.61 1.25 -15.27
C THR A 17 2.30 2.72 -15.07
N GLU A 18 2.96 3.58 -15.85
CA GLU A 18 2.76 5.02 -15.75
C GLU A 18 1.41 5.41 -16.36
N GLU A 19 0.94 4.62 -17.31
CA GLU A 19 -0.33 4.89 -17.96
C GLU A 19 -1.50 4.74 -17.00
N GLU A 20 -1.65 3.53 -16.45
CA GLU A 20 -2.73 3.26 -15.50
C GLU A 20 -2.72 4.28 -14.36
N ALA A 21 -1.51 4.68 -13.97
CA ALA A 21 -1.35 5.64 -12.89
C ALA A 21 -1.78 7.04 -13.35
N HIS A 22 -1.54 7.33 -14.62
CA HIS A 22 -1.90 8.63 -15.18
C HIS A 22 -3.42 8.82 -15.16
N ASN A 23 -4.15 7.83 -15.65
CA ASN A 23 -5.60 7.89 -15.67
C ASN A 23 -6.17 7.89 -14.26
N ALA A 24 -5.65 7.00 -13.41
CA ALA A 24 -6.09 6.88 -12.03
C ALA A 24 -6.00 8.23 -11.31
N LEU A 25 -4.87 8.90 -11.45
CA LEU A 25 -4.65 10.19 -10.81
C LEU A 25 -5.61 11.24 -11.34
N GLU A 26 -5.55 11.50 -12.65
CA GLU A 26 -6.40 12.50 -13.27
C GLU A 26 -7.83 12.35 -12.80
N LYS A 27 -8.45 11.22 -13.14
CA LYS A 27 -9.84 10.93 -12.79
C LYS A 27 -10.10 11.15 -11.30
N CYS A 28 -9.31 10.49 -10.45
CA CYS A 28 -9.48 10.62 -9.01
C CYS A 28 -9.35 12.09 -8.59
N ASN A 29 -8.87 12.91 -9.53
CA ASN A 29 -8.69 14.35 -9.34
C ASN A 29 -7.24 14.64 -8.95
N TRP A 30 -6.34 14.15 -9.79
CA TRP A 30 -4.91 14.31 -9.56
C TRP A 30 -4.54 14.14 -8.09
N ASP A 31 -4.85 12.97 -7.55
CA ASP A 31 -4.56 12.66 -6.15
C ASP A 31 -3.82 11.32 -6.07
N LEU A 32 -2.68 11.32 -5.37
CA LEU A 32 -1.87 10.11 -5.25
C LEU A 32 -2.64 8.95 -4.60
N GLU A 33 -2.92 9.07 -3.31
CA GLU A 33 -3.64 8.01 -2.59
C GLU A 33 -4.92 7.61 -3.31
N ALA A 34 -5.66 8.58 -3.81
CA ALA A 34 -6.90 8.32 -4.52
C ALA A 34 -6.64 7.53 -5.80
N ALA A 35 -5.50 7.81 -6.44
CA ALA A 35 -5.12 7.13 -7.67
C ALA A 35 -4.91 5.65 -7.41
N THR A 36 -4.06 5.34 -6.44
CA THR A 36 -3.79 3.94 -6.09
C THR A 36 -5.11 3.25 -5.77
N ASN A 37 -5.88 3.86 -4.88
CA ASN A 37 -7.18 3.33 -4.48
C ASN A 37 -8.08 3.16 -5.70
N PHE A 38 -7.86 3.98 -6.71
CA PHE A 38 -8.64 3.92 -7.94
C PHE A 38 -8.29 2.66 -8.72
N LEU A 39 -7.00 2.32 -8.70
CA LEU A 39 -6.52 1.12 -9.39
C LEU A 39 -6.87 -0.14 -8.62
N LEU A 40 -7.03 0.00 -7.31
CA LEU A 40 -7.37 -1.12 -6.44
C LEU A 40 -8.85 -1.51 -6.58
N ASP A 41 -9.73 -0.56 -6.24
CA ASP A 41 -11.16 -0.79 -6.31
C ASP A 41 -11.73 -0.36 -7.66
N SER A 42 -11.68 0.94 -7.93
CA SER A 42 -12.19 1.49 -9.18
C SER A 42 -11.57 0.79 -10.39
N ALA A 43 -12.15 1.03 -11.56
CA ALA A 43 -11.66 0.41 -12.80
C ALA A 43 -11.66 -1.10 -12.70
N MET B 1 10.77 -14.02 9.89
CA MET B 1 10.85 -13.21 8.65
C MET B 1 10.48 -11.76 8.92
N GLN B 2 10.93 -10.86 8.04
CA GLN B 2 10.65 -9.44 8.21
C GLN B 2 10.13 -8.82 6.91
N ILE B 3 9.48 -7.66 7.03
CA ILE B 3 8.93 -6.96 5.88
C ILE B 3 9.21 -5.47 5.97
N PHE B 4 9.07 -4.77 4.85
CA PHE B 4 9.30 -3.33 4.81
C PHE B 4 8.12 -2.59 4.19
N VAL B 5 7.39 -1.84 5.03
CA VAL B 5 6.25 -1.08 4.56
C VAL B 5 6.70 0.25 3.96
N LYS B 6 6.17 0.56 2.78
CA LYS B 6 6.52 1.79 2.09
C LYS B 6 5.42 2.85 2.21
N THR B 7 5.63 3.81 3.11
CA THR B 7 4.65 4.89 3.31
C THR B 7 4.82 5.95 2.22
N LEU B 8 3.70 6.47 1.73
CA LEU B 8 3.73 7.49 0.69
C LEU B 8 4.39 8.77 1.19
N THR B 9 4.60 8.85 2.50
CA THR B 9 5.23 10.02 3.10
C THR B 9 6.74 9.99 2.93
N GLY B 10 7.28 8.79 2.75
CA GLY B 10 8.71 8.63 2.56
C GLY B 10 9.38 7.97 3.75
N LYS B 11 8.80 6.88 4.23
CA LYS B 11 9.34 6.16 5.37
C LYS B 11 9.24 4.65 5.17
N THR B 12 10.19 3.92 5.74
CA THR B 12 10.22 2.47 5.63
C THR B 12 10.12 1.81 7.00
N ILE B 13 9.02 1.09 7.23
CA ILE B 13 8.80 0.43 8.51
C ILE B 13 9.26 -1.03 8.47
N THR B 14 10.17 -1.37 9.39
CA THR B 14 10.69 -2.73 9.48
C THR B 14 9.92 -3.53 10.53
N LEU B 15 9.21 -4.56 10.09
CA LEU B 15 8.43 -5.39 11.01
C LEU B 15 8.74 -6.87 10.83
N GLU B 16 9.08 -7.54 11.92
CA GLU B 16 9.39 -8.97 11.89
C GLU B 16 8.18 -9.79 12.34
N VAL B 17 7.61 -10.56 11.41
CA VAL B 17 6.44 -11.39 11.72
C VAL B 17 6.66 -12.83 11.29
N GLU B 18 5.59 -13.61 11.31
CA GLU B 18 5.65 -15.02 10.92
C GLU B 18 4.86 -15.27 9.65
N SER B 19 5.17 -16.37 8.96
CA SER B 19 4.48 -16.72 7.72
C SER B 19 3.07 -17.22 8.00
N SER B 20 2.84 -17.68 9.22
CA SER B 20 1.53 -18.18 9.62
C SER B 20 0.67 -17.08 10.22
N ASP B 21 1.21 -15.86 10.25
CA ASP B 21 0.49 -14.71 10.80
C ASP B 21 -0.53 -14.17 9.80
N THR B 22 -1.61 -13.59 10.32
CA THR B 22 -2.66 -13.04 9.48
C THR B 22 -2.36 -11.59 9.11
N ILE B 23 -3.15 -11.05 8.17
CA ILE B 23 -2.97 -9.68 7.73
C ILE B 23 -3.43 -8.68 8.79
N ASP B 24 -4.60 -8.92 9.36
CA ASP B 24 -5.16 -8.05 10.38
C ASP B 24 -4.16 -7.81 11.50
N ASN B 25 -3.38 -8.84 11.83
CA ASN B 25 -2.38 -8.73 12.88
C ASN B 25 -1.29 -7.74 12.49
N VAL B 26 -0.87 -7.80 11.23
CA VAL B 26 0.17 -6.92 10.72
C VAL B 26 -0.23 -5.45 10.87
N LYS B 27 -1.41 -5.11 10.37
CA LYS B 27 -1.92 -3.74 10.46
C LYS B 27 -1.88 -3.26 11.90
N SER B 28 -2.28 -4.14 12.82
CA SER B 28 -2.31 -3.82 14.24
C SER B 28 -0.90 -3.50 14.74
N LYS B 29 0.07 -4.29 14.30
CA LYS B 29 1.46 -4.08 14.70
C LYS B 29 1.94 -2.70 14.28
N ILE B 30 1.56 -2.29 13.06
CA ILE B 30 1.94 -0.99 12.55
C ILE B 30 1.39 0.12 13.43
N GLN B 31 0.11 0.00 13.79
CA GLN B 31 -0.55 0.98 14.63
C GLN B 31 0.10 1.03 16.01
N ASP B 32 0.61 -0.11 16.47
CA ASP B 32 1.26 -0.21 17.77
C ASP B 32 2.74 0.14 17.68
N LYS B 33 3.25 0.27 16.46
CA LYS B 33 4.65 0.59 16.24
C LYS B 33 4.84 2.10 16.07
N GLU B 34 4.33 2.62 14.96
CA GLU B 34 4.43 4.05 14.67
C GLU B 34 3.20 4.80 15.14
N GLY B 35 2.06 4.48 14.55
CA GLY B 35 0.82 5.13 14.92
C GLY B 35 -0.15 5.29 13.76
N ILE B 36 0.18 4.65 12.63
CA ILE B 36 -0.67 4.73 11.45
C ILE B 36 -1.92 3.86 11.63
N PRO B 37 -3.10 4.48 11.83
CA PRO B 37 -4.36 3.75 12.02
C PRO B 37 -4.65 2.76 10.89
N PRO B 38 -5.03 1.51 11.22
CA PRO B 38 -5.34 0.48 10.23
C PRO B 38 -6.57 0.81 9.39
N ASP B 39 -7.64 1.24 10.06
CA ASP B 39 -8.88 1.59 9.38
C ASP B 39 -8.69 2.79 8.44
N GLN B 40 -7.48 3.34 8.46
CA GLN B 40 -7.15 4.50 7.64
C GLN B 40 -6.19 4.08 6.53
N GLN B 41 -5.21 3.26 6.88
CA GLN B 41 -4.20 2.79 5.93
C GLN B 41 -4.66 1.52 5.22
N ARG B 42 -3.92 1.16 4.16
CA ARG B 42 -4.21 -0.02 3.39
C ARG B 42 -2.90 -0.67 2.90
N LEU B 43 -2.72 -1.94 3.18
CA LEU B 43 -1.51 -2.65 2.77
C LEU B 43 -1.63 -3.26 1.37
N ILE B 44 -0.61 -3.03 0.54
CA ILE B 44 -0.60 -3.57 -0.82
C ILE B 44 0.73 -4.28 -1.12
N PHE B 45 0.65 -5.36 -1.89
CA PHE B 45 1.83 -6.13 -2.26
C PHE B 45 1.71 -6.67 -3.68
N ALA B 46 2.74 -6.43 -4.50
CA ALA B 46 2.75 -6.89 -5.88
C ALA B 46 1.58 -6.31 -6.66
N GLY B 47 0.99 -5.25 -6.14
CA GLY B 47 -0.15 -4.62 -6.79
C GLY B 47 -1.47 -5.05 -6.19
N LYS B 48 -1.48 -6.24 -5.59
CA LYS B 48 -2.70 -6.77 -4.98
C LYS B 48 -2.72 -6.49 -3.48
N GLN B 49 -3.74 -5.76 -3.03
CA GLN B 49 -3.87 -5.43 -1.62
C GLN B 49 -3.97 -6.69 -0.76
N LEU B 50 -3.80 -6.52 0.54
CA LEU B 50 -3.87 -7.63 1.48
C LEU B 50 -5.20 -7.61 2.25
N GLU B 51 -6.11 -8.51 1.86
CA GLU B 51 -7.41 -8.59 2.51
C GLU B 51 -7.31 -9.27 3.87
N ASP B 52 -8.00 -8.69 4.86
CA ASP B 52 -7.99 -9.24 6.21
C ASP B 52 -8.78 -10.54 6.30
N GLY B 53 -8.06 -11.64 6.47
CA GLY B 53 -8.72 -12.94 6.57
C GLY B 53 -7.78 -14.08 6.28
N ARG B 54 -6.82 -13.85 5.38
CA ARG B 54 -5.85 -14.88 5.01
C ARG B 54 -4.48 -14.57 5.63
N THR B 55 -3.51 -15.44 5.37
CA THR B 55 -2.17 -15.28 5.90
C THR B 55 -1.25 -14.67 4.85
N LEU B 56 0.04 -14.56 5.20
CA LEU B 56 1.03 -14.00 4.29
C LEU B 56 1.40 -14.99 3.18
N SER B 57 0.98 -16.24 3.36
CA SER B 57 1.29 -17.29 2.39
C SER B 57 0.30 -17.25 1.22
N ASP B 58 -0.86 -16.64 1.45
CA ASP B 58 -1.88 -16.55 0.41
C ASP B 58 -1.56 -15.44 -0.59
N TYR B 59 -0.59 -14.60 -0.23
CA TYR B 59 -0.19 -13.50 -1.10
C TYR B 59 1.25 -13.68 -1.61
N ASN B 60 1.77 -14.90 -1.45
CA ASN B 60 3.12 -15.22 -1.88
C ASN B 60 4.16 -14.36 -1.18
N ILE B 61 3.75 -13.70 -0.10
CA ILE B 61 4.66 -12.85 0.65
C ILE B 61 5.85 -13.64 1.17
N GLN B 62 7.05 -13.06 1.06
CA GLN B 62 8.27 -13.72 1.51
C GLN B 62 9.11 -12.79 2.37
N LYS B 63 10.33 -13.22 2.66
CA LYS B 63 11.24 -12.42 3.49
C LYS B 63 11.67 -11.15 2.77
N GLU B 64 11.87 -10.09 3.55
CA GLU B 64 12.29 -8.80 2.99
C GLU B 64 11.28 -8.30 1.97
N SER B 65 10.06 -8.82 2.05
CA SER B 65 9.00 -8.42 1.13
C SER B 65 8.76 -6.92 1.20
N THR B 66 8.58 -6.31 0.02
CA THR B 66 8.34 -4.87 -0.06
C THR B 66 6.86 -4.56 -0.21
N LEU B 67 6.26 -4.05 0.86
CA LEU B 67 4.84 -3.71 0.86
C LEU B 67 4.66 -2.19 0.70
N HIS B 68 3.43 -1.77 0.49
CA HIS B 68 3.13 -0.34 0.32
C HIS B 68 1.99 0.09 1.25
N LEU B 69 1.98 1.37 1.59
CA LEU B 69 0.95 1.94 2.45
C LEU B 69 0.19 3.05 1.73
N VAL B 70 -1.08 2.80 1.45
CA VAL B 70 -1.92 3.77 0.76
C VAL B 70 -3.24 3.97 1.50
N LEU B 71 -4.04 4.94 1.02
CA LEU B 71 -5.34 5.28 1.60
C LEU B 71 -5.24 6.46 2.54
N ARG B 72 -6.06 6.44 3.57
CA ARG B 72 -6.12 7.49 4.57
C ARG B 72 -6.75 8.75 3.99
N LEU B 73 -8.07 8.84 4.10
CA LEU B 73 -8.81 9.98 3.56
C LEU B 73 -10.07 10.24 4.38
N ARG B 74 -10.69 11.40 4.16
CA ARG B 74 -11.90 11.78 4.86
C ARG B 74 -13.11 11.05 4.29
N GLY B 75 -13.97 10.54 5.16
CA GLY B 75 -15.15 9.83 4.71
C GLY B 75 -15.89 9.17 5.86
N GLY B 76 -16.95 9.82 6.34
CA GLY B 76 -17.73 9.28 7.43
C GLY B 76 -19.22 9.33 7.17
N THR A 1 10.82 18.01 -8.04
CA THR A 1 10.10 17.02 -8.87
C THR A 1 8.64 17.42 -9.06
N THR A 2 8.21 17.47 -10.32
CA THR A 2 6.84 17.82 -10.64
C THR A 2 5.87 16.78 -10.08
N PRO A 3 4.91 17.21 -9.23
CA PRO A 3 3.93 16.31 -8.62
C PRO A 3 3.18 15.45 -9.62
N LYS A 4 2.58 16.10 -10.60
CA LYS A 4 1.80 15.42 -11.63
C LYS A 4 2.51 14.14 -12.12
N SER A 5 3.77 14.28 -12.50
CA SER A 5 4.54 13.15 -12.98
C SER A 5 5.15 12.34 -11.84
N LEU A 6 5.37 13.00 -10.70
CA LEU A 6 5.96 12.35 -9.54
C LEU A 6 5.05 11.25 -9.02
N ALA A 7 3.74 11.44 -9.14
CA ALA A 7 2.78 10.44 -8.69
C ALA A 7 2.79 9.23 -9.61
N VAL A 8 2.74 9.49 -10.91
CA VAL A 8 2.76 8.43 -11.91
C VAL A 8 4.05 7.62 -11.82
N GLU A 9 5.14 8.29 -11.47
CA GLU A 9 6.43 7.63 -11.36
C GLU A 9 6.48 6.75 -10.11
N GLU A 10 6.00 7.30 -8.99
CA GLU A 10 5.98 6.56 -7.73
C GLU A 10 5.10 5.32 -7.87
N LEU A 11 4.04 5.44 -8.66
CA LEU A 11 3.12 4.33 -8.88
C LEU A 11 3.75 3.31 -9.84
N SER A 12 4.52 3.80 -10.79
CA SER A 12 5.17 2.94 -11.77
C SER A 12 6.18 2.00 -11.10
N GLY A 13 6.52 2.31 -9.85
CA GLY A 13 7.48 1.50 -9.12
C GLY A 13 6.81 0.64 -8.06
N MET A 14 5.53 0.34 -8.27
CA MET A 14 4.77 -0.47 -7.32
C MET A 14 4.36 -1.80 -7.94
N GLY A 15 3.75 -1.73 -9.12
CA GLY A 15 3.32 -2.93 -9.80
C GLY A 15 2.45 -2.65 -11.00
N PHE A 16 2.43 -1.39 -11.44
CA PHE A 16 1.62 -0.99 -12.59
C PHE A 16 2.41 -0.05 -13.50
N THR A 17 1.85 0.20 -14.69
CA THR A 17 2.48 1.09 -15.66
C THR A 17 2.10 2.54 -15.43
N GLU A 18 2.70 3.44 -16.21
CA GLU A 18 2.42 4.86 -16.10
C GLU A 18 1.05 5.21 -16.68
N GLU A 19 0.56 4.37 -17.59
CA GLU A 19 -0.73 4.58 -18.22
C GLU A 19 -1.86 4.52 -17.19
N GLU A 20 -2.03 3.34 -16.59
CA GLU A 20 -3.06 3.13 -15.59
C GLU A 20 -2.93 4.16 -14.47
N ALA A 21 -1.69 4.47 -14.11
CA ALA A 21 -1.41 5.43 -13.05
C ALA A 21 -1.81 6.85 -13.48
N HIS A 22 -1.70 7.12 -14.77
CA HIS A 22 -2.05 8.44 -15.31
C HIS A 22 -3.55 8.68 -15.22
N ASN A 23 -4.33 7.76 -15.75
CA ASN A 23 -5.79 7.88 -15.74
C ASN A 23 -6.30 7.93 -14.30
N ALA A 24 -5.85 6.98 -13.48
CA ALA A 24 -6.28 6.92 -12.08
C ALA A 24 -6.00 8.24 -11.37
N LEU A 25 -4.78 8.75 -11.52
CA LEU A 25 -4.40 10.00 -10.87
C LEU A 25 -5.35 11.13 -11.25
N GLU A 26 -5.40 11.43 -12.54
CA GLU A 26 -6.24 12.51 -13.04
C GLU A 26 -7.64 12.44 -12.46
N LYS A 27 -8.36 11.37 -12.81
CA LYS A 27 -9.74 11.17 -12.36
C LYS A 27 -9.86 11.29 -10.85
N CYS A 28 -9.05 10.53 -10.11
CA CYS A 28 -9.09 10.57 -8.65
C CYS A 28 -8.89 12.01 -8.17
N ASN A 29 -8.42 12.85 -9.11
CA ASN A 29 -8.18 14.29 -8.87
C ASN A 29 -6.73 14.50 -8.51
N TRP A 30 -5.87 13.97 -9.37
CA TRP A 30 -4.41 14.04 -9.17
C TRP A 30 -4.03 13.90 -7.70
N ASP A 31 -4.26 12.71 -7.15
CA ASP A 31 -3.95 12.41 -5.76
C ASP A 31 -3.24 11.07 -5.65
N LEU A 32 -2.18 11.01 -4.85
CA LEU A 32 -1.41 9.79 -4.66
C LEU A 32 -2.26 8.62 -4.16
N GLU A 33 -2.61 8.65 -2.87
CA GLU A 33 -3.41 7.59 -2.26
C GLU A 33 -4.67 7.29 -3.06
N ALA A 34 -5.32 8.32 -3.56
CA ALA A 34 -6.54 8.15 -4.34
C ALA A 34 -6.28 7.36 -5.62
N ALA A 35 -5.13 7.59 -6.24
CA ALA A 35 -4.76 6.89 -7.47
C ALA A 35 -4.63 5.39 -7.22
N THR A 36 -3.79 5.03 -6.25
CA THR A 36 -3.60 3.63 -5.92
C THR A 36 -4.93 2.98 -5.56
N ASN A 37 -5.66 3.64 -4.66
CA ASN A 37 -6.97 3.16 -4.24
C ASN A 37 -7.89 2.99 -5.44
N PHE A 38 -7.64 3.80 -6.47
CA PHE A 38 -8.42 3.73 -7.70
C PHE A 38 -8.09 2.46 -8.45
N LEU A 39 -6.81 2.10 -8.45
CA LEU A 39 -6.36 0.89 -9.12
C LEU A 39 -6.74 -0.36 -8.34
N LEU A 40 -7.03 -0.18 -7.06
CA LEU A 40 -7.42 -1.29 -6.20
C LEU A 40 -8.92 -1.54 -6.27
N ASP A 41 -9.71 -0.56 -5.83
CA ASP A 41 -11.16 -0.68 -5.85
C ASP A 41 -11.73 -0.31 -7.22
N SER A 42 -11.54 0.95 -7.61
CA SER A 42 -12.04 1.43 -8.89
C SER A 42 -11.39 0.66 -10.05
N ALA A 43 -11.81 0.98 -11.27
CA ALA A 43 -11.28 0.33 -12.46
C ALA A 43 -11.07 1.32 -13.59
N MET B 1 10.75 -14.03 9.42
CA MET B 1 10.67 -13.12 8.25
C MET B 1 10.29 -11.72 8.69
N GLN B 2 10.52 -10.75 7.80
CA GLN B 2 10.21 -9.35 8.09
C GLN B 2 9.82 -8.62 6.82
N ILE B 3 8.91 -7.65 6.95
CA ILE B 3 8.45 -6.86 5.83
C ILE B 3 8.66 -5.37 6.07
N PHE B 4 8.72 -4.60 4.99
CA PHE B 4 8.93 -3.16 5.07
C PHE B 4 7.75 -2.39 4.50
N VAL B 5 7.12 -1.56 5.34
CA VAL B 5 5.98 -0.78 4.91
C VAL B 5 6.44 0.55 4.30
N LYS B 6 6.11 0.75 3.03
CA LYS B 6 6.50 1.98 2.34
C LYS B 6 5.33 2.95 2.24
N THR B 7 5.30 3.92 3.17
CA THR B 7 4.25 4.92 3.18
C THR B 7 4.44 5.92 2.05
N LEU B 8 3.33 6.39 1.47
CA LEU B 8 3.39 7.34 0.37
C LEU B 8 4.04 8.65 0.80
N THR B 9 4.14 8.86 2.11
CA THR B 9 4.75 10.07 2.65
C THR B 9 6.28 9.98 2.62
N GLY B 10 6.80 8.77 2.60
CA GLY B 10 8.24 8.57 2.58
C GLY B 10 8.78 8.07 3.90
N LYS B 11 8.22 6.97 4.39
CA LYS B 11 8.66 6.39 5.66
C LYS B 11 8.58 4.87 5.60
N THR B 12 9.70 4.22 5.92
CA THR B 12 9.75 2.76 5.90
C THR B 12 9.58 2.19 7.31
N ILE B 13 8.75 1.15 7.43
CA ILE B 13 8.50 0.52 8.72
C ILE B 13 9.00 -0.92 8.73
N THR B 14 9.97 -1.20 9.59
CA THR B 14 10.53 -2.54 9.70
C THR B 14 9.76 -3.36 10.72
N LEU B 15 9.05 -4.38 10.25
CA LEU B 15 8.26 -5.23 11.12
C LEU B 15 8.65 -6.70 10.95
N GLU B 16 8.76 -7.41 12.07
CA GLU B 16 9.13 -8.82 12.04
C GLU B 16 7.89 -9.69 12.27
N VAL B 17 7.53 -10.47 11.26
CA VAL B 17 6.36 -11.34 11.35
C VAL B 17 6.73 -12.79 11.01
N GLU B 18 5.71 -13.64 10.98
CA GLU B 18 5.91 -15.06 10.66
C GLU B 18 5.07 -15.46 9.46
N SER B 19 5.26 -16.69 9.00
CA SER B 19 4.51 -17.20 7.85
C SER B 19 3.07 -17.52 8.23
N SER B 20 2.80 -17.54 9.53
CA SER B 20 1.46 -17.83 10.02
C SER B 20 0.71 -16.55 10.36
N ASP B 21 1.44 -15.44 10.38
CA ASP B 21 0.84 -14.14 10.68
C ASP B 21 -0.12 -13.72 9.58
N THR B 22 -1.23 -13.08 9.97
CA THR B 22 -2.22 -12.63 9.02
C THR B 22 -2.05 -11.15 8.70
N ILE B 23 -2.77 -10.67 7.70
CA ILE B 23 -2.68 -9.27 7.30
C ILE B 23 -3.21 -8.35 8.40
N ASP B 24 -4.30 -8.76 9.04
CA ASP B 24 -4.90 -7.98 10.11
C ASP B 24 -3.89 -7.74 11.22
N ASN B 25 -3.07 -8.74 11.50
CA ASN B 25 -2.06 -8.64 12.53
C ASN B 25 -1.02 -7.58 12.17
N VAL B 26 -0.74 -7.46 10.87
CA VAL B 26 0.23 -6.48 10.39
C VAL B 26 -0.22 -5.07 10.74
N LYS B 27 -1.44 -4.72 10.33
CA LYS B 27 -1.99 -3.40 10.58
C LYS B 27 -1.98 -3.09 12.09
N SER B 28 -2.42 -4.05 12.88
CA SER B 28 -2.46 -3.89 14.33
C SER B 28 -1.08 -3.59 14.89
N LYS B 29 -0.08 -4.29 14.35
CA LYS B 29 1.31 -4.10 14.79
C LYS B 29 1.80 -2.69 14.48
N ILE B 30 1.49 -2.20 13.28
CA ILE B 30 1.91 -0.87 12.87
C ILE B 30 1.28 0.20 13.76
N GLN B 31 0.03 -0.04 14.15
CA GLN B 31 -0.70 0.89 15.00
C GLN B 31 -0.16 0.85 16.43
N ASP B 32 0.31 -0.32 16.84
CA ASP B 32 0.85 -0.50 18.19
C ASP B 32 2.33 -0.16 18.24
N LYS B 33 2.95 0.00 17.08
CA LYS B 33 4.37 0.33 17.00
C LYS B 33 4.58 1.78 16.60
N GLU B 34 4.20 2.12 15.36
CA GLU B 34 4.35 3.48 14.85
C GLU B 34 3.22 4.38 15.35
N GLY B 35 2.03 4.16 14.81
CA GLY B 35 0.88 4.96 15.22
C GLY B 35 -0.12 5.14 14.09
N ILE B 36 0.21 4.63 12.91
CA ILE B 36 -0.68 4.75 11.76
C ILE B 36 -1.94 3.90 11.97
N PRO B 37 -3.12 4.54 12.06
CA PRO B 37 -4.40 3.83 12.27
C PRO B 37 -4.61 2.70 11.25
N PRO B 38 -5.35 1.65 11.63
CA PRO B 38 -5.61 0.50 10.76
C PRO B 38 -6.68 0.77 9.71
N ASP B 39 -7.78 1.39 10.12
CA ASP B 39 -8.88 1.70 9.21
C ASP B 39 -8.51 2.87 8.31
N GLN B 40 -7.26 3.28 8.36
CA GLN B 40 -6.76 4.39 7.54
C GLN B 40 -5.57 3.94 6.71
N GLN B 41 -5.01 2.78 7.07
CA GLN B 41 -3.86 2.25 6.36
C GLN B 41 -4.19 0.94 5.63
N ARG B 42 -3.61 0.78 4.45
CA ARG B 42 -3.81 -0.43 3.66
C ARG B 42 -2.49 -0.94 3.11
N LEU B 43 -2.21 -2.22 3.36
CA LEU B 43 -0.96 -2.83 2.90
C LEU B 43 -1.11 -3.42 1.50
N ILE B 44 -0.29 -2.94 0.57
CA ILE B 44 -0.32 -3.43 -0.81
C ILE B 44 1.00 -4.09 -1.18
N PHE B 45 0.91 -5.19 -1.93
CA PHE B 45 2.10 -5.93 -2.36
C PHE B 45 1.93 -6.47 -3.77
N ALA B 46 2.95 -6.26 -4.61
CA ALA B 46 2.92 -6.73 -5.99
C ALA B 46 1.80 -6.06 -6.78
N GLY B 47 1.25 -4.98 -6.24
CA GLY B 47 0.18 -4.27 -6.91
C GLY B 47 -1.20 -4.77 -6.54
N LYS B 48 -1.26 -5.65 -5.55
CA LYS B 48 -2.53 -6.21 -5.11
C LYS B 48 -2.82 -5.81 -3.66
N GLN B 49 -4.07 -5.48 -3.38
CA GLN B 49 -4.47 -5.07 -2.04
C GLN B 49 -4.60 -6.29 -1.12
N LEU B 50 -3.94 -6.22 0.04
CA LEU B 50 -3.97 -7.31 1.00
C LEU B 50 -5.17 -7.17 1.94
N GLU B 51 -6.11 -8.10 1.83
CA GLU B 51 -7.31 -8.08 2.67
C GLU B 51 -7.03 -8.67 4.04
N ASP B 52 -7.94 -8.43 4.98
CA ASP B 52 -7.80 -8.94 6.34
C ASP B 52 -8.49 -10.29 6.50
N GLY B 53 -7.83 -11.21 7.21
CA GLY B 53 -8.40 -12.52 7.43
C GLY B 53 -7.57 -13.62 6.79
N ARG B 54 -6.95 -13.31 5.66
CA ARG B 54 -6.13 -14.27 4.93
C ARG B 54 -4.66 -14.17 5.35
N THR B 55 -3.95 -15.28 5.27
CA THR B 55 -2.53 -15.31 5.64
C THR B 55 -1.66 -14.73 4.54
N LEU B 56 -0.34 -14.79 4.73
CA LEU B 56 0.61 -14.26 3.76
C LEU B 56 0.77 -15.23 2.58
N SER B 57 0.52 -16.50 2.84
CA SER B 57 0.65 -17.53 1.81
C SER B 57 -0.40 -17.34 0.71
N ASP B 58 -1.48 -16.64 1.06
CA ASP B 58 -2.56 -16.39 0.10
C ASP B 58 -2.18 -15.31 -0.90
N TYR B 59 -1.21 -14.47 -0.53
CA TYR B 59 -0.77 -13.38 -1.40
C TYR B 59 0.66 -13.62 -1.87
N ASN B 60 1.28 -14.69 -1.38
CA ASN B 60 2.65 -15.03 -1.75
C ASN B 60 3.60 -13.86 -1.48
N ILE B 61 4.17 -13.82 -0.28
CA ILE B 61 5.09 -12.76 0.10
C ILE B 61 6.48 -13.32 0.40
N GLN B 62 7.50 -12.63 -0.10
CA GLN B 62 8.88 -13.06 0.12
C GLN B 62 9.44 -12.46 1.41
N LYS B 63 10.74 -12.66 1.62
CA LYS B 63 11.41 -12.14 2.81
C LYS B 63 11.94 -10.74 2.57
N GLU B 64 11.84 -9.88 3.59
CA GLU B 64 12.32 -8.50 3.48
C GLU B 64 11.63 -7.77 2.35
N SER B 65 10.43 -8.23 2.00
CA SER B 65 9.66 -7.61 0.92
C SER B 65 9.37 -6.15 1.24
N THR B 66 8.94 -5.40 0.22
CA THR B 66 8.63 -3.99 0.40
C THR B 66 7.19 -3.68 -0.03
N LEU B 67 6.30 -3.63 0.95
CA LEU B 67 4.90 -3.33 0.68
C LEU B 67 4.67 -1.82 0.65
N HIS B 68 3.42 -1.40 0.49
CA HIS B 68 3.10 0.02 0.44
C HIS B 68 1.94 0.36 1.37
N LEU B 69 1.85 1.64 1.72
CA LEU B 69 0.80 2.12 2.61
C LEU B 69 -0.12 3.10 1.88
N VAL B 70 -1.36 2.68 1.67
CA VAL B 70 -2.33 3.52 0.97
C VAL B 70 -3.56 3.76 1.85
N LEU B 71 -4.45 4.65 1.39
CA LEU B 71 -5.68 5.01 2.10
C LEU B 71 -5.47 6.28 2.92
N ARG B 72 -6.07 6.33 4.09
CA ARG B 72 -5.96 7.50 4.97
C ARG B 72 -6.64 8.69 4.33
N LEU B 73 -7.86 8.48 3.85
CA LEU B 73 -8.63 9.53 3.20
C LEU B 73 -9.38 10.37 4.23
N ARG B 74 -10.10 11.39 3.74
CA ARG B 74 -10.87 12.27 4.60
C ARG B 74 -9.99 12.90 5.68
N GLY B 75 -10.61 13.60 6.61
CA GLY B 75 -9.86 14.24 7.68
C GLY B 75 -10.75 15.05 8.61
N GLY B 76 -11.00 14.51 9.80
CA GLY B 76 -11.84 15.20 10.76
C GLY B 76 -11.97 14.44 12.06
N THR A 1 11.19 19.56 -6.06
CA THR A 1 10.95 18.61 -7.17
C THR A 1 9.48 18.59 -7.57
N THR A 2 9.21 18.16 -8.80
CA THR A 2 7.85 18.09 -9.32
C THR A 2 6.96 17.24 -8.41
N PRO A 3 5.69 17.66 -8.21
CA PRO A 3 4.75 16.92 -7.37
C PRO A 3 3.92 15.92 -8.16
N LYS A 4 3.08 16.44 -9.05
CA LYS A 4 2.21 15.60 -9.87
C LYS A 4 2.98 14.50 -10.59
N SER A 5 4.04 14.88 -11.29
CA SER A 5 4.85 13.91 -12.04
C SER A 5 5.51 12.91 -11.09
N LEU A 6 5.83 13.36 -9.88
CA LEU A 6 6.47 12.50 -8.89
C LEU A 6 5.55 11.36 -8.48
N ALA A 7 4.25 11.63 -8.44
CA ALA A 7 3.28 10.61 -8.06
C ALA A 7 3.27 9.46 -9.06
N VAL A 8 3.40 9.79 -10.35
CA VAL A 8 3.40 8.79 -11.40
C VAL A 8 4.64 7.90 -11.32
N GLU A 9 5.80 8.54 -11.19
CA GLU A 9 7.06 7.80 -11.09
C GLU A 9 7.11 6.92 -9.85
N GLU A 10 6.55 7.42 -8.76
CA GLU A 10 6.52 6.67 -7.50
C GLU A 10 5.58 5.47 -7.60
N LEU A 11 4.43 5.68 -8.22
CA LEU A 11 3.45 4.63 -8.38
C LEU A 11 3.97 3.52 -9.28
N SER A 12 5.06 3.80 -10.00
CA SER A 12 5.65 2.82 -10.90
C SER A 12 6.26 1.67 -10.10
N GLY A 13 6.66 1.96 -8.87
CA GLY A 13 7.24 0.94 -8.03
C GLY A 13 6.21 0.03 -7.40
N MET A 14 4.94 0.45 -7.46
CA MET A 14 3.85 -0.33 -6.89
C MET A 14 3.64 -1.61 -7.68
N GLY A 15 3.20 -1.47 -8.94
CA GLY A 15 2.97 -2.62 -9.79
C GLY A 15 2.28 -2.27 -11.09
N PHE A 16 2.22 -0.97 -11.41
CA PHE A 16 1.58 -0.52 -12.64
C PHE A 16 2.46 0.45 -13.40
N THR A 17 2.09 0.72 -14.65
CA THR A 17 2.84 1.63 -15.50
C THR A 17 2.58 3.09 -15.15
N GLU A 18 3.22 4.00 -15.88
CA GLU A 18 3.06 5.42 -15.65
C GLU A 18 1.69 5.92 -16.11
N GLU A 19 1.21 5.37 -17.23
CA GLU A 19 -0.09 5.77 -17.78
C GLU A 19 -1.21 5.49 -16.78
N GLU A 20 -1.38 4.22 -16.43
CA GLU A 20 -2.43 3.82 -15.48
C GLU A 20 -2.39 4.69 -14.24
N ALA A 21 -1.19 5.03 -13.78
CA ALA A 21 -1.02 5.87 -12.60
C ALA A 21 -1.44 7.29 -12.89
N HIS A 22 -1.14 7.76 -14.10
CA HIS A 22 -1.48 9.12 -14.50
C HIS A 22 -2.99 9.33 -14.49
N ASN A 23 -3.71 8.48 -15.21
CA ASN A 23 -5.16 8.57 -15.28
C ASN A 23 -5.78 8.38 -13.90
N ALA A 24 -5.24 7.43 -13.14
CA ALA A 24 -5.73 7.15 -11.80
C ALA A 24 -5.68 8.39 -10.91
N LEU A 25 -4.49 8.99 -10.81
CA LEU A 25 -4.30 10.18 -9.97
C LEU A 25 -5.23 11.30 -10.41
N GLU A 26 -5.10 11.70 -11.67
CA GLU A 26 -5.89 12.80 -12.21
C GLU A 26 -7.34 12.66 -11.83
N LYS A 27 -7.98 11.59 -12.32
CA LYS A 27 -9.40 11.32 -12.05
C LYS A 27 -9.72 11.45 -10.56
N CYS A 28 -9.03 10.68 -9.74
CA CYS A 28 -9.23 10.70 -8.29
C CYS A 28 -9.03 12.11 -7.74
N ASN A 29 -8.46 12.98 -8.60
CA ASN A 29 -8.18 14.38 -8.27
C ASN A 29 -6.75 14.51 -7.82
N TRP A 30 -5.86 13.98 -8.64
CA TRP A 30 -4.42 13.98 -8.36
C TRP A 30 -4.13 13.63 -6.89
N ASP A 31 -4.10 12.34 -6.60
CA ASP A 31 -3.83 11.83 -5.25
C ASP A 31 -3.21 10.45 -5.32
N LEU A 32 -2.09 10.26 -4.60
CA LEU A 32 -1.38 8.99 -4.60
C LEU A 32 -2.26 7.81 -4.17
N GLU A 33 -2.48 7.68 -2.87
CA GLU A 33 -3.28 6.57 -2.34
C GLU A 33 -4.59 6.41 -3.11
N ALA A 34 -5.16 7.54 -3.55
CA ALA A 34 -6.40 7.50 -4.32
C ALA A 34 -6.19 6.75 -5.62
N ALA A 35 -5.08 7.05 -6.29
CA ALA A 35 -4.74 6.40 -7.55
C ALA A 35 -4.50 4.91 -7.31
N THR A 36 -3.72 4.62 -6.27
CA THR A 36 -3.42 3.24 -5.92
C THR A 36 -4.72 2.47 -5.75
N ASN A 37 -5.59 2.98 -4.89
CA ASN A 37 -6.88 2.37 -4.64
C ASN A 37 -7.68 2.32 -5.93
N PHE A 38 -7.38 3.25 -6.83
CA PHE A 38 -8.07 3.31 -8.12
C PHE A 38 -7.61 2.16 -9.01
N LEU A 39 -6.39 1.70 -8.79
CA LEU A 39 -5.83 0.59 -9.56
C LEU A 39 -6.41 -0.75 -9.10
N LEU A 40 -6.27 -1.03 -7.81
CA LEU A 40 -6.76 -2.29 -7.25
C LEU A 40 -8.29 -2.38 -7.27
N ASP A 41 -8.96 -1.30 -6.86
CA ASP A 41 -10.43 -1.29 -6.84
C ASP A 41 -11.02 -0.83 -8.17
N SER A 42 -10.82 0.45 -8.48
CA SER A 42 -11.35 1.02 -9.72
C SER A 42 -10.64 0.45 -10.93
N ALA A 43 -11.01 0.93 -12.12
CA ALA A 43 -10.41 0.47 -13.37
C ALA A 43 -10.39 1.58 -14.41
N MET B 1 12.34 -13.16 9.60
CA MET B 1 11.37 -12.78 8.53
C MET B 1 10.77 -11.41 8.81
N GLN B 2 11.08 -10.44 7.95
CA GLN B 2 10.56 -9.09 8.10
C GLN B 2 9.95 -8.59 6.80
N ILE B 3 9.28 -7.45 6.88
CA ILE B 3 8.64 -6.85 5.71
C ILE B 3 8.87 -5.34 5.67
N PHE B 4 8.88 -4.78 4.46
CA PHE B 4 9.11 -3.35 4.28
C PHE B 4 7.88 -2.67 3.70
N VAL B 5 7.22 -1.87 4.53
CA VAL B 5 6.02 -1.14 4.10
C VAL B 5 6.39 0.16 3.40
N LYS B 6 5.66 0.51 2.35
CA LYS B 6 5.92 1.73 1.60
C LYS B 6 4.73 2.68 1.66
N THR B 7 4.87 3.75 2.46
CA THR B 7 3.81 4.74 2.59
C THR B 7 3.95 5.80 1.50
N LEU B 8 2.82 6.26 0.97
CA LEU B 8 2.82 7.28 -0.08
C LEU B 8 3.35 8.61 0.46
N THR B 9 3.35 8.75 1.79
CA THR B 9 3.82 9.96 2.44
C THR B 9 5.33 10.09 2.32
N GLY B 10 6.01 8.98 2.05
CA GLY B 10 7.45 9.00 1.92
C GLY B 10 8.15 8.42 3.13
N LYS B 11 7.70 7.25 3.57
CA LYS B 11 8.29 6.58 4.73
C LYS B 11 8.37 5.07 4.50
N THR B 12 9.42 4.46 5.04
CA THR B 12 9.62 3.02 4.92
C THR B 12 9.57 2.35 6.29
N ILE B 13 8.60 1.46 6.48
CA ILE B 13 8.44 0.76 7.75
C ILE B 13 9.04 -0.65 7.69
N THR B 14 9.60 -1.09 8.81
CA THR B 14 10.18 -2.42 8.89
C THR B 14 9.61 -3.18 10.07
N LEU B 15 8.86 -4.24 9.78
CA LEU B 15 8.24 -5.04 10.83
C LEU B 15 8.59 -6.51 10.68
N GLU B 16 8.76 -7.19 11.82
CA GLU B 16 9.09 -8.61 11.83
C GLU B 16 7.86 -9.46 12.07
N VAL B 17 7.57 -10.37 11.15
CA VAL B 17 6.41 -11.24 11.26
C VAL B 17 6.76 -12.69 10.92
N GLU B 18 5.78 -13.57 11.07
CA GLU B 18 5.98 -14.99 10.78
C GLU B 18 5.26 -15.37 9.49
N SER B 19 5.47 -16.60 9.04
CA SER B 19 4.85 -17.11 7.82
C SER B 19 3.36 -17.36 8.05
N SER B 20 2.96 -17.45 9.31
CA SER B 20 1.57 -17.69 9.66
C SER B 20 0.91 -16.42 10.19
N ASP B 21 1.61 -15.29 10.06
CA ASP B 21 1.09 -14.02 10.53
C ASP B 21 -0.09 -13.56 9.67
N THR B 22 -1.06 -12.92 10.31
CA THR B 22 -2.25 -12.45 9.61
C THR B 22 -2.07 -11.01 9.13
N ILE B 23 -2.75 -10.66 8.04
CA ILE B 23 -2.66 -9.33 7.46
C ILE B 23 -3.09 -8.26 8.48
N ASP B 24 -4.24 -8.49 9.11
CA ASP B 24 -4.76 -7.56 10.10
C ASP B 24 -3.75 -7.30 11.21
N ASN B 25 -3.07 -8.35 11.64
CA ASN B 25 -2.07 -8.24 12.70
C ASN B 25 -0.99 -7.23 12.31
N VAL B 26 -0.56 -7.30 11.06
CA VAL B 26 0.45 -6.38 10.56
C VAL B 26 -0.01 -4.95 10.72
N LYS B 27 -1.30 -4.71 10.46
CA LYS B 27 -1.88 -3.39 10.60
C LYS B 27 -1.67 -2.86 12.01
N SER B 28 -1.95 -3.71 13.00
CA SER B 28 -1.78 -3.33 14.41
C SER B 28 -0.34 -2.92 14.67
N LYS B 29 0.60 -3.71 14.14
CA LYS B 29 2.02 -3.42 14.33
C LYS B 29 2.36 -2.01 13.82
N ILE B 30 1.81 -1.66 12.66
CA ILE B 30 2.06 -0.35 12.07
C ILE B 30 1.44 0.77 12.91
N GLN B 31 0.24 0.51 13.42
CA GLN B 31 -0.48 1.49 14.24
C GLN B 31 0.21 1.71 15.59
N ASP B 32 0.91 0.70 16.08
CA ASP B 32 1.61 0.79 17.35
C ASP B 32 3.06 1.21 17.17
N LYS B 33 3.48 1.36 15.92
CA LYS B 33 4.85 1.77 15.61
C LYS B 33 4.90 3.25 15.22
N GLU B 34 4.34 3.57 14.06
CA GLU B 34 4.32 4.93 13.57
C GLU B 34 3.10 5.70 14.08
N GLY B 35 1.93 5.31 13.62
CA GLY B 35 0.71 5.97 14.05
C GLY B 35 -0.37 5.99 12.98
N ILE B 36 -0.13 5.30 11.86
CA ILE B 36 -1.11 5.25 10.77
C ILE B 36 -2.40 4.57 11.25
N PRO B 37 -3.58 5.19 10.98
CA PRO B 37 -4.87 4.62 11.40
C PRO B 37 -5.04 3.18 10.92
N PRO B 38 -5.75 2.35 11.70
CA PRO B 38 -5.98 0.95 11.36
C PRO B 38 -7.15 0.74 10.40
N ASP B 39 -8.26 1.41 10.68
CA ASP B 39 -9.45 1.30 9.85
C ASP B 39 -9.29 2.05 8.52
N GLN B 40 -8.13 2.66 8.33
CA GLN B 40 -7.86 3.41 7.10
C GLN B 40 -6.76 2.75 6.28
N GLN B 41 -5.66 2.40 6.95
CA GLN B 41 -4.53 1.77 6.28
C GLN B 41 -4.92 0.48 5.57
N ARG B 42 -4.27 0.23 4.44
CA ARG B 42 -4.53 -0.97 3.64
C ARG B 42 -3.22 -1.48 3.04
N LEU B 43 -2.92 -2.75 3.29
CA LEU B 43 -1.69 -3.36 2.78
C LEU B 43 -1.85 -3.81 1.33
N ILE B 44 -0.83 -3.57 0.52
CA ILE B 44 -0.86 -3.95 -0.89
C ILE B 44 0.47 -4.56 -1.33
N PHE B 45 0.40 -5.74 -1.94
CA PHE B 45 1.59 -6.44 -2.40
C PHE B 45 1.44 -6.84 -3.87
N ALA B 46 2.45 -6.50 -4.68
CA ALA B 46 2.42 -6.82 -6.10
C ALA B 46 1.26 -6.14 -6.82
N GLY B 47 0.66 -5.16 -6.15
CA GLY B 47 -0.46 -4.45 -6.74
C GLY B 47 -1.80 -5.07 -6.39
N LYS B 48 -1.82 -5.89 -5.34
CA LYS B 48 -3.05 -6.55 -4.90
C LYS B 48 -3.35 -6.20 -3.45
N GLN B 49 -4.64 -6.09 -3.13
CA GLN B 49 -5.06 -5.77 -1.76
C GLN B 49 -5.07 -7.01 -0.89
N LEU B 50 -4.42 -6.92 0.27
CA LEU B 50 -4.35 -8.05 1.20
C LEU B 50 -5.54 -8.01 2.17
N GLU B 51 -6.53 -8.87 1.92
CA GLU B 51 -7.71 -8.93 2.77
C GLU B 51 -7.34 -9.36 4.19
N ASP B 52 -7.99 -8.74 5.17
CA ASP B 52 -7.74 -9.07 6.57
C ASP B 52 -8.30 -10.44 6.94
N GLY B 53 -7.52 -11.20 7.71
CA GLY B 53 -7.96 -12.53 8.10
C GLY B 53 -7.09 -13.62 7.53
N ARG B 54 -6.64 -13.41 6.30
CA ARG B 54 -5.78 -14.38 5.62
C ARG B 54 -4.32 -14.20 6.02
N THR B 55 -3.47 -15.11 5.58
CA THR B 55 -2.05 -15.06 5.89
C THR B 55 -1.25 -14.46 4.75
N LEU B 56 0.06 -14.37 4.94
CA LEU B 56 0.96 -13.83 3.93
C LEU B 56 1.20 -14.83 2.81
N SER B 57 0.96 -16.10 3.11
CA SER B 57 1.16 -17.17 2.13
C SER B 57 0.08 -17.13 1.05
N ASP B 58 -1.05 -16.51 1.37
CA ASP B 58 -2.15 -16.41 0.42
C ASP B 58 -1.78 -15.55 -0.79
N TYR B 59 -0.70 -14.80 -0.66
CA TYR B 59 -0.25 -13.92 -1.74
C TYR B 59 1.19 -14.21 -2.15
N ASN B 60 1.67 -15.40 -1.77
CA ASN B 60 3.02 -15.82 -2.11
C ASN B 60 4.06 -14.85 -1.53
N ILE B 61 3.64 -14.05 -0.56
CA ILE B 61 4.54 -13.08 0.08
C ILE B 61 5.79 -13.76 0.62
N GLN B 62 6.94 -13.36 0.10
CA GLN B 62 8.22 -13.92 0.54
C GLN B 62 8.83 -13.11 1.67
N LYS B 63 10.08 -13.42 2.00
CA LYS B 63 10.79 -12.72 3.06
C LYS B 63 11.31 -11.37 2.57
N GLU B 64 11.32 -10.39 3.48
CA GLU B 64 11.79 -9.05 3.14
C GLU B 64 11.01 -8.47 1.97
N SER B 65 9.81 -8.98 1.76
CA SER B 65 8.95 -8.51 0.67
C SER B 65 8.66 -7.02 0.81
N THR B 66 8.19 -6.41 -0.27
CA THR B 66 7.87 -4.99 -0.28
C THR B 66 6.38 -4.75 -0.40
N LEU B 67 5.76 -4.25 0.67
CA LEU B 67 4.34 -3.97 0.68
C LEU B 67 4.06 -2.48 0.60
N HIS B 68 2.80 -2.10 0.47
CA HIS B 68 2.41 -0.70 0.39
C HIS B 68 1.32 -0.38 1.40
N LEU B 69 1.28 0.87 1.84
CA LEU B 69 0.30 1.31 2.82
C LEU B 69 -0.52 2.49 2.29
N VAL B 70 -1.83 2.26 2.14
CA VAL B 70 -2.72 3.32 1.64
C VAL B 70 -3.89 3.53 2.59
N LEU B 71 -4.29 4.79 2.75
CA LEU B 71 -5.40 5.13 3.62
C LEU B 71 -6.73 4.92 2.90
N ARG B 72 -7.77 4.60 3.67
CA ARG B 72 -9.09 4.37 3.11
C ARG B 72 -9.63 5.63 2.45
N LEU B 73 -9.41 6.76 3.11
CA LEU B 73 -9.85 8.08 2.61
C LEU B 73 -11.29 8.04 2.12
N ARG B 74 -11.69 9.06 1.36
CA ARG B 74 -13.05 9.14 0.83
C ARG B 74 -13.24 8.14 -0.30
N GLY B 75 -14.23 7.26 -0.15
CA GLY B 75 -14.51 6.27 -1.17
C GLY B 75 -15.93 5.75 -1.11
N GLY B 76 -16.08 4.50 -0.71
CA GLY B 76 -17.40 3.91 -0.62
C GLY B 76 -17.85 3.27 -1.92
N THR A 1 11.81 19.57 -10.00
CA THR A 1 10.93 18.51 -10.53
C THR A 1 9.47 18.82 -10.25
N THR A 2 8.58 18.16 -10.98
CA THR A 2 7.14 18.36 -10.81
C THR A 2 6.53 17.22 -10.00
N PRO A 3 5.54 17.53 -9.14
CA PRO A 3 4.88 16.53 -8.30
C PRO A 3 4.10 15.50 -9.12
N LYS A 4 3.32 16.00 -10.07
CA LYS A 4 2.50 15.14 -10.93
C LYS A 4 3.30 13.96 -11.48
N SER A 5 4.54 14.22 -11.90
CA SER A 5 5.41 13.18 -12.44
C SER A 5 5.94 12.27 -11.34
N LEU A 6 6.24 12.85 -10.18
CA LEU A 6 6.77 12.09 -9.05
C LEU A 6 5.76 11.05 -8.56
N ALA A 7 4.47 11.39 -8.64
CA ALA A 7 3.42 10.48 -8.20
C ALA A 7 3.36 9.24 -9.10
N VAL A 8 3.40 9.48 -10.41
CA VAL A 8 3.38 8.38 -11.38
C VAL A 8 4.51 7.40 -11.12
N GLU A 9 5.68 7.95 -10.81
CA GLU A 9 6.86 7.12 -10.52
C GLU A 9 6.64 6.31 -9.25
N GLU A 10 6.11 6.98 -8.23
CA GLU A 10 5.83 6.32 -6.95
C GLU A 10 4.81 5.20 -7.13
N LEU A 11 3.96 5.35 -8.13
CA LEU A 11 2.94 4.37 -8.43
C LEU A 11 3.45 3.29 -9.38
N SER A 12 4.50 3.63 -10.12
CA SER A 12 5.09 2.69 -11.07
C SER A 12 5.75 1.52 -10.35
N GLY A 13 6.15 1.75 -9.11
CA GLY A 13 6.79 0.72 -8.32
C GLY A 13 5.79 -0.12 -7.55
N MET A 14 4.56 0.36 -7.48
CA MET A 14 3.50 -0.35 -6.76
C MET A 14 3.19 -1.67 -7.44
N GLY A 15 2.72 -1.60 -8.69
CA GLY A 15 2.39 -2.80 -9.43
C GLY A 15 1.65 -2.52 -10.72
N PHE A 16 1.83 -1.31 -11.24
CA PHE A 16 1.17 -0.90 -12.49
C PHE A 16 2.03 0.09 -13.27
N THR A 17 1.88 0.08 -14.60
CA THR A 17 2.63 0.96 -15.47
C THR A 17 2.34 2.43 -15.17
N GLU A 18 3.11 3.31 -15.78
CA GLU A 18 2.94 4.76 -15.58
C GLU A 18 1.62 5.23 -16.18
N GLU A 19 1.04 4.42 -17.06
CA GLU A 19 -0.22 4.77 -17.71
C GLU A 19 -1.39 4.67 -16.73
N GLU A 20 -1.57 3.48 -16.16
CA GLU A 20 -2.63 3.25 -15.19
C GLU A 20 -2.58 4.29 -14.08
N ALA A 21 -1.37 4.64 -13.67
CA ALA A 21 -1.17 5.62 -12.61
C ALA A 21 -1.57 7.02 -13.10
N HIS A 22 -1.18 7.32 -14.33
CA HIS A 22 -1.48 8.62 -14.92
C HIS A 22 -2.98 8.91 -14.88
N ASN A 23 -3.77 7.95 -15.33
CA ASN A 23 -5.23 8.10 -15.34
C ASN A 23 -5.78 8.17 -13.92
N ALA A 24 -5.35 7.23 -13.09
CA ALA A 24 -5.79 7.18 -11.70
C ALA A 24 -5.61 8.53 -11.01
N LEU A 25 -4.37 9.03 -11.00
CA LEU A 25 -4.07 10.31 -10.35
C LEU A 25 -4.87 11.45 -10.97
N GLU A 26 -4.67 11.66 -12.27
CA GLU A 26 -5.31 12.75 -12.97
C GLU A 26 -6.79 12.85 -12.62
N LYS A 27 -7.55 11.83 -13.02
CA LYS A 27 -9.00 11.78 -12.78
C LYS A 27 -9.35 12.05 -11.32
N CYS A 28 -8.72 11.30 -10.41
CA CYS A 28 -8.98 11.49 -8.99
C CYS A 28 -8.57 12.87 -8.53
N ASN A 29 -7.91 13.61 -9.45
CA ASN A 29 -7.46 14.98 -9.21
C ASN A 29 -6.01 14.96 -8.75
N TRP A 30 -5.18 14.31 -9.54
CA TRP A 30 -3.76 14.16 -9.25
C TRP A 30 -3.48 13.97 -7.75
N ASP A 31 -3.58 12.72 -7.31
CA ASP A 31 -3.34 12.37 -5.91
C ASP A 31 -2.94 10.90 -5.79
N LEU A 32 -1.94 10.61 -4.96
CA LEU A 32 -1.47 9.25 -4.78
C LEU A 32 -2.56 8.30 -4.27
N GLU A 33 -2.87 8.39 -2.98
CA GLU A 33 -3.91 7.55 -2.39
C GLU A 33 -5.12 7.42 -3.30
N ALA A 34 -5.61 8.54 -3.79
CA ALA A 34 -6.77 8.55 -4.67
C ALA A 34 -6.51 7.74 -5.94
N ALA A 35 -5.29 7.84 -6.45
CA ALA A 35 -4.90 7.12 -7.66
C ALA A 35 -4.83 5.62 -7.41
N THR A 36 -4.04 5.23 -6.43
CA THR A 36 -3.92 3.82 -6.10
C THR A 36 -5.31 3.28 -5.79
N ASN A 37 -6.11 4.15 -5.17
CA ASN A 37 -7.48 3.82 -4.83
C ASN A 37 -8.30 3.65 -6.10
N PHE A 38 -7.93 4.40 -7.13
CA PHE A 38 -8.63 4.32 -8.41
C PHE A 38 -8.45 2.92 -9.00
N LEU A 39 -7.23 2.43 -8.94
CA LEU A 39 -6.92 1.10 -9.48
C LEU A 39 -7.38 0.00 -8.52
N LEU A 40 -7.58 0.36 -7.25
CA LEU A 40 -8.00 -0.60 -6.25
C LEU A 40 -9.53 -0.59 -6.04
N ASP A 41 -10.04 0.52 -5.54
CA ASP A 41 -11.46 0.66 -5.25
C ASP A 41 -12.29 1.12 -6.45
N SER A 42 -11.95 2.30 -7.00
CA SER A 42 -12.70 2.84 -8.15
C SER A 42 -13.15 1.74 -9.10
N ALA A 43 -12.19 0.96 -9.57
CA ALA A 43 -12.47 -0.13 -10.50
C ALA A 43 -13.11 -1.31 -9.77
N MET B 1 10.94 -13.76 9.26
CA MET B 1 11.12 -12.87 8.08
C MET B 1 10.56 -11.47 8.37
N GLN B 2 11.05 -10.49 7.62
CA GLN B 2 10.61 -9.11 7.81
C GLN B 2 9.92 -8.58 6.56
N ILE B 3 9.22 -7.45 6.72
CA ILE B 3 8.51 -6.82 5.61
C ILE B 3 8.70 -5.30 5.67
N PHE B 4 8.90 -4.69 4.51
CA PHE B 4 9.09 -3.24 4.43
C PHE B 4 7.82 -2.55 3.94
N VAL B 5 7.06 -1.98 4.88
CA VAL B 5 5.84 -1.28 4.56
C VAL B 5 6.12 0.17 4.22
N LYS B 6 5.94 0.52 2.95
CA LYS B 6 6.19 1.89 2.50
C LYS B 6 4.87 2.67 2.36
N THR B 7 4.87 3.90 2.86
CA THR B 7 3.70 4.76 2.78
C THR B 7 3.88 5.80 1.68
N LEU B 8 2.80 6.10 0.96
CA LEU B 8 2.86 7.08 -0.12
C LEU B 8 3.05 8.49 0.42
N THR B 9 3.18 8.59 1.73
CA THR B 9 3.38 9.89 2.38
C THR B 9 4.87 10.22 2.51
N GLY B 10 5.70 9.22 2.22
CA GLY B 10 7.14 9.41 2.31
C GLY B 10 7.71 8.89 3.61
N LYS B 11 7.36 7.66 3.96
CA LYS B 11 7.86 7.05 5.19
C LYS B 11 8.08 5.55 5.00
N THR B 12 9.18 5.05 5.53
CA THR B 12 9.51 3.63 5.43
C THR B 12 9.30 2.92 6.76
N ILE B 13 8.72 1.72 6.71
CA ILE B 13 8.47 0.94 7.92
C ILE B 13 9.03 -0.47 7.80
N THR B 14 9.58 -0.97 8.90
CA THR B 14 10.15 -2.30 8.94
C THR B 14 9.56 -3.11 10.10
N LEU B 15 8.92 -4.23 9.78
CA LEU B 15 8.31 -5.07 10.80
C LEU B 15 8.82 -6.50 10.75
N GLU B 16 8.97 -7.11 11.91
CA GLU B 16 9.43 -8.49 12.04
C GLU B 16 8.24 -9.41 12.32
N VAL B 17 7.85 -10.21 11.34
CA VAL B 17 6.72 -11.12 11.50
C VAL B 17 7.06 -12.54 11.06
N GLU B 18 6.25 -13.50 11.51
CA GLU B 18 6.46 -14.90 11.17
C GLU B 18 5.75 -15.25 9.86
N SER B 19 6.05 -16.44 9.35
CA SER B 19 5.45 -16.90 8.10
C SER B 19 4.01 -17.35 8.34
N SER B 20 3.57 -17.28 9.59
CA SER B 20 2.21 -17.69 9.95
C SER B 20 1.38 -16.48 10.37
N ASP B 21 2.02 -15.31 10.40
CA ASP B 21 1.34 -14.08 10.79
C ASP B 21 0.34 -13.66 9.73
N THR B 22 -0.81 -13.14 10.16
CA THR B 22 -1.85 -12.71 9.24
C THR B 22 -1.74 -11.23 8.93
N ILE B 23 -2.42 -10.79 7.87
CA ILE B 23 -2.40 -9.39 7.46
C ILE B 23 -3.00 -8.51 8.55
N ASP B 24 -4.05 -8.99 9.19
CA ASP B 24 -4.73 -8.25 10.24
C ASP B 24 -3.76 -7.96 11.38
N ASN B 25 -2.84 -8.89 11.63
CA ASN B 25 -1.86 -8.74 12.69
C ASN B 25 -0.88 -7.62 12.36
N VAL B 26 -0.55 -7.48 11.08
CA VAL B 26 0.39 -6.45 10.63
C VAL B 26 -0.15 -5.06 10.97
N LYS B 27 -1.36 -4.78 10.53
CA LYS B 27 -2.00 -3.48 10.75
C LYS B 27 -1.90 -3.06 12.22
N SER B 28 -2.24 -3.98 13.12
CA SER B 28 -2.19 -3.70 14.55
C SER B 28 -0.76 -3.40 15.01
N LYS B 29 0.17 -4.27 14.63
CA LYS B 29 1.57 -4.12 15.01
C LYS B 29 2.11 -2.76 14.54
N ILE B 30 1.56 -2.25 13.44
CA ILE B 30 1.99 -0.97 12.90
C ILE B 30 1.38 0.19 13.69
N GLN B 31 0.11 0.03 14.07
CA GLN B 31 -0.58 1.06 14.84
C GLN B 31 0.09 1.29 16.19
N ASP B 32 0.60 0.22 16.78
CA ASP B 32 1.27 0.30 18.07
C ASP B 32 2.73 0.72 17.90
N LYS B 33 3.23 0.60 16.67
CA LYS B 33 4.62 0.95 16.39
C LYS B 33 4.72 2.42 15.98
N GLU B 34 4.19 2.75 14.82
CA GLU B 34 4.22 4.12 14.32
C GLU B 34 3.04 4.91 14.85
N GLY B 35 1.85 4.60 14.34
CA GLY B 35 0.66 5.30 14.78
C GLY B 35 -0.38 5.42 13.68
N ILE B 36 -0.07 4.85 12.52
CA ILE B 36 -0.99 4.90 11.38
C ILE B 36 -2.31 4.19 11.71
N PRO B 37 -3.45 4.87 11.51
CA PRO B 37 -4.76 4.29 11.80
C PRO B 37 -5.00 2.98 11.04
N PRO B 38 -5.39 1.90 11.75
CA PRO B 38 -5.64 0.60 11.13
C PRO B 38 -6.84 0.61 10.18
N ASP B 39 -7.90 1.29 10.59
CA ASP B 39 -9.12 1.37 9.79
C ASP B 39 -8.97 2.37 8.64
N GLN B 40 -7.74 2.87 8.45
CA GLN B 40 -7.48 3.83 7.39
C GLN B 40 -6.32 3.36 6.51
N GLN B 41 -5.50 2.47 7.05
CA GLN B 41 -4.35 1.95 6.31
C GLN B 41 -4.68 0.63 5.63
N ARG B 42 -4.15 0.43 4.43
CA ARG B 42 -4.39 -0.78 3.67
C ARG B 42 -3.08 -1.32 3.08
N LEU B 43 -2.75 -2.55 3.42
CA LEU B 43 -1.53 -3.19 2.92
C LEU B 43 -1.73 -3.69 1.49
N ILE B 44 -0.77 -3.36 0.62
CA ILE B 44 -0.84 -3.78 -0.78
C ILE B 44 0.49 -4.38 -1.23
N PHE B 45 0.41 -5.31 -2.19
CA PHE B 45 1.61 -5.97 -2.71
C PHE B 45 1.34 -6.59 -4.07
N ALA B 46 2.35 -6.54 -4.95
CA ALA B 46 2.22 -7.09 -6.29
C ALA B 46 1.06 -6.47 -7.05
N GLY B 47 0.59 -5.33 -6.56
CA GLY B 47 -0.53 -4.65 -7.21
C GLY B 47 -1.87 -5.09 -6.66
N LYS B 48 -1.89 -6.26 -6.02
CA LYS B 48 -3.12 -6.80 -5.45
C LYS B 48 -3.26 -6.41 -3.98
N GLN B 49 -4.48 -6.10 -3.57
CA GLN B 49 -4.76 -5.71 -2.19
C GLN B 49 -4.59 -6.89 -1.24
N LEU B 50 -4.06 -6.61 -0.05
CA LEU B 50 -3.84 -7.64 0.96
C LEU B 50 -4.95 -7.60 2.01
N GLU B 51 -5.97 -8.43 1.81
CA GLU B 51 -7.10 -8.49 2.73
C GLU B 51 -6.66 -9.04 4.09
N ASP B 52 -7.45 -8.73 5.11
CA ASP B 52 -7.15 -9.19 6.47
C ASP B 52 -7.75 -10.56 6.72
N GLY B 53 -7.10 -11.34 7.58
CA GLY B 53 -7.59 -12.68 7.89
C GLY B 53 -6.74 -13.76 7.26
N ARG B 54 -6.48 -13.63 5.96
CA ARG B 54 -5.67 -14.60 5.24
C ARG B 54 -4.20 -14.49 5.65
N THR B 55 -3.44 -15.56 5.38
CA THR B 55 -2.02 -15.58 5.72
C THR B 55 -1.19 -14.89 4.64
N LEU B 56 0.13 -14.95 4.79
CA LEU B 56 1.04 -14.32 3.83
C LEU B 56 1.31 -15.26 2.66
N SER B 57 0.88 -16.51 2.79
CA SER B 57 1.09 -17.51 1.74
C SER B 57 0.05 -17.37 0.64
N ASP B 58 -1.11 -16.84 0.99
CA ASP B 58 -2.19 -16.65 0.03
C ASP B 58 -1.87 -15.53 -0.95
N TYR B 59 -0.77 -14.82 -0.71
CA TYR B 59 -0.37 -13.72 -1.57
C TYR B 59 1.08 -13.89 -2.03
N ASN B 60 1.66 -15.05 -1.76
CA ASN B 60 3.04 -15.34 -2.15
C ASN B 60 4.01 -14.30 -1.60
N ILE B 61 3.69 -13.77 -0.43
CA ILE B 61 4.53 -12.76 0.22
C ILE B 61 5.93 -13.31 0.47
N GLN B 62 6.91 -12.80 -0.27
CA GLN B 62 8.29 -13.23 -0.12
C GLN B 62 8.94 -12.60 1.11
N LYS B 63 10.18 -13.00 1.38
CA LYS B 63 10.92 -12.47 2.52
C LYS B 63 11.42 -11.06 2.23
N GLU B 64 11.36 -10.18 3.22
CA GLU B 64 11.82 -8.81 3.07
C GLU B 64 11.05 -8.10 1.96
N SER B 65 9.88 -8.65 1.63
CA SER B 65 9.04 -8.08 0.59
C SER B 65 8.66 -6.64 0.90
N THR B 66 8.77 -5.78 -0.09
CA THR B 66 8.44 -4.37 0.07
C THR B 66 6.95 -4.14 -0.14
N LEU B 67 6.20 -4.09 0.96
CA LEU B 67 4.76 -3.88 0.89
C LEU B 67 4.43 -2.40 0.77
N HIS B 68 3.15 -2.09 0.61
CA HIS B 68 2.72 -0.69 0.46
C HIS B 68 1.61 -0.37 1.46
N LEU B 69 1.45 0.92 1.73
CA LEU B 69 0.42 1.39 2.67
C LEU B 69 -0.36 2.55 2.07
N VAL B 70 -1.64 2.31 1.78
CA VAL B 70 -2.50 3.34 1.20
C VAL B 70 -3.72 3.60 2.08
N LEU B 71 -4.22 4.84 2.03
CA LEU B 71 -5.39 5.22 2.81
C LEU B 71 -6.64 4.48 2.34
N ARG B 72 -7.63 4.39 3.21
CA ARG B 72 -8.88 3.71 2.89
C ARG B 72 -9.87 4.67 2.23
N LEU B 73 -9.83 5.93 2.68
CA LEU B 73 -10.72 6.96 2.13
C LEU B 73 -12.18 6.65 2.45
N ARG B 74 -13.06 7.57 2.11
CA ARG B 74 -14.49 7.40 2.37
C ARG B 74 -15.19 6.78 1.15
N GLY B 75 -16.26 6.03 1.40
CA GLY B 75 -16.99 5.40 0.33
C GLY B 75 -17.84 4.23 0.80
N GLY B 76 -17.46 3.66 1.95
CA GLY B 76 -18.19 2.54 2.50
C GLY B 76 -18.24 2.56 4.01
N THR A 1 9.97 18.41 -7.46
CA THR A 1 9.44 18.27 -8.85
C THR A 1 7.93 18.46 -8.88
N THR A 2 7.39 18.59 -10.09
CA THR A 2 5.96 18.76 -10.28
C THR A 2 5.18 17.64 -9.59
N PRO A 3 3.97 17.93 -9.09
CA PRO A 3 3.15 16.94 -8.38
C PRO A 3 2.49 15.95 -9.33
N LYS A 4 1.99 16.44 -10.46
CA LYS A 4 1.33 15.59 -11.44
C LYS A 4 2.25 14.46 -11.88
N SER A 5 3.52 14.77 -12.06
CA SER A 5 4.51 13.76 -12.48
C SER A 5 5.04 12.97 -11.29
N LEU A 6 5.28 13.66 -10.19
CA LEU A 6 5.80 13.02 -8.98
C LEU A 6 4.91 11.87 -8.53
N ALA A 7 3.60 12.06 -8.61
CA ALA A 7 2.65 11.02 -8.22
C ALA A 7 2.77 9.81 -9.14
N VAL A 8 2.73 10.05 -10.44
CA VAL A 8 2.83 8.99 -11.43
C VAL A 8 4.14 8.22 -11.27
N GLU A 9 5.20 8.93 -10.86
CA GLU A 9 6.50 8.33 -10.67
C GLU A 9 6.49 7.41 -9.45
N GLU A 10 5.90 7.88 -8.36
CA GLU A 10 5.82 7.11 -7.12
C GLU A 10 4.95 5.87 -7.35
N LEU A 11 3.95 6.02 -8.20
CA LEU A 11 3.03 4.92 -8.50
C LEU A 11 3.67 3.90 -9.43
N SER A 12 4.77 4.30 -10.08
CA SER A 12 5.47 3.41 -11.00
C SER A 12 6.25 2.35 -10.24
N GLY A 13 6.54 2.62 -8.97
CA GLY A 13 7.27 1.68 -8.15
C GLY A 13 6.35 0.74 -7.40
N MET A 14 5.05 0.91 -7.59
CA MET A 14 4.05 0.08 -6.94
C MET A 14 3.89 -1.26 -7.66
N GLY A 15 3.54 -1.19 -8.95
CA GLY A 15 3.36 -2.40 -9.72
C GLY A 15 2.63 -2.15 -11.03
N PHE A 16 2.56 -0.88 -11.44
CA PHE A 16 1.90 -0.52 -12.68
C PHE A 16 2.66 0.58 -13.41
N THR A 17 2.60 0.54 -14.74
CA THR A 17 3.29 1.52 -15.58
C THR A 17 2.83 2.95 -15.27
N GLU A 18 3.57 3.92 -15.79
CA GLU A 18 3.25 5.33 -15.59
C GLU A 18 1.94 5.69 -16.27
N GLU A 19 1.59 4.96 -17.33
CA GLU A 19 0.36 5.20 -18.05
C GLU A 19 -0.86 4.98 -17.16
N GLU A 20 -0.99 3.76 -16.65
CA GLU A 20 -2.10 3.41 -15.78
C GLU A 20 -2.20 4.37 -14.59
N ALA A 21 -1.05 4.72 -14.03
CA ALA A 21 -1.01 5.63 -12.89
C ALA A 21 -1.45 7.02 -13.29
N HIS A 22 -1.16 7.39 -14.54
CA HIS A 22 -1.52 8.71 -15.06
C HIS A 22 -3.03 8.87 -15.12
N ASN A 23 -3.70 7.91 -15.77
CA ASN A 23 -5.15 7.95 -15.89
C ASN A 23 -5.82 7.88 -14.53
N ALA A 24 -5.36 6.96 -13.69
CA ALA A 24 -5.90 6.79 -12.35
C ALA A 24 -5.90 8.11 -11.58
N LEU A 25 -4.75 8.78 -11.56
CA LEU A 25 -4.61 10.04 -10.86
C LEU A 25 -5.57 11.09 -11.41
N GLU A 26 -5.41 11.40 -12.69
CA GLU A 26 -6.22 12.41 -13.34
C GLU A 26 -7.68 12.27 -12.99
N LYS A 27 -8.28 11.15 -13.40
CA LYS A 27 -9.70 10.88 -13.14
C LYS A 27 -10.04 11.06 -11.66
N CYS A 28 -9.29 10.38 -10.80
CA CYS A 28 -9.52 10.47 -9.36
C CYS A 28 -9.34 11.90 -8.87
N ASN A 29 -8.85 12.76 -9.77
CA ASN A 29 -8.62 14.18 -9.51
C ASN A 29 -7.18 14.39 -9.09
N TRP A 30 -6.28 13.87 -9.93
CA TRP A 30 -4.84 13.95 -9.68
C TRP A 30 -4.50 13.66 -8.22
N ASP A 31 -5.23 12.72 -7.63
CA ASP A 31 -5.01 12.34 -6.24
C ASP A 31 -4.14 11.07 -6.17
N LEU A 32 -3.18 11.07 -5.26
CA LEU A 32 -2.28 9.92 -5.12
C LEU A 32 -2.97 8.71 -4.51
N GLU A 33 -3.38 8.82 -3.24
CA GLU A 33 -4.04 7.71 -2.57
C GLU A 33 -5.23 7.19 -3.39
N ALA A 34 -5.95 8.11 -4.03
CA ALA A 34 -7.09 7.74 -4.85
C ALA A 34 -6.64 6.93 -6.07
N ALA A 35 -5.47 7.30 -6.60
CA ALA A 35 -4.91 6.60 -7.75
C ALA A 35 -4.58 5.16 -7.38
N THR A 36 -3.84 4.99 -6.29
CA THR A 36 -3.48 3.66 -5.83
C THR A 36 -4.75 2.84 -5.61
N ASN A 37 -5.71 3.45 -4.93
CA ASN A 37 -6.98 2.80 -4.65
C ASN A 37 -7.68 2.45 -5.95
N PHE A 38 -7.41 3.25 -6.99
CA PHE A 38 -8.01 3.03 -8.31
C PHE A 38 -7.50 1.71 -8.90
N LEU A 39 -6.18 1.54 -8.92
CA LEU A 39 -5.57 0.32 -9.44
C LEU A 39 -5.99 -0.90 -8.63
N LEU A 40 -6.41 -0.67 -7.38
CA LEU A 40 -6.82 -1.76 -6.50
C LEU A 40 -8.25 -2.21 -6.82
N ASP A 41 -9.20 -1.29 -6.67
CA ASP A 41 -10.61 -1.59 -6.94
C ASP A 41 -11.00 -1.28 -8.38
N SER A 42 -10.98 0.00 -8.74
CA SER A 42 -11.33 0.44 -10.08
C SER A 42 -10.61 -0.39 -11.15
N ALA A 43 -11.38 -1.20 -11.86
CA ALA A 43 -10.82 -2.05 -12.92
C ALA A 43 -9.76 -2.99 -12.35
N MET B 1 9.96 -13.97 9.60
CA MET B 1 10.18 -13.23 8.33
C MET B 1 10.03 -11.73 8.54
N GLN B 2 10.95 -10.97 7.94
CA GLN B 2 10.92 -9.51 8.05
C GLN B 2 10.30 -8.88 6.81
N ILE B 3 9.66 -7.74 6.99
CA ILE B 3 9.02 -7.02 5.89
C ILE B 3 9.35 -5.53 5.94
N PHE B 4 9.27 -4.87 4.79
CA PHE B 4 9.56 -3.45 4.72
C PHE B 4 8.36 -2.67 4.17
N VAL B 5 7.64 -2.01 5.06
CA VAL B 5 6.47 -1.23 4.68
C VAL B 5 6.89 0.10 4.05
N LYS B 6 6.15 0.52 3.03
CA LYS B 6 6.44 1.78 2.35
C LYS B 6 5.21 2.66 2.27
N THR B 7 5.10 3.60 3.22
CA THR B 7 3.97 4.53 3.24
C THR B 7 3.93 5.36 1.97
N LEU B 8 2.71 5.65 1.50
CA LEU B 8 2.53 6.42 0.28
C LEU B 8 2.89 7.90 0.51
N THR B 9 3.30 8.22 1.73
CA THR B 9 3.68 9.58 2.07
C THR B 9 5.18 9.80 1.83
N GLY B 10 5.96 8.75 2.07
CA GLY B 10 7.40 8.84 1.87
C GLY B 10 8.18 8.41 3.09
N LYS B 11 7.80 7.27 3.67
CA LYS B 11 8.48 6.75 4.85
C LYS B 11 8.58 5.22 4.80
N THR B 12 9.67 4.68 5.34
CA THR B 12 9.89 3.25 5.35
C THR B 12 9.87 2.70 6.77
N ILE B 13 9.31 1.50 6.94
CA ILE B 13 9.22 0.88 8.26
C ILE B 13 9.63 -0.60 8.18
N THR B 14 10.28 -1.07 9.24
CA THR B 14 10.72 -2.46 9.30
C THR B 14 9.97 -3.22 10.39
N LEU B 15 9.32 -4.32 10.00
CA LEU B 15 8.56 -5.13 10.95
C LEU B 15 8.95 -6.59 10.88
N GLU B 16 8.87 -7.27 12.01
CA GLU B 16 9.21 -8.69 12.09
C GLU B 16 7.95 -9.51 12.29
N VAL B 17 7.42 -10.08 11.21
CA VAL B 17 6.21 -10.88 11.28
C VAL B 17 6.49 -12.35 10.97
N GLU B 18 5.44 -13.16 10.91
CA GLU B 18 5.58 -14.58 10.62
C GLU B 18 4.63 -15.02 9.51
N SER B 19 4.95 -16.13 8.88
CA SER B 19 4.12 -16.66 7.80
C SER B 19 2.78 -17.15 8.33
N SER B 20 2.68 -17.29 9.65
CA SER B 20 1.45 -17.74 10.28
C SER B 20 0.58 -16.56 10.67
N ASP B 21 1.19 -15.38 10.73
CA ASP B 21 0.46 -14.16 11.08
C ASP B 21 -0.43 -13.70 9.94
N THR B 22 -1.65 -13.30 10.27
CA THR B 22 -2.62 -12.84 9.26
C THR B 22 -2.30 -11.42 8.80
N ILE B 23 -3.14 -10.88 7.93
CA ILE B 23 -2.96 -9.53 7.41
C ILE B 23 -3.34 -8.49 8.45
N ASP B 24 -4.53 -8.64 9.03
CA ASP B 24 -5.01 -7.71 10.05
C ASP B 24 -4.03 -7.61 11.21
N ASN B 25 -3.45 -8.73 11.59
CA ASN B 25 -2.49 -8.78 12.69
C ASN B 25 -1.34 -7.82 12.42
N VAL B 26 -0.84 -7.83 11.20
CA VAL B 26 0.26 -6.95 10.81
C VAL B 26 -0.15 -5.48 10.96
N LYS B 27 -1.40 -5.19 10.64
CA LYS B 27 -1.92 -3.83 10.75
C LYS B 27 -1.77 -3.32 12.19
N SER B 28 -2.08 -4.19 13.14
CA SER B 28 -1.97 -3.84 14.56
C SER B 28 -0.52 -3.60 14.93
N LYS B 29 0.37 -4.51 14.52
CA LYS B 29 1.79 -4.38 14.81
C LYS B 29 2.32 -3.05 14.31
N ILE B 30 1.79 -2.58 13.18
CA ILE B 30 2.20 -1.31 12.61
C ILE B 30 1.66 -0.16 13.45
N GLN B 31 0.41 -0.30 13.92
CA GLN B 31 -0.22 0.72 14.73
C GLN B 31 0.60 0.97 15.99
N ASP B 32 1.20 -0.10 16.52
CA ASP B 32 2.02 0.01 17.72
C ASP B 32 3.47 0.31 17.36
N LYS B 33 3.81 0.16 16.09
CA LYS B 33 5.17 0.41 15.62
C LYS B 33 5.36 1.90 15.32
N GLU B 34 4.68 2.37 14.27
CA GLU B 34 4.78 3.77 13.87
C GLU B 34 3.70 4.60 14.54
N GLY B 35 2.44 4.27 14.27
CA GLY B 35 1.32 4.98 14.85
C GLY B 35 0.19 5.19 13.86
N ILE B 36 0.34 4.61 12.67
CA ILE B 36 -0.66 4.72 11.63
C ILE B 36 -1.93 3.93 12.01
N PRO B 37 -3.09 4.61 12.10
CA PRO B 37 -4.35 3.95 12.47
C PRO B 37 -4.67 2.74 11.58
N PRO B 38 -5.33 1.71 12.15
CA PRO B 38 -5.69 0.49 11.40
C PRO B 38 -6.71 0.77 10.30
N ASP B 39 -7.74 1.54 10.65
CA ASP B 39 -8.80 1.88 9.70
C ASP B 39 -8.32 2.95 8.71
N GLN B 40 -7.02 3.23 8.74
CA GLN B 40 -6.43 4.23 7.85
C GLN B 40 -5.26 3.64 7.08
N GLN B 41 -4.74 2.53 7.57
CA GLN B 41 -3.60 1.88 6.92
C GLN B 41 -4.03 0.69 6.06
N ARG B 42 -3.47 0.59 4.87
CA ARG B 42 -3.78 -0.50 3.94
C ARG B 42 -2.48 -1.13 3.42
N LEU B 43 -2.41 -2.45 3.48
CA LEU B 43 -1.21 -3.17 3.02
C LEU B 43 -1.34 -3.60 1.56
N ILE B 44 -0.39 -3.18 0.74
CA ILE B 44 -0.39 -3.53 -0.68
C ILE B 44 0.92 -4.20 -1.08
N PHE B 45 0.83 -5.23 -1.91
CA PHE B 45 2.01 -5.96 -2.37
C PHE B 45 1.87 -6.36 -3.83
N ALA B 46 2.90 -6.09 -4.62
CA ALA B 46 2.91 -6.42 -6.04
C ALA B 46 1.73 -5.78 -6.76
N GLY B 47 1.10 -4.81 -6.11
CA GLY B 47 -0.04 -4.14 -6.71
C GLY B 47 -1.35 -4.84 -6.40
N LYS B 48 -1.41 -5.48 -5.24
CA LYS B 48 -2.61 -6.19 -4.81
C LYS B 48 -2.98 -5.82 -3.38
N GLN B 49 -4.25 -5.51 -3.16
CA GLN B 49 -4.73 -5.14 -1.84
C GLN B 49 -4.90 -6.38 -0.95
N LEU B 50 -4.08 -6.45 0.09
CA LEU B 50 -4.13 -7.58 1.03
C LEU B 50 -5.33 -7.46 1.96
N GLU B 51 -6.37 -8.23 1.69
CA GLU B 51 -7.58 -8.21 2.51
C GLU B 51 -7.30 -8.76 3.91
N ASP B 52 -8.06 -8.28 4.89
CA ASP B 52 -7.89 -8.73 6.27
C ASP B 52 -8.55 -10.09 6.47
N GLY B 53 -8.00 -10.87 7.39
CA GLY B 53 -8.56 -12.19 7.67
C GLY B 53 -7.68 -13.31 7.16
N ARG B 54 -7.18 -13.15 5.94
CA ARG B 54 -6.32 -14.17 5.33
C ARG B 54 -4.89 -14.04 5.83
N THR B 55 -4.03 -14.93 5.36
CA THR B 55 -2.62 -14.92 5.76
C THR B 55 -1.73 -14.35 4.67
N LEU B 56 -0.42 -14.41 4.89
CA LEU B 56 0.55 -13.89 3.92
C LEU B 56 0.71 -14.84 2.75
N SER B 57 0.61 -16.14 3.04
CA SER B 57 0.76 -17.16 2.00
C SER B 57 -0.42 -17.15 1.03
N ASP B 58 -1.55 -16.61 1.49
CA ASP B 58 -2.75 -16.53 0.65
C ASP B 58 -2.51 -15.61 -0.54
N TYR B 59 -1.50 -14.75 -0.44
CA TYR B 59 -1.17 -13.82 -1.51
C TYR B 59 0.28 -13.99 -1.95
N ASN B 60 0.95 -15.00 -1.40
CA ASN B 60 2.34 -15.29 -1.74
C ASN B 60 3.24 -14.09 -1.45
N ILE B 61 3.82 -14.07 -0.25
CA ILE B 61 4.70 -12.99 0.17
C ILE B 61 6.07 -13.53 0.58
N GLN B 62 7.09 -13.28 -0.23
CA GLN B 62 8.43 -13.74 0.06
C GLN B 62 9.01 -13.05 1.30
N LYS B 63 10.28 -13.32 1.57
CA LYS B 63 10.96 -12.74 2.72
C LYS B 63 11.52 -11.36 2.37
N GLU B 64 11.56 -10.47 3.35
CA GLU B 64 12.07 -9.11 3.15
C GLU B 64 11.29 -8.39 2.06
N SER B 65 10.09 -8.86 1.77
CA SER B 65 9.24 -8.25 0.75
C SER B 65 8.95 -6.79 1.10
N THR B 66 8.75 -5.98 0.07
CA THR B 66 8.47 -4.56 0.27
C THR B 66 6.98 -4.27 0.11
N LEU B 67 6.30 -4.06 1.23
CA LEU B 67 4.87 -3.76 1.22
C LEU B 67 4.62 -2.26 1.13
N HIS B 68 3.36 -1.87 0.96
CA HIS B 68 3.02 -0.45 0.85
C HIS B 68 1.91 -0.09 1.83
N LEU B 69 2.00 1.13 2.36
CA LEU B 69 1.00 1.62 3.31
C LEU B 69 0.21 2.77 2.69
N VAL B 70 -1.06 2.52 2.38
CA VAL B 70 -1.92 3.53 1.78
C VAL B 70 -3.14 3.80 2.66
N LEU B 71 -3.68 5.00 2.54
CA LEU B 71 -4.86 5.39 3.32
C LEU B 71 -6.08 4.58 2.90
N ARG B 72 -6.84 4.11 3.89
CA ARG B 72 -8.04 3.33 3.61
C ARG B 72 -8.90 4.01 2.56
N LEU B 73 -9.04 5.33 2.68
CA LEU B 73 -9.82 6.12 1.74
C LEU B 73 -11.29 5.72 1.77
N ARG B 74 -12.16 6.56 1.21
CA ARG B 74 -13.58 6.29 1.17
C ARG B 74 -13.97 5.58 -0.13
N GLY B 75 -13.54 6.15 -1.26
CA GLY B 75 -13.85 5.55 -2.55
C GLY B 75 -14.37 6.57 -3.54
N GLY B 76 -15.27 7.44 -3.08
CA GLY B 76 -15.84 8.45 -3.95
C GLY B 76 -17.05 9.12 -3.34
N THR A 1 12.14 19.25 -8.24
CA THR A 1 11.34 18.35 -9.10
C THR A 1 9.85 18.65 -9.00
N THR A 2 9.09 18.15 -9.96
CA THR A 2 7.65 18.36 -9.99
C THR A 2 6.91 17.25 -9.24
N PRO A 3 5.82 17.59 -8.53
CA PRO A 3 5.04 16.61 -7.77
C PRO A 3 4.18 15.72 -8.66
N LYS A 4 3.88 16.21 -9.87
CA LYS A 4 3.06 15.46 -10.81
C LYS A 4 3.79 14.21 -11.29
N SER A 5 5.09 14.33 -11.51
CA SER A 5 5.89 13.20 -11.96
C SER A 5 6.24 12.28 -10.79
N LEU A 6 6.49 12.87 -9.63
CA LEU A 6 6.83 12.10 -8.43
C LEU A 6 5.71 11.14 -8.05
N ALA A 7 4.47 11.56 -8.29
CA ALA A 7 3.31 10.72 -7.97
C ALA A 7 3.29 9.50 -8.88
N VAL A 8 3.46 9.73 -10.18
CA VAL A 8 3.45 8.66 -11.16
C VAL A 8 4.69 7.76 -11.00
N GLU A 9 5.79 8.37 -10.57
CA GLU A 9 7.04 7.65 -10.37
C GLU A 9 6.99 6.76 -9.12
N GLU A 10 6.41 7.30 -8.05
CA GLU A 10 6.29 6.55 -6.80
C GLU A 10 5.31 5.40 -6.96
N LEU A 11 4.25 5.63 -7.73
CA LEU A 11 3.24 4.60 -7.97
C LEU A 11 3.76 3.55 -8.93
N SER A 12 4.54 3.98 -9.92
CA SER A 12 5.11 3.07 -10.92
C SER A 12 5.92 1.96 -10.26
N GLY A 13 6.50 2.27 -9.09
CA GLY A 13 7.29 1.28 -8.38
C GLY A 13 6.47 0.47 -7.40
N MET A 14 5.22 0.19 -7.77
CA MET A 14 4.34 -0.59 -6.90
C MET A 14 3.85 -1.84 -7.62
N GLY A 15 3.18 -1.66 -8.76
CA GLY A 15 2.67 -2.79 -9.52
C GLY A 15 1.92 -2.37 -10.76
N PHE A 16 2.11 -1.12 -11.18
CA PHE A 16 1.43 -0.61 -12.36
C PHE A 16 2.32 0.38 -13.11
N THR A 17 2.17 0.41 -14.43
CA THR A 17 2.95 1.31 -15.27
C THR A 17 2.67 2.77 -14.96
N GLU A 18 3.48 3.67 -15.51
CA GLU A 18 3.32 5.11 -15.28
C GLU A 18 2.02 5.60 -15.91
N GLU A 19 1.52 4.87 -16.90
CA GLU A 19 0.28 5.25 -17.57
C GLU A 19 -0.91 5.04 -16.65
N GLU A 20 -1.03 3.83 -16.11
CA GLU A 20 -2.13 3.50 -15.20
C GLU A 20 -2.14 4.43 -14.00
N ALA A 21 -0.94 4.77 -13.53
CA ALA A 21 -0.80 5.66 -12.38
C ALA A 21 -1.24 7.08 -12.73
N HIS A 22 -0.87 7.52 -13.92
CA HIS A 22 -1.22 8.86 -14.38
C HIS A 22 -2.74 9.05 -14.41
N ASN A 23 -3.43 8.11 -15.03
CA ASN A 23 -4.89 8.17 -15.12
C ASN A 23 -5.53 8.11 -13.74
N ALA A 24 -5.05 7.18 -12.93
CA ALA A 24 -5.56 7.00 -11.57
C ALA A 24 -5.50 8.31 -10.78
N LEU A 25 -4.32 8.90 -10.72
CA LEU A 25 -4.12 10.16 -9.98
C LEU A 25 -5.01 11.27 -10.51
N GLU A 26 -4.84 11.58 -11.80
CA GLU A 26 -5.58 12.65 -12.43
C GLU A 26 -7.06 12.59 -12.08
N LYS A 27 -7.71 11.51 -12.52
CA LYS A 27 -9.15 11.32 -12.29
C LYS A 27 -9.50 11.49 -10.80
N CYS A 28 -8.82 10.75 -9.95
CA CYS A 28 -9.06 10.83 -8.51
C CYS A 28 -8.83 12.25 -8.00
N ASN A 29 -8.25 13.08 -8.88
CA ASN A 29 -7.96 14.50 -8.60
C ASN A 29 -6.53 14.62 -8.11
N TRP A 30 -5.62 14.08 -8.92
CA TRP A 30 -4.19 14.09 -8.60
C TRP A 30 -3.95 13.83 -7.10
N ASP A 31 -3.96 12.56 -6.73
CA ASP A 31 -3.75 12.15 -5.33
C ASP A 31 -3.20 10.73 -5.28
N LEU A 32 -2.16 10.53 -4.45
CA LEU A 32 -1.52 9.24 -4.33
C LEU A 32 -2.46 8.15 -3.79
N GLU A 33 -2.76 8.20 -2.50
CA GLU A 33 -3.64 7.20 -1.87
C GLU A 33 -4.91 6.99 -2.69
N ALA A 34 -5.40 8.06 -3.30
CA ALA A 34 -6.61 7.97 -4.11
C ALA A 34 -6.34 7.19 -5.39
N ALA A 35 -5.17 7.43 -5.98
CA ALA A 35 -4.77 6.74 -7.21
C ALA A 35 -4.64 5.25 -6.96
N THR A 36 -3.89 4.88 -5.92
CA THR A 36 -3.70 3.48 -5.58
C THR A 36 -5.03 2.84 -5.23
N ASN A 37 -5.78 3.50 -4.34
CA ASN A 37 -7.09 2.99 -3.93
C ASN A 37 -7.97 2.76 -5.15
N PHE A 38 -7.78 3.58 -6.17
CA PHE A 38 -8.54 3.46 -7.41
C PHE A 38 -8.07 2.27 -8.23
N LEU A 39 -6.78 2.24 -8.55
CA LEU A 39 -6.20 1.15 -9.33
C LEU A 39 -6.57 -0.20 -8.74
N LEU A 40 -6.83 -0.23 -7.45
CA LEU A 40 -7.21 -1.46 -6.77
C LEU A 40 -8.60 -1.89 -7.20
N ASP A 41 -9.58 -1.00 -7.02
CA ASP A 41 -10.96 -1.29 -7.38
C ASP A 41 -11.28 -0.79 -8.79
N SER A 42 -11.28 0.55 -8.95
CA SER A 42 -11.58 1.19 -10.22
C SER A 42 -12.72 0.49 -10.96
N ALA A 43 -13.95 0.93 -10.70
CA ALA A 43 -15.13 0.34 -11.33
C ALA A 43 -15.57 1.17 -12.53
N MET B 1 10.76 -13.63 9.16
CA MET B 1 10.79 -12.81 7.91
C MET B 1 10.50 -11.35 8.21
N GLN B 2 10.83 -10.48 7.27
CA GLN B 2 10.60 -9.05 7.43
C GLN B 2 10.07 -8.43 6.14
N ILE B 3 9.38 -7.30 6.29
CA ILE B 3 8.82 -6.60 5.13
C ILE B 3 9.07 -5.10 5.23
N PHE B 4 9.06 -4.42 4.09
CA PHE B 4 9.29 -2.97 4.06
C PHE B 4 8.06 -2.24 3.53
N VAL B 5 7.21 -1.79 4.46
CA VAL B 5 6.01 -1.05 4.08
C VAL B 5 6.35 0.28 3.41
N LYS B 6 5.52 0.70 2.47
CA LYS B 6 5.74 1.95 1.77
C LYS B 6 4.51 2.85 1.82
N THR B 7 4.62 3.95 2.56
CA THR B 7 3.52 4.91 2.67
C THR B 7 3.61 5.94 1.55
N LEU B 8 2.47 6.40 1.06
CA LEU B 8 2.44 7.38 -0.02
C LEU B 8 3.09 8.69 0.41
N THR B 9 3.18 8.90 1.72
CA THR B 9 3.79 10.10 2.26
C THR B 9 5.29 10.13 1.96
N GLY B 10 5.86 8.94 1.75
CA GLY B 10 7.28 8.84 1.46
C GLY B 10 8.07 8.27 2.63
N LYS B 11 7.63 7.13 3.14
CA LYS B 11 8.30 6.49 4.26
C LYS B 11 8.40 4.98 4.06
N THR B 12 9.49 4.38 4.53
CA THR B 12 9.69 2.95 4.41
C THR B 12 9.79 2.31 5.78
N ILE B 13 8.69 1.69 6.23
CA ILE B 13 8.65 1.05 7.53
C ILE B 13 9.18 -0.38 7.46
N THR B 14 10.05 -0.73 8.40
CA THR B 14 10.62 -2.07 8.47
C THR B 14 10.03 -2.85 9.63
N LEU B 15 9.27 -3.89 9.32
CA LEU B 15 8.63 -4.70 10.35
C LEU B 15 9.09 -6.16 10.25
N GLU B 16 9.09 -6.85 11.38
CA GLU B 16 9.50 -8.25 11.43
C GLU B 16 8.33 -9.13 11.88
N VAL B 17 7.88 -10.00 10.97
CA VAL B 17 6.78 -10.90 11.27
C VAL B 17 7.09 -12.32 10.81
N GLU B 18 6.08 -13.19 10.84
CA GLU B 18 6.24 -14.57 10.42
C GLU B 18 5.32 -14.91 9.25
N SER B 19 5.57 -16.05 8.62
CA SER B 19 4.76 -16.48 7.49
C SER B 19 3.38 -16.95 7.95
N SER B 20 3.26 -17.23 9.25
CA SER B 20 1.99 -17.68 9.82
C SER B 20 1.19 -16.51 10.35
N ASP B 21 1.83 -15.35 10.46
CA ASP B 21 1.16 -14.15 10.95
C ASP B 21 -0.02 -13.77 10.06
N THR B 22 -1.03 -13.14 10.64
CA THR B 22 -2.21 -12.73 9.89
C THR B 22 -2.05 -11.31 9.35
N ILE B 23 -3.00 -10.90 8.51
CA ILE B 23 -2.98 -9.57 7.91
C ILE B 23 -3.29 -8.48 8.94
N ASP B 24 -4.46 -8.59 9.56
CA ASP B 24 -4.88 -7.61 10.57
C ASP B 24 -3.80 -7.41 11.62
N ASN B 25 -3.13 -8.49 11.99
CA ASN B 25 -2.07 -8.42 12.99
C ASN B 25 -1.01 -7.41 12.57
N VAL B 26 -0.62 -7.48 11.31
CA VAL B 26 0.37 -6.56 10.76
C VAL B 26 -0.11 -5.12 10.88
N LYS B 27 -1.38 -4.91 10.54
CA LYS B 27 -1.98 -3.57 10.62
C LYS B 27 -1.76 -2.97 12.00
N SER B 28 -1.96 -3.78 13.03
CA SER B 28 -1.78 -3.34 14.41
C SER B 28 -0.33 -2.96 14.69
N LYS B 29 0.59 -3.85 14.29
CA LYS B 29 2.02 -3.61 14.48
C LYS B 29 2.43 -2.30 13.83
N ILE B 30 1.76 -1.94 12.74
CA ILE B 30 2.07 -0.71 12.02
C ILE B 30 1.49 0.49 12.77
N GLN B 31 0.32 0.31 13.36
CA GLN B 31 -0.34 1.37 14.10
C GLN B 31 0.53 1.80 15.29
N ASP B 32 1.14 0.83 15.95
CA ASP B 32 1.99 1.12 17.10
C ASP B 32 3.39 1.53 16.64
N LYS B 33 3.71 1.26 15.38
CA LYS B 33 5.00 1.61 14.81
C LYS B 33 5.02 3.09 14.42
N GLU B 34 3.89 3.58 13.91
CA GLU B 34 3.78 4.97 13.50
C GLU B 34 2.52 5.61 14.08
N GLY B 35 1.36 5.16 13.61
CA GLY B 35 0.11 5.71 14.10
C GLY B 35 -0.98 5.72 13.05
N ILE B 36 -0.70 5.16 11.88
CA ILE B 36 -1.67 5.11 10.80
C ILE B 36 -2.91 4.31 11.22
N PRO B 37 -4.12 4.88 11.04
CA PRO B 37 -5.37 4.19 11.41
C PRO B 37 -5.51 2.81 10.75
N PRO B 38 -5.80 1.76 11.55
CA PRO B 38 -5.97 0.40 11.04
C PRO B 38 -7.26 0.21 10.25
N ASP B 39 -8.29 0.96 10.64
CA ASP B 39 -9.60 0.87 9.99
C ASP B 39 -9.60 1.62 8.66
N GLN B 40 -8.46 2.22 8.32
CA GLN B 40 -8.35 2.98 7.08
C GLN B 40 -7.22 2.44 6.20
N GLN B 41 -6.09 2.15 6.83
CA GLN B 41 -4.93 1.64 6.11
C GLN B 41 -5.18 0.25 5.53
N ARG B 42 -4.41 -0.10 4.51
CA ARG B 42 -4.53 -1.40 3.86
C ARG B 42 -3.18 -1.85 3.30
N LEU B 43 -2.93 -3.15 3.34
CA LEU B 43 -1.67 -3.71 2.86
C LEU B 43 -1.79 -4.17 1.41
N ILE B 44 -0.85 -3.75 0.57
CA ILE B 44 -0.84 -4.13 -0.84
C ILE B 44 0.50 -4.76 -1.21
N PHE B 45 0.43 -5.83 -2.01
CA PHE B 45 1.63 -6.52 -2.44
C PHE B 45 1.56 -6.91 -3.91
N ALA B 46 2.62 -6.61 -4.65
CA ALA B 46 2.69 -6.92 -6.08
C ALA B 46 1.51 -6.32 -6.83
N GLY B 47 0.86 -5.33 -6.23
CA GLY B 47 -0.27 -4.68 -6.86
C GLY B 47 -1.60 -5.17 -6.30
N LYS B 48 -1.63 -6.43 -5.87
CA LYS B 48 -2.85 -7.01 -5.31
C LYS B 48 -2.90 -6.82 -3.80
N GLN B 49 -3.97 -6.16 -3.34
CA GLN B 49 -4.14 -5.90 -1.91
C GLN B 49 -4.50 -7.18 -1.16
N LEU B 50 -4.19 -7.20 0.12
CA LEU B 50 -4.47 -8.36 0.96
C LEU B 50 -5.64 -8.09 1.89
N GLU B 51 -6.66 -8.94 1.82
CA GLU B 51 -7.84 -8.80 2.66
C GLU B 51 -7.59 -9.33 4.07
N ASP B 52 -8.12 -8.63 5.06
CA ASP B 52 -7.95 -9.04 6.46
C ASP B 52 -8.55 -10.41 6.69
N GLY B 53 -8.12 -11.07 7.77
CA GLY B 53 -8.64 -12.39 8.08
C GLY B 53 -7.85 -13.50 7.41
N ARG B 54 -7.33 -13.23 6.22
CA ARG B 54 -6.56 -14.22 5.49
C ARG B 54 -5.11 -14.26 5.98
N THR B 55 -4.32 -15.18 5.43
CA THR B 55 -2.93 -15.33 5.82
C THR B 55 -2.00 -14.78 4.73
N LEU B 56 -0.79 -14.39 5.14
CA LEU B 56 0.20 -13.85 4.22
C LEU B 56 0.61 -14.89 3.18
N SER B 57 0.26 -16.15 3.44
CA SER B 57 0.60 -17.24 2.53
C SER B 57 -0.39 -17.33 1.38
N ASP B 58 -1.58 -16.78 1.59
CA ASP B 58 -2.62 -16.81 0.56
C ASP B 58 -2.31 -15.84 -0.57
N TYR B 59 -1.22 -15.08 -0.43
CA TYR B 59 -0.83 -14.12 -1.44
C TYR B 59 0.62 -14.33 -1.88
N ASN B 60 1.31 -15.26 -1.24
CA ASN B 60 2.70 -15.56 -1.56
C ASN B 60 3.56 -14.32 -1.41
N ILE B 61 4.22 -14.18 -0.27
CA ILE B 61 5.07 -13.03 0.00
C ILE B 61 6.50 -13.47 0.29
N GLN B 62 7.46 -12.87 -0.42
CA GLN B 62 8.87 -13.20 -0.25
C GLN B 62 9.46 -12.49 0.98
N LYS B 63 10.72 -12.76 1.25
CA LYS B 63 11.42 -12.15 2.38
C LYS B 63 11.97 -10.78 2.01
N GLU B 64 11.97 -9.86 2.97
CA GLU B 64 12.47 -8.50 2.74
C GLU B 64 11.74 -7.84 1.58
N SER B 65 10.55 -8.34 1.28
CA SER B 65 9.74 -7.81 0.19
C SER B 65 9.32 -6.37 0.47
N THR B 66 8.58 -5.79 -0.46
CA THR B 66 8.10 -4.42 -0.34
C THR B 66 6.58 -4.36 -0.29
N LEU B 67 6.06 -3.85 0.81
CA LEU B 67 4.61 -3.72 1.00
C LEU B 67 4.17 -2.27 0.81
N HIS B 68 2.88 -2.07 0.62
CA HIS B 68 2.34 -0.72 0.43
C HIS B 68 1.17 -0.47 1.38
N LEU B 69 1.27 0.62 2.15
CA LEU B 69 0.24 0.97 3.10
C LEU B 69 -0.59 2.15 2.57
N VAL B 70 -1.81 1.86 2.13
CA VAL B 70 -2.69 2.90 1.59
C VAL B 70 -3.98 3.00 2.38
N LEU B 71 -4.52 4.22 2.46
CA LEU B 71 -5.76 4.46 3.19
C LEU B 71 -6.98 4.13 2.34
N ARG B 72 -8.12 3.93 2.99
CA ARG B 72 -9.37 3.60 2.30
C ARG B 72 -10.16 4.86 1.98
N LEU B 73 -10.11 5.84 2.88
CA LEU B 73 -10.81 7.10 2.71
C LEU B 73 -12.33 6.89 2.70
N ARG B 74 -13.06 7.97 2.95
CA ARG B 74 -14.52 7.91 2.98
C ARG B 74 -15.12 9.25 2.55
N GLY B 75 -15.86 9.23 1.44
CA GLY B 75 -16.48 10.45 0.95
C GLY B 75 -17.39 10.19 -0.23
N GLY B 76 -16.88 9.50 -1.25
CA GLY B 76 -17.67 9.20 -2.43
C GLY B 76 -18.22 7.79 -2.41
N THR A 1 10.41 20.37 -11.20
CA THR A 1 9.55 19.15 -11.22
C THR A 1 8.08 19.52 -11.17
N THR A 2 7.22 18.51 -11.11
CA THR A 2 5.78 18.73 -11.07
C THR A 2 5.09 17.62 -10.27
N PRO A 3 4.02 17.96 -9.52
CA PRO A 3 3.27 16.98 -8.72
C PRO A 3 2.61 15.91 -9.57
N LYS A 4 1.91 16.36 -10.60
CA LYS A 4 1.21 15.45 -11.51
C LYS A 4 2.09 14.29 -11.94
N SER A 5 3.33 14.59 -12.33
CA SER A 5 4.26 13.55 -12.76
C SER A 5 4.81 12.77 -11.58
N LEU A 6 5.00 13.46 -10.45
CA LEU A 6 5.53 12.82 -9.25
C LEU A 6 4.64 11.67 -8.80
N ALA A 7 3.32 11.89 -8.84
CA ALA A 7 2.37 10.87 -8.44
C ALA A 7 2.49 9.64 -9.33
N VAL A 8 2.60 9.88 -10.63
CA VAL A 8 2.74 8.78 -11.60
C VAL A 8 4.03 8.00 -11.35
N GLU A 9 5.07 8.71 -10.92
CA GLU A 9 6.35 8.08 -10.64
C GLU A 9 6.26 7.22 -9.38
N GLU A 10 5.60 7.75 -8.36
CA GLU A 10 5.42 7.04 -7.10
C GLU A 10 4.54 5.82 -7.31
N LEU A 11 3.65 5.89 -8.28
CA LEU A 11 2.75 4.79 -8.59
C LEU A 11 3.46 3.74 -9.44
N SER A 12 4.32 4.20 -10.35
CA SER A 12 5.06 3.30 -11.23
C SER A 12 6.03 2.43 -10.44
N GLY A 13 6.23 2.77 -9.17
CA GLY A 13 7.13 2.00 -8.32
C GLY A 13 6.40 1.14 -7.31
N MET A 14 5.09 1.02 -7.48
CA MET A 14 4.28 0.21 -6.58
C MET A 14 4.05 -1.19 -7.15
N GLY A 15 3.63 -1.25 -8.40
CA GLY A 15 3.37 -2.52 -9.05
C GLY A 15 2.64 -2.38 -10.37
N PHE A 16 2.69 -1.19 -10.95
CA PHE A 16 2.03 -0.93 -12.22
C PHE A 16 2.82 0.08 -13.05
N THR A 17 2.36 0.30 -14.28
CA THR A 17 3.02 1.23 -15.20
C THR A 17 2.57 2.67 -14.96
N GLU A 18 3.19 3.59 -15.67
CA GLU A 18 2.86 5.00 -15.55
C GLU A 18 1.52 5.31 -16.21
N GLU A 19 1.11 4.47 -17.15
CA GLU A 19 -0.14 4.64 -17.85
C GLU A 19 -1.33 4.46 -16.90
N GLU A 20 -1.45 3.25 -16.35
CA GLU A 20 -2.52 2.95 -15.42
C GLU A 20 -2.56 3.96 -14.28
N ALA A 21 -1.38 4.49 -13.93
CA ALA A 21 -1.26 5.48 -12.88
C ALA A 21 -1.81 6.83 -13.34
N HIS A 22 -1.58 7.13 -14.62
CA HIS A 22 -2.04 8.39 -15.19
C HIS A 22 -3.57 8.46 -15.18
N ASN A 23 -4.21 7.37 -15.58
CA ASN A 23 -5.67 7.31 -15.62
C ASN A 23 -6.24 7.35 -14.21
N ALA A 24 -5.76 6.46 -13.35
CA ALA A 24 -6.22 6.39 -11.97
C ALA A 24 -6.12 7.74 -11.28
N LEU A 25 -4.99 8.41 -11.46
CA LEU A 25 -4.76 9.71 -10.86
C LEU A 25 -5.74 10.75 -11.38
N GLU A 26 -5.70 10.97 -12.69
CA GLU A 26 -6.56 11.96 -13.32
C GLU A 26 -7.99 11.85 -12.80
N LYS A 27 -8.61 10.71 -13.09
CA LYS A 27 -10.00 10.45 -12.68
C LYS A 27 -10.21 10.69 -11.19
N CYS A 28 -9.39 10.06 -10.35
CA CYS A 28 -9.51 10.22 -8.90
C CYS A 28 -9.36 11.70 -8.53
N ASN A 29 -8.95 12.49 -9.53
CA ASN A 29 -8.77 13.94 -9.40
C ASN A 29 -7.33 14.24 -9.02
N TRP A 30 -6.43 13.71 -9.83
CA TRP A 30 -4.99 13.87 -9.61
C TRP A 30 -4.64 13.78 -8.12
N ASP A 31 -4.66 12.56 -7.59
CA ASP A 31 -4.35 12.32 -6.19
C ASP A 31 -3.60 10.99 -6.04
N LEU A 32 -2.44 11.03 -5.40
CA LEU A 32 -1.60 9.85 -5.21
C LEU A 32 -2.40 8.66 -4.65
N GLU A 33 -2.67 8.69 -3.34
CA GLU A 33 -3.38 7.58 -2.69
C GLU A 33 -4.72 7.29 -3.37
N ALA A 34 -5.48 8.33 -3.69
CA ALA A 34 -6.77 8.15 -4.33
C ALA A 34 -6.63 7.36 -5.63
N ALA A 35 -5.53 7.58 -6.33
CA ALA A 35 -5.26 6.88 -7.57
C ALA A 35 -5.04 5.41 -7.33
N THR A 36 -4.30 5.10 -6.26
CA THR A 36 -4.03 3.72 -5.91
C THR A 36 -5.31 3.00 -5.56
N ASN A 37 -6.06 3.56 -4.61
CA ASN A 37 -7.34 2.99 -4.21
C ASN A 37 -8.25 2.83 -5.41
N PHE A 38 -8.13 3.76 -6.35
CA PHE A 38 -8.92 3.72 -7.57
C PHE A 38 -8.43 2.60 -8.47
N LEU A 39 -7.11 2.39 -8.46
CA LEU A 39 -6.49 1.36 -9.27
C LEU A 39 -6.71 -0.02 -8.65
N LEU A 40 -7.03 -0.04 -7.35
CA LEU A 40 -7.25 -1.28 -6.63
C LEU A 40 -8.72 -1.70 -6.72
N ASP A 41 -9.59 -0.88 -6.14
CA ASP A 41 -11.02 -1.14 -6.14
C ASP A 41 -11.66 -0.73 -7.47
N SER A 42 -11.61 0.58 -7.75
CA SER A 42 -12.19 1.10 -8.99
C SER A 42 -11.52 0.49 -10.22
N ALA A 43 -11.98 0.89 -11.40
CA ALA A 43 -11.43 0.39 -12.65
C ALA A 43 -11.55 -1.13 -12.74
N MET B 1 9.65 -14.24 9.73
CA MET B 1 10.56 -13.41 8.90
C MET B 1 10.26 -11.92 9.10
N GLN B 2 10.93 -11.08 8.32
CA GLN B 2 10.74 -9.63 8.42
C GLN B 2 10.20 -9.05 7.12
N ILE B 3 9.51 -7.92 7.24
CA ILE B 3 8.95 -7.24 6.08
C ILE B 3 9.23 -5.74 6.15
N PHE B 4 9.17 -5.07 5.00
CA PHE B 4 9.44 -3.65 4.94
C PHE B 4 8.25 -2.89 4.34
N VAL B 5 7.50 -2.21 5.19
CA VAL B 5 6.35 -1.43 4.76
C VAL B 5 6.75 0.02 4.57
N LYS B 6 6.40 0.59 3.42
CA LYS B 6 6.74 1.97 3.12
C LYS B 6 5.50 2.86 3.10
N THR B 7 5.61 4.02 3.75
CA THR B 7 4.51 4.97 3.79
C THR B 7 4.54 5.87 2.56
N LEU B 8 3.40 6.42 2.19
CA LEU B 8 3.32 7.30 1.02
C LEU B 8 3.90 8.67 1.33
N THR B 9 4.50 8.81 2.51
CA THR B 9 5.10 10.07 2.92
C THR B 9 6.62 10.01 2.81
N GLY B 10 7.16 8.80 2.92
CA GLY B 10 8.60 8.62 2.82
C GLY B 10 9.22 8.10 4.11
N LYS B 11 8.73 6.96 4.58
CA LYS B 11 9.23 6.35 5.81
C LYS B 11 9.25 4.83 5.70
N THR B 12 10.33 4.22 6.21
CA THR B 12 10.48 2.77 6.17
C THR B 12 9.97 2.14 7.46
N ILE B 13 9.36 0.96 7.34
CA ILE B 13 8.83 0.24 8.50
C ILE B 13 9.32 -1.20 8.52
N THR B 14 10.20 -1.52 9.47
CA THR B 14 10.74 -2.86 9.60
C THR B 14 9.97 -3.62 10.68
N LEU B 15 9.31 -4.71 10.28
CA LEU B 15 8.52 -5.51 11.23
C LEU B 15 8.87 -6.99 11.14
N GLU B 16 9.02 -7.63 12.29
CA GLU B 16 9.33 -9.05 12.34
C GLU B 16 8.05 -9.86 12.58
N VAL B 17 7.50 -10.40 11.49
CA VAL B 17 6.26 -11.17 11.57
C VAL B 17 6.51 -12.65 11.24
N GLU B 18 5.41 -13.40 11.08
CA GLU B 18 5.49 -14.82 10.77
C GLU B 18 4.54 -15.17 9.63
N SER B 19 4.73 -16.34 9.04
CA SER B 19 3.89 -16.79 7.94
C SER B 19 2.53 -17.26 8.44
N SER B 20 2.28 -17.08 9.74
CA SER B 20 1.02 -17.50 10.34
C SER B 20 0.15 -16.28 10.66
N ASP B 21 0.78 -15.13 10.80
CA ASP B 21 0.08 -13.90 11.12
C ASP B 21 -0.85 -13.49 9.98
N THR B 22 -1.86 -12.69 10.31
CA THR B 22 -2.82 -12.20 9.31
C THR B 22 -2.64 -10.72 9.05
N ILE B 23 -3.11 -10.27 7.89
CA ILE B 23 -3.00 -8.86 7.52
C ILE B 23 -3.62 -7.96 8.59
N ASP B 24 -4.76 -8.39 9.12
CA ASP B 24 -5.46 -7.62 10.15
C ASP B 24 -4.55 -7.36 11.35
N ASN B 25 -3.67 -8.30 11.63
CA ASN B 25 -2.74 -8.18 12.75
C ASN B 25 -1.53 -7.31 12.36
N VAL B 26 -1.18 -7.35 11.08
CA VAL B 26 -0.05 -6.57 10.59
C VAL B 26 -0.28 -5.07 10.78
N LYS B 27 -1.41 -4.58 10.29
CA LYS B 27 -1.75 -3.17 10.42
C LYS B 27 -1.67 -2.72 11.88
N SER B 28 -2.05 -3.61 12.79
CA SER B 28 -2.02 -3.31 14.22
C SER B 28 -0.58 -3.11 14.68
N LYS B 29 0.28 -4.07 14.33
CA LYS B 29 1.69 -4.00 14.70
C LYS B 29 2.32 -2.71 14.20
N ILE B 30 1.89 -2.26 13.02
CA ILE B 30 2.40 -1.04 12.44
C ILE B 30 1.92 0.18 13.22
N GLN B 31 0.67 0.11 13.68
CA GLN B 31 0.09 1.20 14.47
C GLN B 31 0.90 1.43 15.73
N ASP B 32 1.29 0.34 16.37
CA ASP B 32 2.08 0.43 17.60
C ASP B 32 3.55 0.70 17.28
N LYS B 33 3.87 0.67 16.00
CA LYS B 33 5.23 0.91 15.55
C LYS B 33 5.45 2.39 15.23
N GLU B 34 4.40 3.05 14.75
CA GLU B 34 4.47 4.46 14.41
C GLU B 34 3.30 5.22 15.01
N GLY B 35 2.10 4.96 14.48
CA GLY B 35 0.92 5.64 14.98
C GLY B 35 -0.20 5.68 13.95
N ILE B 36 0.09 5.26 12.73
CA ILE B 36 -0.90 5.26 11.66
C ILE B 36 -2.04 4.29 11.98
N PRO B 37 -3.29 4.78 12.11
CA PRO B 37 -4.45 3.94 12.42
C PRO B 37 -4.59 2.77 11.44
N PRO B 38 -4.79 1.54 11.95
CA PRO B 38 -4.94 0.35 11.10
C PRO B 38 -6.10 0.47 10.12
N ASP B 39 -7.20 1.04 10.59
CA ASP B 39 -8.39 1.21 9.76
C ASP B 39 -8.07 2.16 8.61
N GLN B 40 -6.91 2.80 8.69
CA GLN B 40 -6.45 3.74 7.68
C GLN B 40 -5.28 3.14 6.91
N GLN B 41 -4.67 2.10 7.46
CA GLN B 41 -3.54 1.45 6.82
C GLN B 41 -3.96 0.26 5.96
N ARG B 42 -3.50 0.25 4.71
CA ARG B 42 -3.78 -0.84 3.79
C ARG B 42 -2.52 -1.23 3.03
N LEU B 43 -2.14 -2.50 3.11
CA LEU B 43 -0.93 -2.98 2.45
C LEU B 43 -1.21 -3.41 1.01
N ILE B 44 -0.21 -3.21 0.15
CA ILE B 44 -0.32 -3.58 -1.25
C ILE B 44 0.94 -4.30 -1.73
N PHE B 45 0.76 -5.46 -2.33
CA PHE B 45 1.88 -6.24 -2.84
C PHE B 45 1.63 -6.70 -4.27
N ALA B 46 2.67 -6.64 -5.10
CA ALA B 46 2.57 -7.05 -6.49
C ALA B 46 1.56 -6.19 -7.26
N GLY B 47 1.18 -5.07 -6.66
CA GLY B 47 0.22 -4.18 -7.30
C GLY B 47 -1.20 -4.40 -6.83
N LYS B 48 -1.44 -5.54 -6.17
CA LYS B 48 -2.78 -5.86 -5.68
C LYS B 48 -2.86 -5.66 -4.17
N GLN B 49 -3.96 -5.09 -3.70
CA GLN B 49 -4.17 -4.83 -2.29
C GLN B 49 -4.39 -6.13 -1.52
N LEU B 50 -4.02 -6.13 -0.25
CA LEU B 50 -4.16 -7.30 0.62
C LEU B 50 -5.35 -7.14 1.56
N GLU B 51 -6.29 -8.07 1.49
CA GLU B 51 -7.47 -8.03 2.34
C GLU B 51 -7.15 -8.56 3.74
N ASP B 52 -8.15 -8.52 4.63
CA ASP B 52 -7.97 -8.99 5.99
C ASP B 52 -8.57 -10.38 6.17
N GLY B 53 -8.88 -11.03 5.04
CA GLY B 53 -9.47 -12.36 5.10
C GLY B 53 -8.53 -13.44 4.60
N ARG B 54 -7.26 -13.08 4.40
CA ARG B 54 -6.27 -14.03 3.91
C ARG B 54 -4.97 -13.91 4.68
N THR B 55 -4.05 -14.85 4.46
CA THR B 55 -2.75 -14.83 5.13
C THR B 55 -1.65 -14.31 4.22
N LEU B 56 -0.44 -14.26 4.73
CA LEU B 56 0.70 -13.78 3.96
C LEU B 56 1.11 -14.79 2.89
N SER B 57 0.76 -16.05 3.12
CA SER B 57 1.10 -17.12 2.18
C SER B 57 0.16 -17.10 0.99
N ASP B 58 -1.01 -16.49 1.17
CA ASP B 58 -2.01 -16.40 0.10
C ASP B 58 -1.54 -15.45 -1.01
N TYR B 59 -0.57 -14.61 -0.69
CA TYR B 59 -0.05 -13.64 -1.65
C TYR B 59 1.37 -14.00 -2.08
N ASN B 60 1.85 -15.15 -1.61
CA ASN B 60 3.19 -15.63 -1.95
C ASN B 60 4.25 -14.60 -1.56
N ILE B 61 3.95 -13.78 -0.56
CA ILE B 61 4.88 -12.75 -0.10
C ILE B 61 6.21 -13.37 0.32
N GLN B 62 7.29 -12.96 -0.33
CA GLN B 62 8.61 -13.49 -0.01
C GLN B 62 9.15 -12.87 1.29
N LYS B 63 10.34 -13.28 1.67
CA LYS B 63 10.97 -12.78 2.90
C LYS B 63 11.64 -11.43 2.65
N GLU B 64 11.64 -10.58 3.68
CA GLU B 64 12.25 -9.25 3.56
C GLU B 64 11.63 -8.46 2.42
N SER B 65 10.45 -8.87 2.00
CA SER B 65 9.74 -8.20 0.91
C SER B 65 9.43 -6.75 1.28
N THR B 66 9.00 -5.98 0.29
CA THR B 66 8.66 -4.57 0.51
C THR B 66 7.24 -4.27 0.07
N LEU B 67 6.36 -4.06 1.05
CA LEU B 67 4.97 -3.75 0.77
C LEU B 67 4.73 -2.25 0.82
N HIS B 68 3.61 -1.81 0.24
CA HIS B 68 3.28 -0.39 0.21
C HIS B 68 2.06 -0.07 1.07
N LEU B 69 2.09 1.10 1.71
CA LEU B 69 1.00 1.55 2.55
C LEU B 69 0.07 2.46 1.75
N VAL B 70 -1.24 2.28 1.95
CA VAL B 70 -2.23 3.10 1.24
C VAL B 70 -3.47 3.33 2.11
N LEU B 71 -4.36 4.19 1.60
CA LEU B 71 -5.61 4.55 2.30
C LEU B 71 -5.41 5.80 3.15
N ARG B 72 -5.85 5.73 4.39
CA ARG B 72 -5.75 6.86 5.32
C ARG B 72 -6.56 8.06 4.81
N LEU B 73 -7.77 7.79 4.34
CA LEU B 73 -8.65 8.83 3.83
C LEU B 73 -9.96 8.87 4.61
N ARG B 74 -10.66 10.00 4.51
CA ARG B 74 -11.93 10.18 5.20
C ARG B 74 -12.99 9.23 4.63
N GLY B 75 -13.58 8.40 5.50
CA GLY B 75 -14.59 7.48 5.06
C GLY B 75 -15.53 7.06 6.18
N GLY B 76 -15.28 7.60 7.37
CA GLY B 76 -16.12 7.28 8.52
C GLY B 76 -15.36 7.29 9.82
N THR A 1 13.53 16.92 -11.21
CA THR A 1 12.38 15.98 -11.29
C THR A 1 11.15 16.65 -11.88
N THR A 2 10.11 15.85 -12.10
CA THR A 2 8.86 16.36 -12.67
C THR A 2 7.84 16.65 -11.55
N PRO A 3 6.93 17.61 -11.76
CA PRO A 3 5.91 17.97 -10.77
C PRO A 3 4.82 16.91 -10.61
N LYS A 4 3.89 16.88 -11.56
CA LYS A 4 2.77 15.94 -11.51
C LYS A 4 3.16 14.55 -12.01
N SER A 5 3.91 14.49 -13.11
CA SER A 5 4.33 13.21 -13.67
C SER A 5 5.11 12.40 -12.63
N LEU A 6 5.56 13.07 -11.57
CA LEU A 6 6.31 12.42 -10.51
C LEU A 6 5.46 11.32 -9.87
N ALA A 7 4.20 11.63 -9.62
CA ALA A 7 3.28 10.68 -9.01
C ALA A 7 3.15 9.43 -9.87
N VAL A 8 3.06 9.62 -11.18
CA VAL A 8 2.94 8.52 -12.12
C VAL A 8 4.15 7.59 -12.04
N GLU A 9 5.32 8.19 -11.82
CA GLU A 9 6.55 7.42 -11.73
C GLU A 9 6.62 6.66 -10.41
N GLU A 10 6.15 7.28 -9.34
CA GLU A 10 6.16 6.66 -8.02
C GLU A 10 5.20 5.47 -7.98
N LEU A 11 4.11 5.58 -8.73
CA LEU A 11 3.11 4.53 -8.79
C LEU A 11 3.58 3.37 -9.66
N SER A 12 4.53 3.65 -10.55
CA SER A 12 5.06 2.63 -11.45
C SER A 12 5.81 1.55 -10.66
N GLY A 13 6.39 1.95 -9.55
CA GLY A 13 7.11 1.00 -8.71
C GLY A 13 6.23 0.35 -7.67
N MET A 14 5.02 -0.03 -8.07
CA MET A 14 4.09 -0.67 -7.15
C MET A 14 3.46 -1.91 -7.79
N GLY A 15 2.92 -1.74 -9.00
CA GLY A 15 2.31 -2.86 -9.69
C GLY A 15 1.40 -2.43 -10.83
N PHE A 16 1.52 -1.18 -11.26
CA PHE A 16 0.70 -0.67 -12.36
C PHE A 16 1.52 0.19 -13.30
N THR A 17 1.13 0.19 -14.57
CA THR A 17 1.82 0.97 -15.60
C THR A 17 1.62 2.47 -15.38
N GLU A 18 2.36 3.27 -16.14
CA GLU A 18 2.27 4.72 -16.04
C GLU A 18 0.92 5.22 -16.54
N GLU A 19 0.30 4.47 -17.45
CA GLU A 19 -1.00 4.83 -18.00
C GLU A 19 -2.08 4.76 -16.92
N GLU A 20 -2.28 3.57 -16.37
CA GLU A 20 -3.27 3.36 -15.32
C GLU A 20 -3.07 4.34 -14.17
N ALA A 21 -1.80 4.64 -13.89
CA ALA A 21 -1.47 5.56 -12.82
C ALA A 21 -1.88 6.98 -13.19
N HIS A 22 -1.66 7.33 -14.46
CA HIS A 22 -2.00 8.67 -14.96
C HIS A 22 -3.50 8.94 -14.81
N ASN A 23 -4.31 8.05 -15.34
CA ASN A 23 -5.77 8.22 -15.26
C ASN A 23 -6.23 8.21 -13.81
N ALA A 24 -5.69 7.29 -13.02
CA ALA A 24 -6.05 7.17 -11.61
C ALA A 24 -5.82 8.49 -10.88
N LEU A 25 -4.60 9.00 -10.96
CA LEU A 25 -4.24 10.25 -10.29
C LEU A 25 -5.14 11.40 -10.75
N GLU A 26 -5.12 11.67 -12.05
CA GLU A 26 -5.89 12.75 -12.62
C GLU A 26 -7.31 12.76 -12.09
N LYS A 27 -8.07 11.71 -12.41
CA LYS A 27 -9.47 11.59 -11.97
C LYS A 27 -9.61 11.85 -10.47
N CYS A 28 -8.87 11.11 -9.66
CA CYS A 28 -8.92 11.27 -8.22
C CYS A 28 -8.60 12.71 -7.82
N ASN A 29 -8.08 13.45 -8.79
CA ASN A 29 -7.71 14.87 -8.63
C ASN A 29 -6.23 14.96 -8.33
N TRP A 30 -5.45 14.32 -9.19
CA TRP A 30 -3.99 14.26 -9.04
C TRP A 30 -3.58 14.12 -7.58
N ASP A 31 -3.77 12.92 -7.03
CA ASP A 31 -3.42 12.62 -5.65
C ASP A 31 -2.74 11.26 -5.54
N LEU A 32 -1.65 11.20 -4.78
CA LEU A 32 -0.89 9.97 -4.60
C LEU A 32 -1.74 8.84 -4.02
N GLU A 33 -1.97 8.89 -2.71
CA GLU A 33 -2.75 7.88 -2.01
C GLU A 33 -4.07 7.57 -2.74
N ALA A 34 -4.70 8.61 -3.25
CA ALA A 34 -5.97 8.45 -3.95
C ALA A 34 -5.81 7.56 -5.17
N ALA A 35 -4.74 7.78 -5.92
CA ALA A 35 -4.47 7.00 -7.12
C ALA A 35 -4.35 5.52 -6.79
N THR A 36 -3.50 5.20 -5.81
CA THR A 36 -3.33 3.82 -5.40
C THR A 36 -4.67 3.22 -5.02
N ASN A 37 -5.46 4.00 -4.28
CA ASN A 37 -6.79 3.57 -3.86
C ASN A 37 -7.68 3.34 -5.07
N PHE A 38 -7.38 4.06 -6.15
CA PHE A 38 -8.14 3.93 -7.40
C PHE A 38 -7.86 2.58 -8.04
N LEU A 39 -6.59 2.17 -8.00
CA LEU A 39 -6.18 0.89 -8.57
C LEU A 39 -6.67 -0.27 -7.71
N LEU A 40 -6.99 0.02 -6.45
CA LEU A 40 -7.45 -1.00 -5.52
C LEU A 40 -8.97 -1.20 -5.62
N ASP A 41 -9.72 -0.16 -5.26
CA ASP A 41 -11.17 -0.23 -5.29
C ASP A 41 -11.73 0.11 -6.66
N SER A 42 -11.47 1.33 -7.13
CA SER A 42 -11.93 1.77 -8.44
C SER A 42 -11.44 0.87 -9.56
N ALA A 43 -10.50 -0.02 -9.22
CA ALA A 43 -9.94 -0.95 -10.20
C ALA A 43 -9.33 -0.21 -11.38
N MET B 1 10.42 -13.76 9.74
CA MET B 1 10.49 -12.99 8.47
C MET B 1 10.30 -11.49 8.73
N GLN B 2 10.99 -10.68 7.95
CA GLN B 2 10.88 -9.22 8.08
C GLN B 2 10.19 -8.61 6.88
N ILE B 3 9.49 -7.50 7.11
CA ILE B 3 8.77 -6.81 6.04
C ILE B 3 9.07 -5.31 6.09
N PHE B 4 9.09 -4.69 4.90
CA PHE B 4 9.37 -3.27 4.80
C PHE B 4 8.15 -2.50 4.28
N VAL B 5 7.50 -1.77 5.18
CA VAL B 5 6.32 -0.99 4.81
C VAL B 5 6.74 0.27 4.05
N LYS B 6 5.93 0.67 3.08
CA LYS B 6 6.21 1.85 2.28
C LYS B 6 5.00 2.78 2.21
N THR B 7 5.02 3.85 3.01
CA THR B 7 3.92 4.81 3.01
C THR B 7 4.20 5.91 1.99
N LEU B 8 3.16 6.39 1.32
CA LEU B 8 3.30 7.44 0.31
C LEU B 8 3.78 8.74 0.95
N THR B 9 3.60 8.87 2.25
CA THR B 9 4.02 10.07 2.97
C THR B 9 5.54 10.15 3.08
N GLY B 10 6.21 9.08 2.66
CA GLY B 10 7.66 9.04 2.71
C GLY B 10 8.18 8.48 4.03
N LYS B 11 7.70 7.30 4.39
CA LYS B 11 8.11 6.66 5.64
C LYS B 11 8.26 5.15 5.44
N THR B 12 9.43 4.63 5.77
CA THR B 12 9.70 3.20 5.65
C THR B 12 9.69 2.53 7.02
N ILE B 13 8.96 1.43 7.13
CA ILE B 13 8.87 0.71 8.40
C ILE B 13 9.47 -0.70 8.29
N THR B 14 10.01 -1.19 9.39
CA THR B 14 10.60 -2.52 9.44
C THR B 14 9.99 -3.33 10.57
N LEU B 15 9.25 -4.38 10.23
CA LEU B 15 8.60 -5.22 11.23
C LEU B 15 8.95 -6.70 11.02
N GLU B 16 9.05 -7.44 12.12
CA GLU B 16 9.37 -8.86 12.06
C GLU B 16 8.17 -9.71 12.47
N VAL B 17 7.54 -10.35 11.48
CA VAL B 17 6.39 -11.20 11.75
C VAL B 17 6.66 -12.65 11.37
N GLU B 18 5.62 -13.48 11.41
CA GLU B 18 5.75 -14.89 11.07
C GLU B 18 4.97 -15.22 9.80
N SER B 19 5.13 -16.44 9.31
CA SER B 19 4.44 -16.89 8.11
C SER B 19 2.97 -17.19 8.40
N SER B 20 2.64 -17.32 9.68
CA SER B 20 1.27 -17.60 10.10
C SER B 20 0.52 -16.30 10.39
N ASP B 21 1.26 -15.21 10.49
CA ASP B 21 0.65 -13.91 10.78
C ASP B 21 -0.23 -13.46 9.62
N THR B 22 -1.43 -12.99 9.94
CA THR B 22 -2.38 -12.54 8.92
C THR B 22 -2.08 -11.10 8.50
N ILE B 23 -2.95 -10.54 7.67
CA ILE B 23 -2.78 -9.17 7.19
C ILE B 23 -3.22 -8.14 8.22
N ASP B 24 -4.43 -8.32 8.75
CA ASP B 24 -4.98 -7.40 9.74
C ASP B 24 -4.06 -7.30 10.95
N ASN B 25 -3.39 -8.40 11.28
CA ASN B 25 -2.48 -8.43 12.42
C ASN B 25 -1.33 -7.45 12.22
N VAL B 26 -0.82 -7.39 10.99
CA VAL B 26 0.27 -6.50 10.66
C VAL B 26 -0.15 -5.04 10.84
N LYS B 27 -1.42 -4.76 10.55
CA LYS B 27 -1.95 -3.42 10.69
C LYS B 27 -1.83 -2.93 12.13
N SER B 28 -2.18 -3.80 13.07
CA SER B 28 -2.10 -3.46 14.49
C SER B 28 -0.66 -3.27 14.93
N LYS B 29 0.19 -4.23 14.57
CA LYS B 29 1.61 -4.18 14.92
C LYS B 29 2.23 -2.85 14.48
N ILE B 30 1.81 -2.37 13.31
CA ILE B 30 2.32 -1.11 12.79
C ILE B 30 1.69 0.07 13.52
N GLN B 31 0.42 -0.09 13.91
CA GLN B 31 -0.30 0.97 14.61
C GLN B 31 0.37 1.28 15.95
N ASP B 32 0.93 0.26 16.58
CA ASP B 32 1.60 0.43 17.87
C ASP B 32 3.00 1.01 17.69
N LYS B 33 3.47 1.01 16.45
CA LYS B 33 4.79 1.54 16.13
C LYS B 33 4.72 3.00 15.71
N GLU B 34 4.09 3.25 14.56
CA GLU B 34 3.94 4.61 14.04
C GLU B 34 2.63 5.22 14.52
N GLY B 35 1.52 4.79 13.95
CA GLY B 35 0.22 5.32 14.34
C GLY B 35 -0.69 5.61 13.17
N ILE B 36 -0.86 4.63 12.28
CA ILE B 36 -1.73 4.79 11.14
C ILE B 36 -3.10 4.16 11.41
N PRO B 37 -4.21 4.90 11.16
CA PRO B 37 -5.56 4.40 11.39
C PRO B 37 -5.84 3.05 10.70
N PRO B 38 -6.06 1.98 11.47
CA PRO B 38 -6.33 0.64 10.91
C PRO B 38 -7.60 0.60 10.09
N ASP B 39 -8.49 1.57 10.30
CA ASP B 39 -9.76 1.63 9.59
C ASP B 39 -9.60 2.27 8.21
N GLN B 40 -8.39 2.70 7.89
CA GLN B 40 -8.13 3.33 6.59
C GLN B 40 -6.93 2.70 5.89
N GLN B 41 -5.87 2.44 6.64
CA GLN B 41 -4.66 1.84 6.08
C GLN B 41 -4.93 0.47 5.47
N ARG B 42 -4.06 0.07 4.55
CA ARG B 42 -4.18 -1.22 3.88
C ARG B 42 -2.84 -1.61 3.25
N LEU B 43 -2.52 -2.89 3.28
CA LEU B 43 -1.26 -3.40 2.73
C LEU B 43 -1.42 -3.84 1.28
N ILE B 44 -0.40 -3.58 0.47
CA ILE B 44 -0.40 -3.95 -0.94
C ILE B 44 0.91 -4.64 -1.32
N PHE B 45 0.81 -5.65 -2.18
CA PHE B 45 1.98 -6.39 -2.63
C PHE B 45 1.82 -6.82 -4.07
N ALA B 46 2.84 -6.55 -4.89
CA ALA B 46 2.82 -6.91 -6.30
C ALA B 46 1.68 -6.22 -7.03
N GLY B 47 1.14 -5.16 -6.42
CA GLY B 47 0.05 -4.42 -7.01
C GLY B 47 -1.30 -5.05 -6.72
N LYS B 48 -1.33 -5.89 -5.69
CA LYS B 48 -2.56 -6.57 -5.31
C LYS B 48 -2.86 -6.37 -3.82
N GLN B 49 -4.06 -5.90 -3.52
CA GLN B 49 -4.46 -5.67 -2.13
C GLN B 49 -4.44 -6.95 -1.32
N LEU B 50 -3.97 -6.86 -0.08
CA LEU B 50 -3.90 -8.01 0.80
C LEU B 50 -5.16 -8.11 1.67
N GLU B 51 -6.10 -8.95 1.26
CA GLU B 51 -7.35 -9.12 1.99
C GLU B 51 -7.08 -9.63 3.41
N ASP B 52 -7.78 -9.05 4.37
CA ASP B 52 -7.62 -9.43 5.78
C ASP B 52 -8.16 -10.84 6.01
N GLY B 53 -7.51 -11.57 6.92
CA GLY B 53 -7.93 -12.92 7.23
C GLY B 53 -7.01 -13.96 6.63
N ARG B 54 -6.51 -13.68 5.44
CA ARG B 54 -5.60 -14.59 4.75
C ARG B 54 -4.16 -14.35 5.19
N THR B 55 -3.37 -15.43 5.22
CA THR B 55 -1.97 -15.31 5.63
C THR B 55 -1.14 -14.69 4.51
N LEU B 56 0.17 -14.58 4.75
CA LEU B 56 1.09 -13.99 3.78
C LEU B 56 1.48 -15.00 2.70
N SER B 57 1.09 -16.26 2.91
CA SER B 57 1.41 -17.31 1.96
C SER B 57 0.43 -17.32 0.79
N ASP B 58 -0.75 -16.74 1.01
CA ASP B 58 -1.78 -16.68 -0.03
C ASP B 58 -1.42 -15.66 -1.10
N TYR B 59 -0.32 -14.95 -0.91
CA TYR B 59 0.13 -13.95 -1.87
C TYR B 59 1.60 -14.14 -2.22
N ASN B 60 2.14 -15.30 -1.87
CA ASN B 60 3.53 -15.62 -2.16
C ASN B 60 4.48 -14.59 -1.56
N ILE B 61 4.01 -13.87 -0.53
CA ILE B 61 4.82 -12.85 0.13
C ILE B 61 6.05 -13.46 0.77
N GLN B 62 7.21 -13.26 0.13
CA GLN B 62 8.46 -13.81 0.64
C GLN B 62 9.03 -12.96 1.77
N LYS B 63 10.28 -13.22 2.12
CA LYS B 63 10.95 -12.48 3.20
C LYS B 63 11.56 -11.19 2.69
N GLU B 64 11.67 -10.19 3.57
CA GLU B 64 12.24 -8.90 3.21
C GLU B 64 11.46 -8.26 2.07
N SER B 65 10.20 -8.66 1.93
CA SER B 65 9.34 -8.13 0.87
C SER B 65 9.03 -6.65 1.10
N THR B 66 8.69 -5.95 0.03
CA THR B 66 8.37 -4.54 0.09
C THR B 66 6.86 -4.33 0.04
N LEU B 67 6.26 -3.98 1.18
CA LEU B 67 4.83 -3.75 1.26
C LEU B 67 4.48 -2.27 1.15
N HIS B 68 3.28 -1.99 0.67
CA HIS B 68 2.81 -0.62 0.51
C HIS B 68 1.64 -0.35 1.45
N LEU B 69 1.73 0.71 2.23
CA LEU B 69 0.68 1.07 3.17
C LEU B 69 -0.04 2.33 2.72
N VAL B 70 -1.30 2.18 2.32
CA VAL B 70 -2.11 3.30 1.87
C VAL B 70 -3.40 3.40 2.68
N LEU B 71 -3.98 4.59 2.73
CA LEU B 71 -5.23 4.79 3.47
C LEU B 71 -6.42 4.94 2.53
N ARG B 72 -7.60 4.63 3.05
CA ARG B 72 -8.83 4.72 2.27
C ARG B 72 -9.35 6.16 2.25
N LEU B 73 -8.87 6.96 3.19
CA LEU B 73 -9.28 8.37 3.30
C LEU B 73 -10.76 8.48 3.67
N ARG B 74 -11.03 9.15 4.78
CA ARG B 74 -12.39 9.35 5.25
C ARG B 74 -12.57 10.74 5.85
N GLY B 75 -13.42 11.55 5.24
CA GLY B 75 -13.66 12.90 5.73
C GLY B 75 -13.16 13.96 4.78
N GLY B 76 -12.05 13.66 4.09
CA GLY B 76 -11.50 14.60 3.14
C GLY B 76 -10.97 15.85 3.81
N THR A 1 11.97 17.94 -7.94
CA THR A 1 11.23 17.52 -9.15
C THR A 1 9.73 17.73 -8.97
N THR A 2 9.01 17.82 -10.09
CA THR A 2 7.57 18.02 -10.06
C THR A 2 6.88 16.86 -9.32
N PRO A 3 5.78 17.16 -8.59
CA PRO A 3 5.03 16.15 -7.84
C PRO A 3 4.26 15.19 -8.74
N LYS A 4 3.56 15.76 -9.72
CA LYS A 4 2.76 14.98 -10.65
C LYS A 4 3.55 13.81 -11.25
N SER A 5 4.86 13.98 -11.39
CA SER A 5 5.70 12.92 -11.94
C SER A 5 6.07 11.89 -10.88
N LEU A 6 6.51 12.36 -9.71
CA LEU A 6 6.89 11.46 -8.63
C LEU A 6 5.74 10.53 -8.27
N ALA A 7 4.51 10.99 -8.49
CA ALA A 7 3.33 10.19 -8.19
C ALA A 7 3.22 9.01 -9.14
N VAL A 8 3.37 9.28 -10.43
CA VAL A 8 3.29 8.24 -11.45
C VAL A 8 4.37 7.19 -11.26
N GLU A 9 5.53 7.63 -10.77
CA GLU A 9 6.66 6.73 -10.53
C GLU A 9 6.39 5.83 -9.33
N GLU A 10 5.89 6.44 -8.25
CA GLU A 10 5.58 5.71 -7.03
C GLU A 10 4.52 4.65 -7.29
N LEU A 11 3.55 4.99 -8.15
CA LEU A 11 2.47 4.08 -8.48
C LEU A 11 2.95 2.98 -9.42
N SER A 12 3.80 3.35 -10.39
CA SER A 12 4.32 2.38 -11.35
C SER A 12 5.15 1.31 -10.66
N GLY A 13 5.53 1.56 -9.41
CA GLY A 13 6.33 0.60 -8.67
C GLY A 13 5.50 -0.21 -7.69
N MET A 14 4.17 -0.13 -7.81
CA MET A 14 3.27 -0.85 -6.93
C MET A 14 2.74 -2.11 -7.60
N GLY A 15 2.34 -1.98 -8.87
CA GLY A 15 1.82 -3.11 -9.61
C GLY A 15 1.17 -2.72 -10.92
N PHE A 16 1.11 -1.42 -11.18
CA PHE A 16 0.50 -0.91 -12.41
C PHE A 16 1.51 -0.13 -13.23
N THR A 17 1.09 0.31 -14.42
CA THR A 17 1.96 1.07 -15.31
C THR A 17 1.85 2.57 -15.04
N GLU A 18 2.68 3.35 -15.73
CA GLU A 18 2.68 4.80 -15.57
C GLU A 18 1.41 5.41 -16.16
N GLU A 19 0.81 4.73 -17.13
CA GLU A 19 -0.42 5.22 -17.75
C GLU A 19 -1.58 5.12 -16.78
N GLU A 20 -1.78 3.93 -16.22
CA GLU A 20 -2.85 3.71 -15.26
C GLU A 20 -2.73 4.66 -14.08
N ALA A 21 -1.48 4.98 -13.74
CA ALA A 21 -1.20 5.89 -12.64
C ALA A 21 -1.60 7.32 -12.99
N HIS A 22 -1.20 7.76 -14.17
CA HIS A 22 -1.51 9.11 -14.64
C HIS A 22 -3.02 9.34 -14.67
N ASN A 23 -3.75 8.37 -15.20
CA ASN A 23 -5.21 8.47 -15.29
C ASN A 23 -5.85 8.47 -13.91
N ALA A 24 -5.44 7.51 -13.08
CA ALA A 24 -5.98 7.39 -11.72
C ALA A 24 -5.82 8.70 -10.95
N LEU A 25 -4.59 9.21 -10.90
CA LEU A 25 -4.30 10.46 -10.19
C LEU A 25 -5.16 11.60 -10.71
N GLU A 26 -5.01 11.88 -12.00
CA GLU A 26 -5.73 12.98 -12.63
C GLU A 26 -7.20 12.98 -12.20
N LYS A 27 -7.92 11.93 -12.60
CA LYS A 27 -9.35 11.80 -12.28
C LYS A 27 -9.63 12.07 -10.81
N CYS A 28 -8.96 11.32 -9.93
CA CYS A 28 -9.14 11.47 -8.49
C CYS A 28 -8.82 12.90 -8.06
N ASN A 29 -8.23 13.66 -8.99
CA ASN A 29 -7.85 15.06 -8.79
C ASN A 29 -6.40 15.11 -8.34
N TRP A 30 -5.56 14.46 -9.13
CA TRP A 30 -4.12 14.39 -8.83
C TRP A 30 -3.87 14.14 -7.34
N ASP A 31 -3.97 12.87 -6.92
CA ASP A 31 -3.75 12.51 -5.53
C ASP A 31 -3.16 11.10 -5.44
N LEU A 32 -2.10 10.95 -4.64
CA LEU A 32 -1.43 9.66 -4.48
C LEU A 32 -2.37 8.54 -4.05
N GLU A 33 -2.71 8.51 -2.75
CA GLU A 33 -3.59 7.47 -2.21
C GLU A 33 -4.86 7.30 -3.04
N ALA A 34 -5.48 8.41 -3.42
CA ALA A 34 -6.70 8.37 -4.20
C ALA A 34 -6.48 7.59 -5.51
N ALA A 35 -5.32 7.79 -6.10
CA ALA A 35 -4.98 7.11 -7.35
C ALA A 35 -4.88 5.60 -7.12
N THR A 36 -4.17 5.20 -6.08
CA THR A 36 -4.01 3.78 -5.75
C THR A 36 -5.37 3.16 -5.44
N ASN A 37 -6.07 3.75 -4.47
CA ASN A 37 -7.38 3.27 -4.08
C ASN A 37 -8.29 3.13 -5.30
N PHE A 38 -8.10 4.02 -6.27
CA PHE A 38 -8.89 4.00 -7.50
C PHE A 38 -8.53 2.79 -8.34
N LEU A 39 -7.27 2.73 -8.79
CA LEU A 39 -6.81 1.63 -9.62
C LEU A 39 -7.17 0.27 -9.02
N LEU A 40 -7.19 0.20 -7.69
CA LEU A 40 -7.54 -1.04 -7.01
C LEU A 40 -8.96 -1.44 -7.37
N ASP A 41 -9.91 -0.53 -7.14
CA ASP A 41 -11.31 -0.79 -7.44
C ASP A 41 -11.69 -0.28 -8.83
N SER A 42 -11.68 1.05 -8.99
CA SER A 42 -12.01 1.70 -10.25
C SER A 42 -13.17 1.00 -10.97
N ALA A 43 -14.11 0.45 -10.19
CA ALA A 43 -15.25 -0.25 -10.76
C ALA A 43 -16.46 0.68 -10.87
N MET B 1 11.42 -13.61 10.15
CA MET B 1 10.89 -12.96 8.93
C MET B 1 10.57 -11.50 9.18
N GLN B 2 10.98 -10.63 8.25
CA GLN B 2 10.73 -9.20 8.37
C GLN B 2 10.23 -8.62 7.06
N ILE B 3 9.48 -7.52 7.15
CA ILE B 3 8.94 -6.86 5.97
C ILE B 3 9.24 -5.36 5.99
N PHE B 4 8.97 -4.69 4.88
CA PHE B 4 9.23 -3.25 4.78
C PHE B 4 8.00 -2.51 4.26
N VAL B 5 7.31 -1.83 5.17
CA VAL B 5 6.12 -1.08 4.82
C VAL B 5 6.48 0.35 4.42
N LYS B 6 6.29 0.67 3.14
CA LYS B 6 6.60 2.00 2.63
C LYS B 6 5.35 2.85 2.49
N THR B 7 5.33 3.98 3.18
CA THR B 7 4.20 4.90 3.13
C THR B 7 4.32 5.83 1.92
N LEU B 8 3.19 6.18 1.32
CA LEU B 8 3.18 7.05 0.16
C LEU B 8 3.59 8.47 0.54
N THR B 9 3.77 8.70 1.84
CA THR B 9 4.17 10.02 2.33
C THR B 9 5.68 10.21 2.23
N GLY B 10 6.41 9.09 2.14
CA GLY B 10 7.86 9.16 2.04
C GLY B 10 8.55 8.67 3.29
N LYS B 11 8.17 7.49 3.76
CA LYS B 11 8.77 6.90 4.97
C LYS B 11 8.91 5.40 4.84
N THR B 12 9.99 4.86 5.41
CA THR B 12 10.24 3.41 5.37
C THR B 12 10.06 2.80 6.75
N ILE B 13 9.28 1.72 6.82
CA ILE B 13 9.02 1.04 8.08
C ILE B 13 9.50 -0.41 8.03
N THR B 14 10.27 -0.80 9.05
CA THR B 14 10.78 -2.16 9.13
C THR B 14 10.08 -2.93 10.26
N LEU B 15 9.30 -3.94 9.89
CA LEU B 15 8.58 -4.75 10.87
C LEU B 15 9.05 -6.20 10.84
N GLU B 16 8.58 -6.98 11.80
CA GLU B 16 8.95 -8.39 11.89
C GLU B 16 7.70 -9.27 12.03
N VAL B 17 7.48 -10.14 11.06
CA VAL B 17 6.32 -11.03 11.07
C VAL B 17 6.74 -12.48 10.97
N GLU B 18 5.76 -13.37 10.80
CA GLU B 18 6.03 -14.80 10.69
C GLU B 18 5.36 -15.38 9.45
N SER B 19 5.66 -16.65 9.16
CA SER B 19 5.10 -17.33 7.99
C SER B 19 3.65 -17.72 8.25
N SER B 20 3.15 -17.42 9.45
CA SER B 20 1.77 -17.75 9.81
C SER B 20 1.00 -16.50 10.22
N ASP B 21 1.71 -15.38 10.32
CA ASP B 21 1.11 -14.12 10.71
C ASP B 21 0.06 -13.68 9.69
N THR B 22 -1.01 -13.05 10.18
CA THR B 22 -2.09 -12.59 9.32
C THR B 22 -1.81 -11.18 8.81
N ILE B 23 -2.71 -10.66 7.97
CA ILE B 23 -2.57 -9.32 7.41
C ILE B 23 -2.99 -8.26 8.41
N ASP B 24 -4.22 -8.38 8.91
CA ASP B 24 -4.75 -7.42 9.89
C ASP B 24 -3.81 -7.26 11.07
N ASN B 25 -3.14 -8.35 11.45
CA ASN B 25 -2.20 -8.31 12.56
C ASN B 25 -1.11 -7.29 12.29
N VAL B 26 -0.61 -7.29 11.05
CA VAL B 26 0.42 -6.36 10.65
C VAL B 26 -0.07 -4.92 10.79
N LYS B 27 -1.33 -4.70 10.43
CA LYS B 27 -1.92 -3.37 10.53
C LYS B 27 -1.88 -2.89 11.98
N SER B 28 -2.14 -3.81 12.91
CA SER B 28 -2.12 -3.49 14.32
C SER B 28 -0.71 -3.13 14.77
N LYS B 29 0.27 -3.86 14.24
CA LYS B 29 1.67 -3.61 14.56
C LYS B 29 2.07 -2.19 14.16
N ILE B 30 1.59 -1.76 13.00
CA ILE B 30 1.89 -0.42 12.50
C ILE B 30 1.17 0.64 13.32
N GLN B 31 -0.02 0.31 13.79
CA GLN B 31 -0.82 1.22 14.60
C GLN B 31 -0.18 1.44 15.96
N ASP B 32 0.48 0.41 16.48
CA ASP B 32 1.12 0.48 17.79
C ASP B 32 2.53 1.04 17.68
N LYS B 33 3.14 0.93 16.51
CA LYS B 33 4.49 1.42 16.30
C LYS B 33 4.49 2.87 15.82
N GLU B 34 3.88 3.11 14.67
CA GLU B 34 3.82 4.46 14.10
C GLU B 34 2.57 5.20 14.59
N GLY B 35 1.42 4.84 14.03
CA GLY B 35 0.19 5.49 14.43
C GLY B 35 -0.77 5.72 13.28
N ILE B 36 -0.50 5.11 12.13
CA ILE B 36 -1.36 5.26 10.96
C ILE B 36 -2.70 4.55 11.20
N PRO B 37 -3.84 5.20 10.88
CA PRO B 37 -5.16 4.61 11.08
C PRO B 37 -5.29 3.22 10.46
N PRO B 38 -5.71 2.21 11.25
CA PRO B 38 -5.86 0.83 10.77
C PRO B 38 -7.04 0.67 9.81
N ASP B 39 -8.07 1.48 10.01
CA ASP B 39 -9.26 1.41 9.18
C ASP B 39 -9.06 2.14 7.85
N GLN B 40 -7.87 2.72 7.67
CA GLN B 40 -7.57 3.44 6.44
C GLN B 40 -6.33 2.88 5.75
N GLN B 41 -5.35 2.43 6.54
CA GLN B 41 -4.12 1.87 5.98
C GLN B 41 -4.37 0.51 5.34
N ARG B 42 -3.74 0.30 4.18
CA ARG B 42 -3.88 -0.95 3.45
C ARG B 42 -2.53 -1.39 2.89
N LEU B 43 -2.21 -2.67 3.08
CA LEU B 43 -0.94 -3.21 2.59
C LEU B 43 -1.13 -3.94 1.26
N ILE B 44 -0.54 -3.40 0.20
CA ILE B 44 -0.65 -4.02 -1.12
C ILE B 44 0.69 -4.63 -1.53
N PHE B 45 0.61 -5.79 -2.20
CA PHE B 45 1.82 -6.48 -2.64
C PHE B 45 1.68 -6.93 -4.10
N ALA B 46 2.68 -6.60 -4.91
CA ALA B 46 2.69 -6.96 -6.32
C ALA B 46 1.45 -6.42 -7.04
N GLY B 47 0.81 -5.42 -6.43
CA GLY B 47 -0.37 -4.83 -7.03
C GLY B 47 -1.65 -5.37 -6.44
N LYS B 48 -1.56 -6.54 -5.82
CA LYS B 48 -2.73 -7.18 -5.21
C LYS B 48 -2.77 -6.89 -3.71
N GLN B 49 -3.81 -6.18 -3.29
CA GLN B 49 -3.96 -5.84 -1.87
C GLN B 49 -4.10 -7.09 -1.02
N LEU B 50 -3.75 -6.96 0.25
CA LEU B 50 -3.83 -8.08 1.18
C LEU B 50 -5.09 -7.99 2.03
N GLU B 51 -6.03 -8.90 1.79
CA GLU B 51 -7.29 -8.92 2.52
C GLU B 51 -7.11 -9.50 3.93
N ASP B 52 -8.09 -9.24 4.79
CA ASP B 52 -8.05 -9.73 6.16
C ASP B 52 -8.54 -11.17 6.23
N GLY B 53 -7.97 -11.94 7.15
CA GLY B 53 -8.36 -13.33 7.31
C GLY B 53 -7.41 -14.28 6.60
N ARG B 54 -6.75 -13.78 5.57
CA ARG B 54 -5.79 -14.58 4.81
C ARG B 54 -4.36 -14.33 5.29
N THR B 55 -3.49 -15.30 5.07
CA THR B 55 -2.11 -15.19 5.50
C THR B 55 -1.22 -14.63 4.38
N LEU B 56 0.07 -14.54 4.65
CA LEU B 56 1.03 -14.03 3.68
C LEU B 56 1.36 -15.08 2.62
N SER B 57 0.97 -16.32 2.88
CA SER B 57 1.23 -17.42 1.95
C SER B 57 0.20 -17.44 0.83
N ASP B 58 -0.99 -16.91 1.10
CA ASP B 58 -2.07 -16.88 0.12
C ASP B 58 -1.77 -15.89 -1.01
N TYR B 59 -0.81 -15.00 -0.77
CA TYR B 59 -0.44 -14.01 -1.77
C TYR B 59 1.01 -14.19 -2.21
N ASN B 60 1.67 -15.21 -1.66
CA ASN B 60 3.06 -15.49 -2.00
C ASN B 60 3.95 -14.27 -1.73
N ILE B 61 4.47 -14.19 -0.50
CA ILE B 61 5.32 -13.08 -0.11
C ILE B 61 6.68 -13.57 0.36
N GLN B 62 7.73 -13.11 -0.30
CA GLN B 62 9.10 -13.50 0.06
C GLN B 62 9.54 -12.82 1.35
N LYS B 63 10.81 -12.97 1.68
CA LYS B 63 11.36 -12.37 2.89
C LYS B 63 11.89 -10.96 2.61
N GLU B 64 11.75 -10.08 3.60
CA GLU B 64 12.20 -8.70 3.46
C GLU B 64 11.48 -7.99 2.34
N SER B 65 10.30 -8.51 1.97
CA SER B 65 9.50 -7.93 0.90
C SER B 65 9.15 -6.47 1.21
N THR B 66 8.59 -5.78 0.21
CA THR B 66 8.21 -4.38 0.38
C THR B 66 6.71 -4.19 0.17
N LEU B 67 6.00 -3.90 1.26
CA LEU B 67 4.56 -3.67 1.20
C LEU B 67 4.26 -2.19 1.02
N HIS B 68 3.13 -1.89 0.36
CA HIS B 68 2.74 -0.51 0.13
C HIS B 68 1.64 -0.08 1.09
N LEU B 69 1.84 1.06 1.75
CA LEU B 69 0.87 1.59 2.70
C LEU B 69 0.03 2.68 2.04
N VAL B 70 -1.21 2.34 1.70
CA VAL B 70 -2.11 3.28 1.06
C VAL B 70 -3.34 3.54 1.94
N LEU B 71 -3.88 4.75 1.84
CA LEU B 71 -5.05 5.13 2.65
C LEU B 71 -6.34 4.70 1.97
N ARG B 72 -7.38 4.47 2.78
CA ARG B 72 -8.69 4.06 2.27
C ARG B 72 -9.57 5.28 2.04
N LEU B 73 -9.13 6.42 2.55
CA LEU B 73 -9.87 7.67 2.43
C LEU B 73 -11.20 7.60 3.15
N ARG B 74 -11.88 8.75 3.27
CA ARG B 74 -13.17 8.81 3.95
C ARG B 74 -14.21 9.51 3.08
N GLY B 75 -13.77 9.98 1.92
CA GLY B 75 -14.68 10.65 1.01
C GLY B 75 -14.99 9.85 -0.23
N GLY B 76 -13.96 9.19 -0.77
CA GLY B 76 -14.14 8.37 -1.96
C GLY B 76 -13.11 7.27 -2.07
N THR A 1 11.79 19.48 -9.96
CA THR A 1 10.86 18.38 -10.37
C THR A 1 9.41 18.85 -10.32
N THR A 2 8.50 17.97 -10.75
CA THR A 2 7.07 18.31 -10.75
C THR A 2 6.26 17.21 -10.05
N PRO A 3 5.28 17.60 -9.21
CA PRO A 3 4.44 16.64 -8.49
C PRO A 3 3.74 15.65 -9.42
N LYS A 4 3.13 16.19 -10.46
CA LYS A 4 2.41 15.39 -11.45
C LYS A 4 3.23 14.18 -11.89
N SER A 5 4.50 14.41 -12.21
CA SER A 5 5.38 13.33 -12.66
C SER A 5 5.87 12.49 -11.48
N LEU A 6 6.03 13.12 -10.32
CA LEU A 6 6.49 12.42 -9.13
C LEU A 6 5.53 11.30 -8.76
N ALA A 7 4.23 11.59 -8.78
CA ALA A 7 3.21 10.61 -8.44
C ALA A 7 3.25 9.41 -9.39
N VAL A 8 3.32 9.70 -10.68
CA VAL A 8 3.36 8.66 -11.70
C VAL A 8 4.59 7.76 -11.52
N GLU A 9 5.72 8.37 -11.17
CA GLU A 9 6.96 7.63 -10.96
C GLU A 9 6.96 6.93 -9.61
N GLU A 10 6.17 7.46 -8.68
CA GLU A 10 6.07 6.89 -7.34
C GLU A 10 5.12 5.71 -7.33
N LEU A 11 4.18 5.71 -8.27
CA LEU A 11 3.20 4.64 -8.38
C LEU A 11 3.75 3.48 -9.22
N SER A 12 4.66 3.80 -10.12
CA SER A 12 5.27 2.78 -10.99
C SER A 12 6.05 1.77 -10.17
N GLY A 13 6.27 2.08 -8.90
CA GLY A 13 7.01 1.18 -8.02
C GLY A 13 6.13 0.52 -6.99
N MET A 14 4.85 0.33 -7.33
CA MET A 14 3.91 -0.31 -6.41
C MET A 14 3.35 -1.60 -7.00
N GLY A 15 3.11 -1.60 -8.32
CA GLY A 15 2.58 -2.77 -8.97
C GLY A 15 1.90 -2.45 -10.29
N PHE A 16 2.11 -1.24 -10.79
CA PHE A 16 1.51 -0.83 -12.05
C PHE A 16 2.48 0.02 -12.88
N THR A 17 2.11 0.30 -14.11
CA THR A 17 2.94 1.09 -15.01
C THR A 17 2.71 2.59 -14.82
N GLU A 18 3.43 3.40 -15.60
CA GLU A 18 3.30 4.85 -15.52
C GLU A 18 1.98 5.32 -16.11
N GLU A 19 1.57 4.70 -17.21
CA GLU A 19 0.32 5.05 -17.86
C GLU A 19 -0.87 4.84 -16.93
N GLU A 20 -0.99 3.61 -16.42
CA GLU A 20 -2.07 3.28 -15.50
C GLU A 20 -2.07 4.21 -14.30
N ALA A 21 -0.89 4.68 -13.93
CA ALA A 21 -0.74 5.60 -12.81
C ALA A 21 -1.26 6.99 -13.16
N HIS A 22 -0.94 7.44 -14.36
CA HIS A 22 -1.37 8.76 -14.83
C HIS A 22 -2.89 8.85 -14.84
N ASN A 23 -3.53 7.84 -15.42
CA ASN A 23 -4.99 7.81 -15.50
C ASN A 23 -5.60 7.70 -14.11
N ALA A 24 -5.08 6.77 -13.32
CA ALA A 24 -5.56 6.55 -11.96
C ALA A 24 -5.54 7.84 -11.13
N LEU A 25 -4.40 8.54 -11.16
CA LEU A 25 -4.25 9.78 -10.41
C LEU A 25 -5.19 10.85 -10.92
N GLU A 26 -5.05 11.21 -12.19
CA GLU A 26 -5.87 12.25 -12.79
C GLU A 26 -7.32 12.07 -12.40
N LYS A 27 -7.91 10.95 -12.84
CA LYS A 27 -9.31 10.63 -12.56
C LYS A 27 -9.63 10.74 -11.08
N CYS A 28 -8.85 10.06 -10.23
CA CYS A 28 -9.08 10.09 -8.79
C CYS A 28 -8.94 11.51 -8.26
N ASN A 29 -8.49 12.42 -9.14
CA ASN A 29 -8.29 13.84 -8.84
C ASN A 29 -6.85 14.07 -8.39
N TRP A 30 -5.93 13.61 -9.24
CA TRP A 30 -4.51 13.72 -8.97
C TRP A 30 -4.18 13.52 -7.49
N ASP A 31 -4.17 12.25 -7.06
CA ASP A 31 -3.87 11.90 -5.67
C ASP A 31 -3.28 10.50 -5.60
N LEU A 32 -2.22 10.33 -4.80
CA LEU A 32 -1.56 9.04 -4.67
C LEU A 32 -2.49 7.95 -4.13
N GLU A 33 -2.72 7.96 -2.82
CA GLU A 33 -3.57 6.96 -2.18
C GLU A 33 -4.88 6.77 -2.94
N ALA A 34 -5.47 7.85 -3.43
CA ALA A 34 -6.71 7.77 -4.17
C ALA A 34 -6.53 6.94 -5.44
N ALA A 35 -5.51 7.29 -6.21
CA ALA A 35 -5.22 6.58 -7.45
C ALA A 35 -4.86 5.13 -7.19
N THR A 36 -4.26 4.88 -6.03
CA THR A 36 -3.88 3.53 -5.66
C THR A 36 -5.10 2.68 -5.34
N ASN A 37 -5.92 3.14 -4.41
CA ASN A 37 -7.13 2.41 -4.03
C ASN A 37 -7.99 2.17 -5.26
N PHE A 38 -7.90 3.10 -6.21
CA PHE A 38 -8.65 2.99 -7.45
C PHE A 38 -8.11 1.84 -8.28
N LEU A 39 -6.81 1.89 -8.59
CA LEU A 39 -6.16 0.85 -9.38
C LEU A 39 -6.43 -0.53 -8.80
N LEU A 40 -6.52 -0.60 -7.47
CA LEU A 40 -6.78 -1.87 -6.80
C LEU A 40 -8.08 -2.46 -7.33
N ASP A 41 -9.17 -1.70 -7.23
CA ASP A 41 -10.47 -2.14 -7.71
C ASP A 41 -10.73 -1.67 -9.14
N SER A 42 -10.91 -0.35 -9.29
CA SER A 42 -11.18 0.28 -10.57
C SER A 42 -12.16 -0.54 -11.41
N ALA A 43 -12.15 -0.32 -12.73
CA ALA A 43 -13.04 -1.04 -13.63
C ALA A 43 -12.52 -1.00 -15.06
N MET B 1 10.36 -13.68 9.31
CA MET B 1 10.48 -12.86 8.08
C MET B 1 10.26 -11.38 8.39
N GLN B 2 10.83 -10.52 7.57
CA GLN B 2 10.70 -9.07 7.76
C GLN B 2 10.16 -8.40 6.50
N ILE B 3 9.38 -7.33 6.69
CA ILE B 3 8.80 -6.60 5.59
C ILE B 3 9.09 -5.11 5.70
N PHE B 4 8.99 -4.39 4.58
CA PHE B 4 9.25 -2.97 4.56
C PHE B 4 8.04 -2.19 4.03
N VAL B 5 7.33 -1.52 4.93
CA VAL B 5 6.17 -0.75 4.56
C VAL B 5 6.57 0.52 3.81
N LYS B 6 5.71 0.97 2.90
CA LYS B 6 5.99 2.16 2.12
C LYS B 6 4.76 3.06 2.02
N THR B 7 4.78 4.19 2.73
CA THR B 7 3.68 5.13 2.73
C THR B 7 3.82 6.11 1.56
N LEU B 8 2.69 6.55 1.02
CA LEU B 8 2.69 7.50 -0.09
C LEU B 8 3.33 8.82 0.32
N THR B 9 3.35 9.07 1.62
CA THR B 9 3.93 10.29 2.15
C THR B 9 5.45 10.31 1.95
N GLY B 10 6.04 9.12 1.94
CA GLY B 10 7.48 9.01 1.76
C GLY B 10 8.18 8.51 2.99
N LYS B 11 7.52 7.60 3.72
CA LYS B 11 8.09 7.04 4.93
C LYS B 11 8.23 5.52 4.82
N THR B 12 9.42 5.01 5.13
CA THR B 12 9.67 3.58 5.06
C THR B 12 9.73 2.97 6.45
N ILE B 13 8.95 1.92 6.67
CA ILE B 13 8.91 1.24 7.96
C ILE B 13 9.47 -0.17 7.86
N THR B 14 10.13 -0.62 8.92
CA THR B 14 10.71 -1.96 8.96
C THR B 14 10.15 -2.78 10.12
N LEU B 15 9.58 -3.94 9.80
CA LEU B 15 8.99 -4.80 10.83
C LEU B 15 9.36 -6.26 10.59
N GLU B 16 9.15 -7.09 11.60
CA GLU B 16 9.44 -8.52 11.50
C GLU B 16 8.19 -9.33 11.81
N VAL B 17 7.59 -9.90 10.77
CA VAL B 17 6.38 -10.70 10.93
C VAL B 17 6.65 -12.18 10.70
N GLU B 18 5.58 -12.98 10.62
CA GLU B 18 5.69 -14.41 10.40
C GLU B 18 5.07 -14.80 9.07
N SER B 19 5.29 -16.05 8.65
CA SER B 19 4.74 -16.54 7.39
C SER B 19 3.25 -16.82 7.52
N SER B 20 2.84 -17.25 8.72
CA SER B 20 1.44 -17.56 8.97
C SER B 20 0.73 -16.37 9.61
N ASP B 21 1.39 -15.22 9.62
CA ASP B 21 0.82 -14.01 10.20
C ASP B 21 -0.33 -13.49 9.34
N THR B 22 -1.36 -12.96 10.00
CA THR B 22 -2.53 -12.42 9.31
C THR B 22 -2.38 -10.94 9.05
N ILE B 23 -3.09 -10.44 8.03
CA ILE B 23 -3.03 -9.03 7.67
C ILE B 23 -3.55 -8.15 8.81
N ASP B 24 -4.68 -8.54 9.40
CA ASP B 24 -5.27 -7.79 10.50
C ASP B 24 -4.25 -7.54 11.59
N ASN B 25 -3.38 -8.52 11.81
CA ASN B 25 -2.34 -8.42 12.83
C ASN B 25 -1.28 -7.41 12.42
N VAL B 26 -0.99 -7.35 11.12
CA VAL B 26 0.00 -6.42 10.59
C VAL B 26 -0.35 -4.99 10.94
N LYS B 27 -1.56 -4.57 10.57
CA LYS B 27 -2.04 -3.22 10.84
C LYS B 27 -1.95 -2.89 12.34
N SER B 28 -2.25 -3.87 13.18
CA SER B 28 -2.20 -3.68 14.62
C SER B 28 -0.79 -3.34 15.09
N LYS B 29 0.18 -4.15 14.65
CA LYS B 29 1.57 -3.95 15.00
C LYS B 29 2.05 -2.56 14.61
N ILE B 30 1.72 -2.15 13.38
CA ILE B 30 2.12 -0.83 12.89
C ILE B 30 1.51 0.28 13.74
N GLN B 31 0.25 0.12 14.13
CA GLN B 31 -0.44 1.11 14.94
C GLN B 31 0.25 1.30 16.29
N ASP B 32 0.71 0.19 16.87
CA ASP B 32 1.37 0.22 18.17
C ASP B 32 2.87 0.46 18.03
N LYS B 33 3.37 0.46 16.79
CA LYS B 33 4.79 0.67 16.54
C LYS B 33 5.06 2.05 15.97
N GLU B 34 4.63 2.28 14.73
CA GLU B 34 4.83 3.56 14.07
C GLU B 34 3.84 4.60 14.57
N GLY B 35 2.57 4.41 14.25
CA GLY B 35 1.55 5.35 14.68
C GLY B 35 0.40 5.49 13.70
N ILE B 36 0.45 4.75 12.60
CA ILE B 36 -0.62 4.82 11.59
C ILE B 36 -1.80 3.96 12.01
N PRO B 37 -3.02 4.54 12.06
CA PRO B 37 -4.23 3.80 12.46
C PRO B 37 -4.52 2.60 11.54
N PRO B 38 -5.02 1.49 12.10
CA PRO B 38 -5.32 0.27 11.34
C PRO B 38 -6.54 0.44 10.44
N ASP B 39 -7.59 1.06 10.97
CA ASP B 39 -8.82 1.27 10.21
C ASP B 39 -8.63 2.32 9.12
N GLN B 40 -7.38 2.72 8.90
CA GLN B 40 -7.07 3.71 7.88
C GLN B 40 -5.91 3.26 7.00
N GLN B 41 -5.12 2.32 7.49
CA GLN B 41 -3.98 1.82 6.72
C GLN B 41 -4.25 0.44 6.14
N ARG B 42 -3.84 0.25 4.89
CA ARG B 42 -4.02 -1.03 4.20
C ARG B 42 -2.69 -1.51 3.61
N LEU B 43 -2.51 -2.83 3.55
CA LEU B 43 -1.29 -3.42 3.01
C LEU B 43 -1.46 -3.83 1.55
N ILE B 44 -0.51 -3.46 0.71
CA ILE B 44 -0.56 -3.81 -0.70
C ILE B 44 0.71 -4.50 -1.16
N PHE B 45 0.56 -5.52 -2.00
CA PHE B 45 1.69 -6.27 -2.53
C PHE B 45 1.44 -6.66 -3.98
N ALA B 46 2.43 -6.40 -4.84
CA ALA B 46 2.32 -6.71 -6.26
C ALA B 46 1.21 -5.91 -6.93
N GLY B 47 0.72 -4.89 -6.23
CA GLY B 47 -0.35 -4.06 -6.76
C GLY B 47 -1.73 -4.60 -6.43
N LYS B 48 -1.79 -5.46 -5.42
CA LYS B 48 -3.06 -6.05 -4.98
C LYS B 48 -3.28 -5.82 -3.49
N GLN B 49 -4.52 -5.48 -3.12
CA GLN B 49 -4.86 -5.24 -1.73
C GLN B 49 -4.96 -6.56 -0.96
N LEU B 50 -4.26 -6.64 0.16
CA LEU B 50 -4.27 -7.84 0.99
C LEU B 50 -5.42 -7.81 1.97
N GLU B 51 -6.46 -8.61 1.71
CA GLU B 51 -7.62 -8.66 2.57
C GLU B 51 -7.25 -9.15 3.97
N ASP B 52 -8.04 -8.75 4.96
CA ASP B 52 -7.79 -9.14 6.34
C ASP B 52 -8.39 -10.50 6.65
N GLY B 53 -8.95 -11.13 5.63
CA GLY B 53 -9.56 -12.44 5.80
C GLY B 53 -8.62 -13.57 5.43
N ARG B 54 -7.46 -13.22 4.90
CA ARG B 54 -6.47 -14.22 4.49
C ARG B 54 -5.10 -13.91 5.10
N THR B 55 -4.14 -14.78 4.84
CA THR B 55 -2.78 -14.60 5.35
C THR B 55 -1.84 -14.11 4.25
N LEU B 56 -0.57 -13.96 4.59
CA LEU B 56 0.44 -13.50 3.65
C LEU B 56 0.70 -14.55 2.57
N SER B 57 0.67 -15.82 2.97
CA SER B 57 0.91 -16.92 2.04
C SER B 57 -0.20 -17.02 1.00
N ASP B 58 -1.38 -16.50 1.34
CA ASP B 58 -2.52 -16.53 0.44
C ASP B 58 -2.25 -15.70 -0.82
N TYR B 59 -1.40 -14.69 -0.70
CA TYR B 59 -1.07 -13.83 -1.82
C TYR B 59 0.38 -14.03 -2.26
N ASN B 60 1.05 -14.97 -1.61
CA ASN B 60 2.44 -15.28 -1.93
C ASN B 60 3.34 -14.06 -1.74
N ILE B 61 3.99 -13.97 -0.59
CA ILE B 61 4.88 -12.86 -0.28
C ILE B 61 6.27 -13.36 0.08
N GLN B 62 7.29 -12.81 -0.57
CA GLN B 62 8.66 -13.19 -0.32
C GLN B 62 9.19 -12.56 0.97
N LYS B 63 10.46 -12.81 1.27
CA LYS B 63 11.08 -12.26 2.48
C LYS B 63 11.72 -10.90 2.18
N GLU B 64 11.69 -10.01 3.18
CA GLU B 64 12.26 -8.68 3.01
C GLU B 64 11.56 -7.92 1.89
N SER B 65 10.34 -8.34 1.58
CA SER B 65 9.56 -7.71 0.52
C SER B 65 9.19 -6.28 0.89
N THR B 66 8.65 -5.55 -0.07
CA THR B 66 8.26 -4.16 0.15
C THR B 66 6.75 -3.99 0.09
N LEU B 67 6.12 -3.82 1.26
CA LEU B 67 4.68 -3.64 1.34
C LEU B 67 4.33 -2.16 1.26
N HIS B 68 3.12 -1.86 0.79
CA HIS B 68 2.69 -0.47 0.67
C HIS B 68 1.53 -0.16 1.60
N LEU B 69 1.56 1.05 2.15
CA LEU B 69 0.52 1.51 3.06
C LEU B 69 -0.39 2.50 2.34
N VAL B 70 -1.58 2.06 1.97
CA VAL B 70 -2.53 2.90 1.25
C VAL B 70 -3.75 3.24 2.10
N LEU B 71 -4.59 4.14 1.58
CA LEU B 71 -5.82 4.59 2.24
C LEU B 71 -5.54 5.78 3.15
N ARG B 72 -6.19 5.78 4.31
CA ARG B 72 -6.05 6.86 5.29
C ARG B 72 -6.78 8.11 4.81
N LEU B 73 -8.06 7.93 4.49
CA LEU B 73 -8.88 9.03 4.01
C LEU B 73 -10.17 9.15 4.83
N ARG B 74 -11.02 10.10 4.47
CA ARG B 74 -12.28 10.32 5.16
C ARG B 74 -13.45 10.39 4.17
N GLY B 75 -14.55 9.72 4.51
CA GLY B 75 -15.71 9.74 3.64
C GLY B 75 -16.27 8.34 3.41
N GLY B 76 -16.93 7.79 4.43
CA GLY B 76 -17.50 6.46 4.33
C GLY B 76 -17.32 5.65 5.59
N THR A 1 10.61 20.29 -8.53
CA THR A 1 9.83 19.09 -8.94
C THR A 1 8.34 19.39 -8.97
N THR A 2 7.59 18.59 -9.73
CA THR A 2 6.15 18.76 -9.85
C THR A 2 5.39 17.63 -9.16
N PRO A 3 4.26 17.93 -8.49
CA PRO A 3 3.45 16.92 -7.80
C PRO A 3 2.84 15.92 -8.75
N LYS A 4 2.25 16.43 -9.82
CA LYS A 4 1.60 15.59 -10.83
C LYS A 4 2.48 14.40 -11.21
N SER A 5 3.76 14.68 -11.45
CA SER A 5 4.71 13.63 -11.84
C SER A 5 5.16 12.83 -10.62
N LEU A 6 5.24 13.48 -9.47
CA LEU A 6 5.66 12.83 -8.23
C LEU A 6 4.77 11.63 -7.92
N ALA A 7 3.46 11.82 -8.04
CA ALA A 7 2.51 10.75 -7.77
C ALA A 7 2.67 9.62 -8.77
N VAL A 8 2.85 9.98 -10.04
CA VAL A 8 3.03 9.00 -11.09
C VAL A 8 4.29 8.15 -10.86
N GLU A 9 5.33 8.78 -10.34
CA GLU A 9 6.58 8.09 -10.06
C GLU A 9 6.47 7.29 -8.77
N GLU A 10 5.66 7.79 -7.84
CA GLU A 10 5.46 7.11 -6.56
C GLU A 10 4.58 5.88 -6.74
N LEU A 11 3.77 5.92 -7.80
CA LEU A 11 2.87 4.82 -8.11
C LEU A 11 3.55 3.77 -8.97
N SER A 12 4.69 4.13 -9.54
CA SER A 12 5.46 3.21 -10.39
C SER A 12 6.07 2.10 -9.55
N GLY A 13 6.45 2.43 -8.31
CA GLY A 13 7.04 1.44 -7.43
C GLY A 13 6.01 0.52 -6.82
N MET A 14 4.74 0.86 -6.99
CA MET A 14 3.66 0.04 -6.45
C MET A 14 3.53 -1.28 -7.21
N GLY A 15 3.22 -1.19 -8.49
CA GLY A 15 3.07 -2.38 -9.30
C GLY A 15 2.46 -2.09 -10.66
N PHE A 16 2.43 -0.82 -11.04
CA PHE A 16 1.87 -0.41 -12.33
C PHE A 16 2.74 0.64 -13.00
N THR A 17 2.57 0.78 -14.32
CA THR A 17 3.35 1.74 -15.09
C THR A 17 2.90 3.17 -14.83
N GLU A 18 3.58 4.13 -15.47
CA GLU A 18 3.26 5.54 -15.32
C GLU A 18 1.97 5.90 -16.04
N GLU A 19 1.67 5.19 -17.12
CA GLU A 19 0.46 5.45 -17.90
C GLU A 19 -0.79 5.19 -17.06
N GLU A 20 -0.88 3.98 -16.52
CA GLU A 20 -2.02 3.60 -15.70
C GLU A 20 -2.17 4.56 -14.52
N ALA A 21 -1.03 4.99 -13.97
CA ALA A 21 -1.03 5.90 -12.85
C ALA A 21 -1.44 7.30 -13.29
N HIS A 22 -1.16 7.62 -14.56
CA HIS A 22 -1.51 8.92 -15.12
C HIS A 22 -3.02 9.09 -15.21
N ASN A 23 -3.69 8.14 -15.85
CA ASN A 23 -5.13 8.20 -16.01
C ASN A 23 -5.82 8.05 -14.66
N ALA A 24 -5.32 7.12 -13.85
CA ALA A 24 -5.88 6.88 -12.53
C ALA A 24 -5.87 8.15 -11.68
N LEU A 25 -4.70 8.79 -11.60
CA LEU A 25 -4.54 10.00 -10.82
C LEU A 25 -5.42 11.12 -11.33
N GLU A 26 -5.22 11.49 -12.60
CA GLU A 26 -5.98 12.57 -13.21
C GLU A 26 -7.45 12.43 -12.92
N LYS A 27 -8.06 11.36 -13.43
CA LYS A 27 -9.49 11.09 -13.25
C LYS A 27 -9.90 11.21 -11.79
N CYS A 28 -9.24 10.45 -10.91
CA CYS A 28 -9.55 10.48 -9.49
C CYS A 28 -9.48 11.91 -8.96
N ASN A 29 -8.86 12.78 -9.77
CA ASN A 29 -8.69 14.21 -9.46
C ASN A 29 -7.31 14.42 -8.87
N TRP A 30 -6.32 13.89 -9.57
CA TRP A 30 -4.93 13.98 -9.13
C TRP A 30 -4.81 13.75 -7.62
N ASP A 31 -4.86 12.49 -7.21
CA ASP A 31 -4.75 12.14 -5.79
C ASP A 31 -4.01 10.81 -5.61
N LEU A 32 -3.12 10.78 -4.62
CA LEU A 32 -2.33 9.58 -4.33
C LEU A 32 -3.21 8.38 -3.99
N GLU A 33 -3.76 8.39 -2.77
CA GLU A 33 -4.61 7.30 -2.29
C GLU A 33 -5.68 6.91 -3.31
N ALA A 34 -6.32 7.91 -3.91
CA ALA A 34 -7.36 7.66 -4.90
C ALA A 34 -6.83 6.88 -6.09
N ALA A 35 -5.62 7.24 -6.53
CA ALA A 35 -5.00 6.59 -7.67
C ALA A 35 -4.73 5.12 -7.37
N THR A 36 -4.02 4.85 -6.28
CA THR A 36 -3.72 3.48 -5.89
C THR A 36 -5.01 2.68 -5.77
N ASN A 37 -6.01 3.28 -5.16
CA ASN A 37 -7.31 2.64 -5.00
C ASN A 37 -7.94 2.37 -6.36
N PHE A 38 -7.62 3.24 -7.32
CA PHE A 38 -8.14 3.09 -8.67
C PHE A 38 -7.55 1.86 -9.35
N LEU A 39 -6.27 1.60 -9.07
CA LEU A 39 -5.58 0.44 -9.62
C LEU A 39 -6.02 -0.85 -8.96
N LEU A 40 -6.50 -0.73 -7.72
CA LEU A 40 -6.95 -1.89 -6.95
C LEU A 40 -8.36 -2.31 -7.35
N ASP A 41 -9.33 -1.42 -7.12
CA ASP A 41 -10.72 -1.70 -7.44
C ASP A 41 -11.05 -1.29 -8.87
N SER A 42 -10.98 0.01 -9.15
CA SER A 42 -11.29 0.54 -10.48
C SER A 42 -10.38 -0.09 -11.54
N ALA A 43 -10.65 0.24 -12.80
CA ALA A 43 -9.87 -0.29 -13.91
C ALA A 43 -9.97 0.62 -15.14
N MET B 1 11.91 -13.70 9.23
CA MET B 1 10.86 -13.27 8.27
C MET B 1 10.45 -11.82 8.53
N GLN B 2 11.09 -10.90 7.82
CA GLN B 2 10.80 -9.47 7.98
C GLN B 2 10.04 -8.93 6.77
N ILE B 3 9.52 -7.73 6.90
CA ILE B 3 8.76 -7.09 5.82
C ILE B 3 9.03 -5.59 5.78
N PHE B 4 9.13 -5.04 4.57
CA PHE B 4 9.39 -3.61 4.41
C PHE B 4 8.15 -2.89 3.89
N VAL B 5 7.35 -2.36 4.81
CA VAL B 5 6.15 -1.64 4.46
C VAL B 5 6.41 -0.15 4.29
N LYS B 6 6.45 0.30 3.04
CA LYS B 6 6.70 1.71 2.73
C LYS B 6 5.40 2.50 2.70
N THR B 7 5.46 3.74 3.17
CA THR B 7 4.29 4.61 3.19
C THR B 7 4.36 5.65 2.08
N LEU B 8 3.21 6.21 1.72
CA LEU B 8 3.14 7.23 0.67
C LEU B 8 3.80 8.53 1.13
N THR B 9 4.01 8.64 2.44
CA THR B 9 4.63 9.84 3.00
C THR B 9 6.13 9.84 2.78
N GLY B 10 6.67 8.68 2.37
CA GLY B 10 8.09 8.56 2.14
C GLY B 10 8.83 7.99 3.33
N LYS B 11 8.33 6.88 3.87
CA LYS B 11 8.94 6.23 5.01
C LYS B 11 9.08 4.73 4.78
N THR B 12 10.09 4.14 5.41
CA THR B 12 10.34 2.70 5.28
C THR B 12 10.14 2.00 6.62
N ILE B 13 8.95 1.43 6.81
CA ILE B 13 8.62 0.75 8.06
C ILE B 13 9.10 -0.70 8.01
N THR B 14 10.11 -1.02 8.81
CA THR B 14 10.66 -2.37 8.87
C THR B 14 10.12 -3.12 10.08
N LEU B 15 9.47 -4.26 9.82
CA LEU B 15 8.91 -5.07 10.90
C LEU B 15 9.31 -6.53 10.74
N GLU B 16 8.97 -7.33 11.74
CA GLU B 16 9.28 -8.76 11.73
C GLU B 16 8.04 -9.59 12.01
N VAL B 17 7.59 -10.33 11.00
CA VAL B 17 6.41 -11.17 11.14
C VAL B 17 6.75 -12.64 10.93
N GLU B 18 5.73 -13.48 10.82
CA GLU B 18 5.94 -14.91 10.63
C GLU B 18 5.14 -15.41 9.42
N SER B 19 5.41 -16.65 9.02
CA SER B 19 4.73 -17.24 7.88
C SER B 19 3.26 -17.51 8.20
N SER B 20 2.97 -17.66 9.50
CA SER B 20 1.61 -17.93 9.93
C SER B 20 0.92 -16.65 10.39
N ASP B 21 1.56 -15.51 10.13
CA ASP B 21 1.01 -14.22 10.50
C ASP B 21 -0.08 -13.79 9.54
N THR B 22 -1.01 -12.97 10.03
CA THR B 22 -2.11 -12.49 9.19
C THR B 22 -1.93 -11.01 8.86
N ILE B 23 -2.67 -10.54 7.85
CA ILE B 23 -2.60 -9.14 7.44
C ILE B 23 -3.02 -8.22 8.56
N ASP B 24 -4.14 -8.53 9.19
CA ASP B 24 -4.67 -7.72 10.29
C ASP B 24 -3.60 -7.44 11.34
N ASN B 25 -2.84 -8.47 11.69
CA ASN B 25 -1.78 -8.34 12.69
C ASN B 25 -0.75 -7.29 12.25
N VAL B 26 -0.34 -7.38 10.99
CA VAL B 26 0.64 -6.44 10.44
C VAL B 26 0.17 -4.99 10.60
N LYS B 27 -1.11 -4.76 10.39
CA LYS B 27 -1.68 -3.42 10.52
C LYS B 27 -1.52 -2.90 11.95
N SER B 28 -1.85 -3.75 12.92
CA SER B 28 -1.74 -3.39 14.32
C SER B 28 -0.30 -3.03 14.68
N LYS B 29 0.65 -3.82 14.19
CA LYS B 29 2.07 -3.58 14.47
C LYS B 29 2.48 -2.20 13.98
N ILE B 30 2.08 -1.87 12.75
CA ILE B 30 2.40 -0.57 12.17
C ILE B 30 1.71 0.55 12.94
N GLN B 31 0.54 0.23 13.49
CA GLN B 31 -0.24 1.20 14.25
C GLN B 31 0.39 1.45 15.62
N ASP B 32 1.09 0.45 16.14
CA ASP B 32 1.73 0.57 17.45
C ASP B 32 3.13 1.17 17.32
N LYS B 33 3.71 1.07 16.12
CA LYS B 33 5.04 1.60 15.87
C LYS B 33 4.96 3.06 15.44
N GLU B 34 4.40 3.30 14.25
CA GLU B 34 4.28 4.65 13.72
C GLU B 34 3.06 5.34 14.33
N GLY B 35 1.87 4.89 13.94
CA GLY B 35 0.65 5.48 14.45
C GLY B 35 -0.45 5.54 13.40
N ILE B 36 -0.16 4.99 12.21
CA ILE B 36 -1.13 4.99 11.13
C ILE B 36 -2.40 4.23 11.52
N PRO B 37 -3.55 4.93 11.66
CA PRO B 37 -4.83 4.30 12.04
C PRO B 37 -5.15 3.07 11.19
N PRO B 38 -5.97 2.15 11.72
CA PRO B 38 -6.35 0.91 11.01
C PRO B 38 -7.34 1.18 9.88
N ASP B 39 -8.32 2.05 10.16
CA ASP B 39 -9.33 2.39 9.18
C ASP B 39 -8.76 3.28 8.07
N GLN B 40 -7.44 3.43 8.07
CA GLN B 40 -6.76 4.26 7.07
C GLN B 40 -5.67 3.49 6.35
N GLN B 41 -4.85 2.75 7.11
CA GLN B 41 -3.75 1.98 6.54
C GLN B 41 -4.24 0.86 5.64
N ARG B 42 -3.60 0.72 4.47
CA ARG B 42 -3.94 -0.34 3.52
C ARG B 42 -2.68 -1.08 3.09
N LEU B 43 -2.66 -2.39 3.31
CA LEU B 43 -1.52 -3.21 2.96
C LEU B 43 -1.64 -3.73 1.53
N ILE B 44 -0.67 -3.38 0.67
CA ILE B 44 -0.68 -3.82 -0.72
C ILE B 44 0.63 -4.49 -1.11
N PHE B 45 0.53 -5.52 -1.94
CA PHE B 45 1.71 -6.25 -2.40
C PHE B 45 1.49 -6.81 -3.80
N ALA B 46 2.43 -6.53 -4.70
CA ALA B 46 2.34 -7.00 -6.08
C ALA B 46 1.10 -6.45 -6.78
N GLY B 47 0.59 -5.33 -6.27
CA GLY B 47 -0.58 -4.72 -6.85
C GLY B 47 -1.87 -5.28 -6.29
N LYS B 48 -1.76 -6.34 -5.50
CA LYS B 48 -2.93 -6.98 -4.91
C LYS B 48 -3.25 -6.37 -3.54
N GLN B 49 -4.54 -6.19 -3.27
CA GLN B 49 -4.98 -5.61 -2.00
C GLN B 49 -5.05 -6.70 -0.92
N LEU B 50 -4.10 -6.66 0.01
CA LEU B 50 -4.06 -7.64 1.09
C LEU B 50 -5.26 -7.48 2.02
N GLU B 51 -6.22 -8.39 1.91
CA GLU B 51 -7.41 -8.34 2.74
C GLU B 51 -7.13 -8.89 4.13
N ASP B 52 -7.67 -8.22 5.14
CA ASP B 52 -7.49 -8.63 6.52
C ASP B 52 -8.33 -9.87 6.85
N GLY B 53 -7.67 -10.98 7.11
CA GLY B 53 -8.38 -12.21 7.42
C GLY B 53 -7.61 -13.45 7.02
N ARG B 54 -6.85 -13.34 5.94
CA ARG B 54 -6.05 -14.47 5.45
C ARG B 54 -4.58 -14.29 5.79
N THR B 55 -3.80 -15.33 5.60
CA THR B 55 -2.37 -15.30 5.89
C THR B 55 -1.58 -14.69 4.74
N LEU B 56 -0.28 -14.52 4.95
CA LEU B 56 0.59 -13.94 3.93
C LEU B 56 0.81 -14.92 2.77
N SER B 57 0.80 -16.21 3.09
CA SER B 57 1.00 -17.25 2.08
C SER B 57 -0.18 -17.31 1.11
N ASP B 58 -1.34 -16.87 1.58
CA ASP B 58 -2.55 -16.88 0.75
C ASP B 58 -2.36 -15.99 -0.48
N TYR B 59 -1.61 -14.91 -0.32
CA TYR B 59 -1.36 -13.98 -1.41
C TYR B 59 0.06 -14.13 -1.94
N ASN B 60 0.74 -15.17 -1.47
CA ASN B 60 2.12 -15.45 -1.88
C ASN B 60 3.04 -14.27 -1.57
N ILE B 61 3.65 -14.31 -0.39
CA ILE B 61 4.56 -13.24 0.03
C ILE B 61 5.91 -13.83 0.47
N GLN B 62 6.97 -13.44 -0.22
CA GLN B 62 8.31 -13.91 0.10
C GLN B 62 8.85 -13.25 1.36
N LYS B 63 10.11 -13.52 1.67
CA LYS B 63 10.75 -12.95 2.85
C LYS B 63 11.36 -11.59 2.53
N GLU B 64 11.26 -10.66 3.48
CA GLU B 64 11.80 -9.32 3.32
C GLU B 64 11.19 -8.64 2.10
N SER B 65 9.99 -9.08 1.72
CA SER B 65 9.29 -8.51 0.57
C SER B 65 9.03 -7.03 0.77
N THR B 66 8.59 -6.37 -0.30
CA THR B 66 8.30 -4.93 -0.25
C THR B 66 6.81 -4.67 -0.32
N LEU B 67 6.22 -4.27 0.80
CA LEU B 67 4.80 -3.97 0.87
C LEU B 67 4.57 -2.46 0.84
N HIS B 68 3.32 -2.05 0.66
CA HIS B 68 3.00 -0.63 0.60
C HIS B 68 1.87 -0.28 1.57
N LEU B 69 1.84 0.96 2.03
CA LEU B 69 0.83 1.42 2.95
C LEU B 69 0.10 2.63 2.37
N VAL B 70 -1.20 2.45 2.08
CA VAL B 70 -2.00 3.53 1.50
C VAL B 70 -3.13 3.93 2.43
N LEU B 71 -3.59 5.17 2.27
CA LEU B 71 -4.70 5.70 3.06
C LEU B 71 -6.03 5.42 2.38
N ARG B 72 -7.01 4.97 3.15
CA ARG B 72 -8.33 4.67 2.60
C ARG B 72 -8.84 5.84 1.75
N LEU B 73 -9.22 6.92 2.42
CA LEU B 73 -9.71 8.11 1.75
C LEU B 73 -10.05 9.21 2.75
N ARG B 74 -10.06 10.46 2.28
CA ARG B 74 -10.37 11.59 3.14
C ARG B 74 -11.70 12.24 2.73
N GLY B 75 -12.45 11.53 1.90
CA GLY B 75 -13.74 12.04 1.45
C GLY B 75 -14.59 10.97 0.80
N GLY B 76 -15.34 10.23 1.62
CA GLY B 76 -16.19 9.19 1.12
C GLY B 76 -16.28 8.00 2.06
N THR A 1 11.35 17.50 -12.68
CA THR A 1 10.67 17.10 -11.42
C THR A 1 9.18 16.88 -11.66
N THR A 2 8.48 17.98 -11.96
CA THR A 2 7.03 17.96 -12.22
C THR A 2 6.29 17.00 -11.28
N PRO A 3 5.68 17.54 -10.21
CA PRO A 3 4.92 16.73 -9.23
C PRO A 3 3.92 15.80 -9.90
N LYS A 4 3.13 16.36 -10.79
CA LYS A 4 2.11 15.60 -11.51
C LYS A 4 2.72 14.33 -12.11
N SER A 5 3.94 14.45 -12.62
CA SER A 5 4.62 13.31 -13.23
C SER A 5 5.28 12.43 -12.17
N LEU A 6 5.67 13.05 -11.06
CA LEU A 6 6.30 12.33 -9.96
C LEU A 6 5.38 11.21 -9.44
N ALA A 7 4.09 11.51 -9.39
CA ALA A 7 3.11 10.54 -8.91
C ALA A 7 3.02 9.35 -9.88
N VAL A 8 3.09 9.66 -11.17
CA VAL A 8 3.03 8.63 -12.20
C VAL A 8 4.27 7.74 -12.17
N GLU A 9 5.40 8.33 -11.79
CA GLU A 9 6.65 7.60 -11.72
C GLU A 9 6.67 6.67 -10.49
N GLU A 10 6.10 7.15 -9.40
CA GLU A 10 6.05 6.37 -8.17
C GLU A 10 5.13 5.17 -8.33
N LEU A 11 3.93 5.42 -8.85
CA LEU A 11 2.95 4.37 -9.07
C LEU A 11 3.46 3.32 -10.05
N SER A 12 4.18 3.78 -11.07
CA SER A 12 4.73 2.88 -12.07
C SER A 12 5.72 1.89 -11.44
N GLY A 13 6.26 2.27 -10.29
CA GLY A 13 7.20 1.41 -9.60
C GLY A 13 6.54 0.61 -8.49
N MET A 14 5.28 0.27 -8.68
CA MET A 14 4.53 -0.50 -7.69
C MET A 14 3.98 -1.79 -8.30
N GLY A 15 3.02 -1.65 -9.21
CA GLY A 15 2.44 -2.81 -9.84
C GLY A 15 1.60 -2.46 -11.06
N PHE A 16 1.71 -1.21 -11.52
CA PHE A 16 0.95 -0.74 -12.67
C PHE A 16 1.82 0.10 -13.59
N THR A 17 1.30 0.42 -14.77
CA THR A 17 2.03 1.23 -15.74
C THR A 17 1.79 2.72 -15.51
N GLU A 18 2.45 3.55 -16.30
CA GLU A 18 2.32 5.00 -16.18
C GLU A 18 0.96 5.46 -16.72
N GLU A 19 0.40 4.68 -17.65
CA GLU A 19 -0.89 5.01 -18.25
C GLU A 19 -2.00 4.92 -17.22
N GLU A 20 -2.18 3.73 -16.65
CA GLU A 20 -3.21 3.50 -15.65
C GLU A 20 -3.06 4.48 -14.49
N ALA A 21 -1.81 4.83 -14.17
CA ALA A 21 -1.52 5.75 -13.10
C ALA A 21 -2.01 7.15 -13.43
N HIS A 22 -1.74 7.57 -14.67
CA HIS A 22 -2.15 8.90 -15.13
C HIS A 22 -3.66 9.07 -15.05
N ASN A 23 -4.39 8.14 -15.67
CA ASN A 23 -5.85 8.19 -15.66
C ASN A 23 -6.39 8.17 -14.24
N ALA A 24 -5.83 7.29 -13.41
CA ALA A 24 -6.25 7.16 -12.03
C ALA A 24 -6.13 8.48 -11.28
N LEU A 25 -4.96 9.13 -11.40
CA LEU A 25 -4.73 10.40 -10.73
C LEU A 25 -5.71 11.47 -11.21
N GLU A 26 -5.68 11.74 -12.51
CA GLU A 26 -6.53 12.75 -13.10
C GLU A 26 -7.96 12.63 -12.60
N LYS A 27 -8.60 11.50 -12.93
CA LYS A 27 -9.99 11.24 -12.52
C LYS A 27 -10.19 11.46 -11.03
N CYS A 28 -9.35 10.81 -10.22
CA CYS A 28 -9.43 10.94 -8.76
C CYS A 28 -9.23 12.39 -8.35
N ASN A 29 -8.82 13.21 -9.34
CA ASN A 29 -8.58 14.65 -9.16
C ASN A 29 -7.13 14.86 -8.83
N TRP A 30 -6.27 14.32 -9.70
CA TRP A 30 -4.82 14.40 -9.53
C TRP A 30 -4.42 14.24 -8.07
N ASP A 31 -4.43 12.98 -7.60
CA ASP A 31 -4.07 12.66 -6.23
C ASP A 31 -3.37 11.30 -6.18
N LEU A 32 -2.18 11.27 -5.59
CA LEU A 32 -1.40 10.03 -5.50
C LEU A 32 -2.14 8.95 -4.71
N GLU A 33 -2.35 9.19 -3.41
CA GLU A 33 -3.02 8.21 -2.56
C GLU A 33 -4.35 7.77 -3.18
N ALA A 34 -5.05 8.71 -3.81
CA ALA A 34 -6.32 8.39 -4.46
C ALA A 34 -6.09 7.52 -5.68
N ALA A 35 -4.99 7.76 -6.38
CA ALA A 35 -4.65 6.99 -7.56
C ALA A 35 -4.44 5.53 -7.19
N THR A 36 -3.62 5.29 -6.17
CA THR A 36 -3.38 3.94 -5.71
C THR A 36 -4.69 3.31 -5.31
N ASN A 37 -5.50 4.07 -4.59
CA ASN A 37 -6.80 3.61 -4.13
C ASN A 37 -7.68 3.30 -5.34
N PHE A 38 -7.40 3.96 -6.46
CA PHE A 38 -8.14 3.74 -7.69
C PHE A 38 -7.84 2.36 -8.26
N LEU A 39 -6.54 2.04 -8.38
CA LEU A 39 -6.12 0.76 -8.90
C LEU A 39 -6.49 -0.37 -7.94
N LEU A 40 -6.73 -0.02 -6.68
CA LEU A 40 -7.09 -0.99 -5.66
C LEU A 40 -8.58 -1.33 -5.72
N ASP A 41 -9.43 -0.32 -5.51
CA ASP A 41 -10.88 -0.51 -5.54
C ASP A 41 -11.45 -0.22 -6.93
N SER A 42 -11.33 1.03 -7.37
CA SER A 42 -11.83 1.43 -8.68
C SER A 42 -11.32 0.51 -9.78
N ALA A 43 -11.98 0.53 -10.93
CA ALA A 43 -11.59 -0.30 -12.06
C ALA A 43 -11.85 0.41 -13.39
N MET B 1 10.30 -14.01 9.94
CA MET B 1 10.32 -13.21 8.68
C MET B 1 9.98 -11.75 8.98
N GLN B 2 10.51 -10.85 8.15
CA GLN B 2 10.27 -9.42 8.33
C GLN B 2 9.78 -8.78 7.04
N ILE B 3 9.09 -7.65 7.17
CA ILE B 3 8.56 -6.92 6.02
C ILE B 3 8.91 -5.45 6.10
N PHE B 4 9.31 -4.88 4.97
CA PHE B 4 9.66 -3.46 4.90
C PHE B 4 8.55 -2.65 4.27
N VAL B 5 7.69 -2.07 5.11
CA VAL B 5 6.57 -1.26 4.64
C VAL B 5 7.05 0.11 4.18
N LYS B 6 6.39 0.67 3.19
CA LYS B 6 6.74 1.98 2.67
C LYS B 6 5.52 2.86 2.46
N THR B 7 5.38 3.89 3.29
CA THR B 7 4.28 4.82 3.18
C THR B 7 4.56 5.87 2.12
N LEU B 8 3.50 6.45 1.56
CA LEU B 8 3.66 7.47 0.53
C LEU B 8 4.05 8.82 1.14
N THR B 9 4.32 8.81 2.44
CA THR B 9 4.71 10.02 3.16
C THR B 9 6.21 10.02 3.44
N GLY B 10 6.91 9.02 2.88
CA GLY B 10 8.34 8.93 3.09
C GLY B 10 8.69 8.38 4.46
N LYS B 11 8.15 7.22 4.78
CA LYS B 11 8.40 6.59 6.07
C LYS B 11 8.47 5.07 5.94
N THR B 12 9.57 4.50 6.42
CA THR B 12 9.77 3.06 6.36
C THR B 12 9.39 2.40 7.68
N ILE B 13 8.68 1.28 7.60
CA ILE B 13 8.25 0.57 8.80
C ILE B 13 8.63 -0.90 8.73
N THR B 14 9.74 -1.26 9.38
CA THR B 14 10.21 -2.63 9.40
C THR B 14 9.55 -3.41 10.55
N LEU B 15 8.71 -4.36 10.20
CA LEU B 15 8.00 -5.16 11.20
C LEU B 15 8.48 -6.61 11.18
N GLU B 16 8.39 -7.27 12.33
CA GLU B 16 8.81 -8.66 12.46
C GLU B 16 7.60 -9.56 12.73
N VAL B 17 7.25 -10.38 11.74
CA VAL B 17 6.12 -11.28 11.88
C VAL B 17 6.52 -12.72 11.55
N GLU B 18 5.53 -13.60 11.45
CA GLU B 18 5.77 -14.99 11.14
C GLU B 18 4.99 -15.42 9.90
N SER B 19 5.11 -16.69 9.53
CA SER B 19 4.42 -17.21 8.36
C SER B 19 2.95 -17.43 8.65
N SER B 20 2.63 -17.66 9.93
CA SER B 20 1.25 -17.88 10.35
C SER B 20 0.56 -16.57 10.72
N ASP B 21 1.21 -15.45 10.39
CA ASP B 21 0.66 -14.14 10.69
C ASP B 21 -0.32 -13.70 9.60
N THR B 22 -1.37 -12.97 10.00
CA THR B 22 -2.37 -12.50 9.05
C THR B 22 -2.27 -10.99 8.85
N ILE B 23 -2.79 -10.51 7.73
CA ILE B 23 -2.75 -9.09 7.40
C ILE B 23 -3.44 -8.26 8.48
N ASP B 24 -4.60 -8.72 8.94
CA ASP B 24 -5.35 -8.02 9.96
C ASP B 24 -4.50 -7.80 11.22
N ASN B 25 -3.60 -8.74 11.49
CA ASN B 25 -2.73 -8.64 12.65
C ASN B 25 -1.56 -7.69 12.39
N VAL B 26 -1.10 -7.67 11.13
CA VAL B 26 0.01 -6.80 10.75
C VAL B 26 -0.33 -5.33 11.01
N LYS B 27 -1.45 -4.87 10.48
CA LYS B 27 -1.89 -3.48 10.65
C LYS B 27 -1.92 -3.11 12.13
N SER B 28 -2.35 -4.04 12.97
CA SER B 28 -2.42 -3.81 14.41
C SER B 28 -1.02 -3.58 14.98
N LYS B 29 -0.10 -4.46 14.60
CA LYS B 29 1.28 -4.36 15.07
C LYS B 29 1.91 -3.04 14.63
N ILE B 30 1.54 -2.59 13.44
CA ILE B 30 2.05 -1.34 12.90
C ILE B 30 1.43 -0.16 13.62
N GLN B 31 0.20 -0.34 14.10
CA GLN B 31 -0.51 0.71 14.81
C GLN B 31 0.09 0.93 16.20
N ASP B 32 0.51 -0.17 16.83
CA ASP B 32 1.10 -0.10 18.16
C ASP B 32 2.61 0.15 18.09
N LYS B 33 3.16 0.08 16.89
CA LYS B 33 4.59 0.30 16.69
C LYS B 33 4.87 1.72 16.21
N GLU B 34 3.98 2.25 15.37
CA GLU B 34 4.13 3.60 14.85
C GLU B 34 2.99 4.50 15.30
N GLY B 35 1.82 4.34 14.69
CA GLY B 35 0.67 5.14 15.07
C GLY B 35 -0.31 5.36 13.93
N ILE B 36 -0.02 4.79 12.77
CA ILE B 36 -0.88 4.93 11.61
C ILE B 36 -2.22 4.22 11.85
N PRO B 37 -3.36 4.87 11.54
CA PRO B 37 -4.69 4.28 11.74
C PRO B 37 -4.83 2.95 11.01
N PRO B 38 -5.33 1.90 11.70
CA PRO B 38 -5.50 0.57 11.12
C PRO B 38 -6.69 0.49 10.17
N ASP B 39 -7.81 1.09 10.58
CA ASP B 39 -9.02 1.09 9.78
C ASP B 39 -8.88 1.97 8.54
N GLN B 40 -7.70 2.53 8.33
CA GLN B 40 -7.46 3.40 7.18
C GLN B 40 -6.28 2.90 6.35
N GLN B 41 -5.25 2.40 7.04
CA GLN B 41 -4.06 1.90 6.35
C GLN B 41 -4.33 0.54 5.71
N ARG B 42 -3.74 0.30 4.55
CA ARG B 42 -3.92 -0.96 3.84
C ARG B 42 -2.61 -1.40 3.20
N LEU B 43 -2.36 -2.71 3.23
CA LEU B 43 -1.15 -3.28 2.65
C LEU B 43 -1.31 -3.57 1.16
N ILE B 44 -0.23 -3.37 0.42
CA ILE B 44 -0.24 -3.61 -1.02
C ILE B 44 1.02 -4.35 -1.45
N PHE B 45 0.84 -5.42 -2.23
CA PHE B 45 1.96 -6.21 -2.70
C PHE B 45 1.71 -6.69 -4.14
N ALA B 46 2.70 -6.48 -5.00
CA ALA B 46 2.61 -6.88 -6.40
C ALA B 46 1.43 -6.19 -7.08
N GLY B 47 0.95 -5.10 -6.49
CA GLY B 47 -0.16 -4.38 -7.06
C GLY B 47 -1.51 -4.95 -6.65
N LYS B 48 -1.53 -5.62 -5.49
CA LYS B 48 -2.75 -6.22 -4.99
C LYS B 48 -3.01 -5.78 -3.55
N GLN B 49 -4.30 -5.61 -3.20
CA GLN B 49 -4.69 -5.20 -1.86
C GLN B 49 -4.77 -6.41 -0.94
N LEU B 50 -3.82 -6.52 -0.02
CA LEU B 50 -3.78 -7.64 0.92
C LEU B 50 -5.00 -7.63 1.84
N GLU B 51 -5.99 -8.44 1.50
CA GLU B 51 -7.21 -8.53 2.31
C GLU B 51 -6.89 -8.90 3.75
N ASP B 52 -7.68 -8.37 4.69
CA ASP B 52 -7.47 -8.64 6.10
C ASP B 52 -8.09 -9.99 6.49
N GLY B 53 -7.31 -10.83 7.16
CA GLY B 53 -7.81 -12.13 7.58
C GLY B 53 -7.05 -13.27 6.92
N ARG B 54 -6.43 -12.99 5.78
CA ARG B 54 -5.67 -14.01 5.06
C ARG B 54 -4.21 -14.01 5.50
N THR B 55 -3.51 -15.11 5.24
CA THR B 55 -2.11 -15.23 5.60
C THR B 55 -1.20 -14.62 4.54
N LEU B 56 0.06 -14.39 4.91
CA LEU B 56 1.03 -13.80 4.01
C LEU B 56 1.35 -14.73 2.85
N SER B 57 1.30 -16.04 3.11
CA SER B 57 1.59 -17.04 2.09
C SER B 57 0.51 -17.03 0.99
N ASP B 58 -0.66 -16.51 1.33
CA ASP B 58 -1.77 -16.46 0.40
C ASP B 58 -1.48 -15.47 -0.74
N TYR B 59 -0.38 -14.74 -0.62
CA TYR B 59 0.00 -13.77 -1.63
C TYR B 59 1.43 -14.01 -2.12
N ASN B 60 2.00 -15.15 -1.74
CA ASN B 60 3.35 -15.50 -2.14
C ASN B 60 4.36 -14.45 -1.67
N ILE B 61 4.01 -13.73 -0.61
CA ILE B 61 4.88 -12.71 -0.05
C ILE B 61 6.25 -13.29 0.32
N GLN B 62 7.31 -12.69 -0.21
CA GLN B 62 8.66 -13.14 0.06
C GLN B 62 9.16 -12.58 1.38
N LYS B 63 10.33 -13.06 1.82
CA LYS B 63 10.92 -12.61 3.07
C LYS B 63 11.65 -11.28 2.87
N GLU B 64 11.55 -10.41 3.86
CA GLU B 64 12.20 -9.10 3.81
C GLU B 64 11.73 -8.31 2.58
N SER B 65 10.59 -8.70 2.04
CA SER B 65 10.03 -8.04 0.87
C SER B 65 9.51 -6.65 1.22
N THR B 66 9.42 -5.78 0.21
CA THR B 66 8.93 -4.42 0.42
C THR B 66 7.45 -4.31 0.12
N LEU B 67 6.67 -3.88 1.10
CA LEU B 67 5.23 -3.74 0.93
C LEU B 67 4.83 -2.26 0.96
N HIS B 68 3.82 -1.91 0.18
CA HIS B 68 3.34 -0.54 0.11
C HIS B 68 2.16 -0.32 1.04
N LEU B 69 2.18 0.79 1.78
CA LEU B 69 1.10 1.10 2.71
C LEU B 69 0.39 2.40 2.31
N VAL B 70 -0.90 2.29 2.01
CA VAL B 70 -1.68 3.45 1.60
C VAL B 70 -2.97 3.56 2.41
N LEU B 71 -3.42 4.79 2.62
CA LEU B 71 -4.64 5.05 3.38
C LEU B 71 -5.88 4.80 2.53
N ARG B 72 -7.02 4.65 3.20
CA ARG B 72 -8.29 4.40 2.51
C ARG B 72 -9.04 5.70 2.28
N LEU B 73 -8.80 6.69 3.16
CA LEU B 73 -9.44 7.99 3.05
C LEU B 73 -10.95 7.89 3.30
N ARG B 74 -11.40 8.45 4.41
CA ARG B 74 -12.82 8.43 4.76
C ARG B 74 -13.54 9.64 4.17
N GLY B 75 -14.62 9.39 3.45
CA GLY B 75 -15.38 10.46 2.84
C GLY B 75 -16.05 10.04 1.54
N GLY B 76 -17.28 9.56 1.65
CA GLY B 76 -18.00 9.13 0.46
C GLY B 76 -19.08 8.11 0.78
N THR A 1 11.68 18.76 -8.75
CA THR A 1 10.78 17.87 -9.52
C THR A 1 9.32 18.19 -9.24
N THR A 2 8.47 18.06 -10.26
CA THR A 2 7.05 18.34 -10.12
C THR A 2 6.33 17.20 -9.39
N PRO A 3 5.33 17.53 -8.55
CA PRO A 3 4.57 16.52 -7.79
C PRO A 3 3.79 15.56 -8.69
N LYS A 4 3.07 16.13 -9.64
CA LYS A 4 2.26 15.35 -10.58
C LYS A 4 3.05 14.16 -11.14
N SER A 5 4.28 14.40 -11.55
CA SER A 5 5.12 13.34 -12.10
C SER A 5 5.61 12.41 -10.99
N LEU A 6 5.87 12.97 -9.82
CA LEU A 6 6.34 12.19 -8.68
C LEU A 6 5.32 11.14 -8.28
N ALA A 7 4.04 11.45 -8.49
CA ALA A 7 2.96 10.53 -8.16
C ALA A 7 3.00 9.31 -9.07
N VAL A 8 3.15 9.56 -10.36
CA VAL A 8 3.20 8.48 -11.35
C VAL A 8 4.40 7.56 -11.09
N GLU A 9 5.50 8.15 -10.64
CA GLU A 9 6.71 7.39 -10.36
C GLU A 9 6.56 6.59 -9.06
N GLU A 10 5.89 7.19 -8.07
CA GLU A 10 5.68 6.54 -6.80
C GLU A 10 4.66 5.42 -6.93
N LEU A 11 3.80 5.55 -7.94
CA LEU A 11 2.77 4.55 -8.19
C LEU A 11 3.30 3.43 -9.08
N SER A 12 4.24 3.75 -9.95
CA SER A 12 4.82 2.77 -10.86
C SER A 12 5.61 1.71 -10.09
N GLY A 13 5.85 1.97 -8.80
CA GLY A 13 6.59 1.04 -7.99
C GLY A 13 5.70 0.22 -7.08
N MET A 14 4.40 0.22 -7.36
CA MET A 14 3.45 -0.54 -6.55
C MET A 14 3.04 -1.83 -7.24
N GLY A 15 2.79 -1.76 -8.55
CA GLY A 15 2.40 -2.94 -9.29
C GLY A 15 1.74 -2.61 -10.62
N PHE A 16 1.74 -1.33 -10.98
CA PHE A 16 1.14 -0.90 -12.24
C PHE A 16 2.07 0.06 -12.98
N THR A 17 1.95 0.07 -14.31
CA THR A 17 2.77 0.93 -15.15
C THR A 17 2.52 2.40 -14.86
N GLU A 18 3.30 3.27 -15.51
CA GLU A 18 3.16 4.71 -15.32
C GLU A 18 1.89 5.22 -16.00
N GLU A 19 1.45 4.52 -17.04
CA GLU A 19 0.25 4.91 -17.77
C GLU A 19 -0.98 4.80 -16.86
N GLU A 20 -1.19 3.60 -16.31
CA GLU A 20 -2.33 3.36 -15.42
C GLU A 20 -2.35 4.37 -14.28
N ALA A 21 -1.16 4.72 -13.78
CA ALA A 21 -1.03 5.68 -12.70
C ALA A 21 -1.36 7.09 -13.17
N HIS A 22 -0.99 7.40 -14.40
CA HIS A 22 -1.24 8.72 -14.97
C HIS A 22 -2.74 8.98 -15.07
N ASN A 23 -3.44 8.10 -15.77
CA ASN A 23 -4.89 8.23 -15.95
C ASN A 23 -5.59 8.24 -14.59
N ALA A 24 -5.25 7.28 -13.73
CA ALA A 24 -5.85 7.17 -12.42
C ALA A 24 -5.73 8.47 -11.64
N LEU A 25 -4.52 9.00 -11.57
CA LEU A 25 -4.25 10.24 -10.85
C LEU A 25 -5.11 11.39 -11.39
N GLU A 26 -4.93 11.68 -12.68
CA GLU A 26 -5.65 12.77 -13.32
C GLU A 26 -7.13 12.74 -12.95
N LYS A 27 -7.82 11.67 -13.38
CA LYS A 27 -9.24 11.50 -13.12
C LYS A 27 -9.58 11.69 -11.65
N CYS A 28 -8.88 10.96 -10.78
CA CYS A 28 -9.11 11.07 -9.34
C CYS A 28 -8.94 12.51 -8.89
N ASN A 29 -8.35 13.32 -9.78
CA ASN A 29 -8.11 14.75 -9.55
C ASN A 29 -6.71 14.93 -9.02
N TRP A 30 -5.77 14.33 -9.73
CA TRP A 30 -4.35 14.37 -9.33
C TRP A 30 -4.19 14.22 -7.82
N ASP A 31 -4.25 12.98 -7.35
CA ASP A 31 -4.12 12.69 -5.92
C ASP A 31 -3.47 11.33 -5.69
N LEU A 32 -2.56 11.26 -4.73
CA LEU A 32 -1.84 10.01 -4.43
C LEU A 32 -2.77 8.89 -3.96
N GLU A 33 -3.23 8.98 -2.72
CA GLU A 33 -4.10 7.95 -2.14
C GLU A 33 -5.27 7.62 -3.07
N ALA A 34 -5.81 8.63 -3.73
CA ALA A 34 -6.93 8.44 -4.64
C ALA A 34 -6.51 7.56 -5.81
N ALA A 35 -5.33 7.82 -6.35
CA ALA A 35 -4.81 7.05 -7.46
C ALA A 35 -4.65 5.58 -7.09
N THR A 36 -4.00 5.34 -5.96
CA THR A 36 -3.79 3.97 -5.49
C THR A 36 -5.15 3.30 -5.27
N ASN A 37 -6.02 3.97 -4.52
CA ASN A 37 -7.35 3.45 -4.25
C ASN A 37 -8.08 3.15 -5.56
N PHE A 38 -7.72 3.89 -6.60
CA PHE A 38 -8.32 3.70 -7.90
C PHE A 38 -7.92 2.35 -8.47
N LEU A 39 -6.62 2.13 -8.64
CA LEU A 39 -6.10 0.88 -9.18
C LEU A 39 -6.63 -0.33 -8.40
N LEU A 40 -7.10 -0.09 -7.18
CA LEU A 40 -7.62 -1.16 -6.34
C LEU A 40 -9.12 -1.36 -6.53
N ASP A 41 -9.87 -0.25 -6.54
CA ASP A 41 -11.32 -0.31 -6.69
C ASP A 41 -11.75 -0.15 -8.15
N SER A 42 -11.29 0.91 -8.79
CA SER A 42 -11.64 1.20 -10.18
C SER A 42 -11.60 -0.07 -11.04
N ALA A 43 -10.58 -0.91 -10.82
CA ALA A 43 -10.43 -2.14 -11.56
C ALA A 43 -10.44 -3.35 -10.64
N MET B 1 10.48 -14.02 9.21
CA MET B 1 10.47 -13.22 7.96
C MET B 1 10.22 -11.75 8.25
N GLN B 2 10.64 -10.88 7.34
CA GLN B 2 10.47 -9.44 7.51
C GLN B 2 9.88 -8.81 6.25
N ILE B 3 9.30 -7.63 6.41
CA ILE B 3 8.70 -6.91 5.29
C ILE B 3 9.05 -5.42 5.34
N PHE B 4 9.05 -4.77 4.18
CA PHE B 4 9.36 -3.34 4.11
C PHE B 4 8.13 -2.52 3.73
N VAL B 5 7.46 -1.99 4.75
CA VAL B 5 6.28 -1.19 4.55
C VAL B 5 6.64 0.14 3.90
N LYS B 6 5.90 0.51 2.85
CA LYS B 6 6.15 1.76 2.15
C LYS B 6 4.93 2.66 2.15
N THR B 7 4.93 3.67 3.01
CA THR B 7 3.81 4.60 3.10
C THR B 7 3.95 5.70 2.06
N LEU B 8 2.83 6.27 1.62
CA LEU B 8 2.85 7.32 0.63
C LEU B 8 3.52 8.58 1.18
N THR B 9 3.63 8.64 2.50
CA THR B 9 4.26 9.78 3.15
C THR B 9 5.78 9.71 3.01
N GLY B 10 6.25 8.63 2.41
CA GLY B 10 7.69 8.45 2.22
C GLY B 10 8.38 7.88 3.44
N LYS B 11 7.81 6.80 3.99
CA LYS B 11 8.38 6.15 5.17
C LYS B 11 8.58 4.67 4.94
N THR B 12 9.75 4.16 5.31
CA THR B 12 10.06 2.75 5.17
C THR B 12 10.08 2.06 6.53
N ILE B 13 8.98 1.41 6.86
CA ILE B 13 8.86 0.71 8.14
C ILE B 13 9.19 -0.77 8.01
N THR B 14 10.29 -1.18 8.64
CA THR B 14 10.72 -2.58 8.60
C THR B 14 10.12 -3.35 9.76
N LEU B 15 9.39 -4.42 9.45
CA LEU B 15 8.76 -5.24 10.48
C LEU B 15 9.23 -6.69 10.41
N GLU B 16 9.33 -7.32 11.56
CA GLU B 16 9.75 -8.72 11.64
C GLU B 16 8.60 -9.58 12.14
N VAL B 17 7.92 -10.26 11.22
CA VAL B 17 6.79 -11.10 11.57
C VAL B 17 7.07 -12.57 11.28
N GLU B 18 6.05 -13.40 11.46
CA GLU B 18 6.17 -14.83 11.21
C GLU B 18 5.36 -15.24 9.99
N SER B 19 5.47 -16.51 9.61
CA SER B 19 4.75 -17.04 8.45
C SER B 19 3.29 -17.27 8.78
N SER B 20 3.02 -17.63 10.03
CA SER B 20 1.64 -17.88 10.48
C SER B 20 0.90 -16.57 10.77
N ASP B 21 1.62 -15.46 10.65
CA ASP B 21 1.03 -14.15 10.90
C ASP B 21 0.07 -13.75 9.79
N THR B 22 -1.05 -13.13 10.17
CA THR B 22 -2.06 -12.70 9.21
C THR B 22 -1.86 -11.23 8.86
N ILE B 23 -2.60 -10.77 7.85
CA ILE B 23 -2.50 -9.38 7.43
C ILE B 23 -3.00 -8.43 8.51
N ASP B 24 -4.18 -8.73 9.06
CA ASP B 24 -4.77 -7.91 10.10
C ASP B 24 -3.80 -7.65 11.25
N ASN B 25 -3.07 -8.70 11.65
CA ASN B 25 -2.09 -8.58 12.72
C ASN B 25 -1.05 -7.53 12.39
N VAL B 26 -0.49 -7.61 11.19
CA VAL B 26 0.52 -6.66 10.74
C VAL B 26 0.05 -5.22 10.91
N LYS B 27 -1.19 -4.95 10.50
CA LYS B 27 -1.76 -3.61 10.61
C LYS B 27 -1.69 -3.11 12.05
N SER B 28 -2.00 -4.00 12.99
CA SER B 28 -1.99 -3.66 14.40
C SER B 28 -0.58 -3.29 14.87
N LYS B 29 0.39 -4.14 14.55
CA LYS B 29 1.77 -3.90 14.93
C LYS B 29 2.24 -2.53 14.46
N ILE B 30 1.86 -2.18 13.24
CA ILE B 30 2.23 -0.89 12.66
C ILE B 30 1.44 0.25 13.30
N GLN B 31 0.23 -0.07 13.76
CA GLN B 31 -0.63 0.92 14.40
C GLN B 31 -0.02 1.43 15.71
N ASP B 32 0.53 0.49 16.49
CA ASP B 32 1.14 0.83 17.77
C ASP B 32 2.61 1.24 17.59
N LYS B 33 3.16 0.94 16.42
CA LYS B 33 4.55 1.26 16.13
C LYS B 33 4.69 2.73 15.71
N GLU B 34 3.90 3.12 14.71
CA GLU B 34 3.93 4.50 14.22
C GLU B 34 2.72 5.28 14.72
N GLY B 35 1.53 4.87 14.27
CA GLY B 35 0.31 5.53 14.69
C GLY B 35 -0.72 5.62 13.58
N ILE B 36 -0.43 4.98 12.45
CA ILE B 36 -1.35 4.99 11.32
C ILE B 36 -2.66 4.29 11.67
N PRO B 37 -3.81 4.98 11.49
CA PRO B 37 -5.13 4.40 11.80
C PRO B 37 -5.38 3.10 11.06
N PRO B 38 -6.16 2.17 11.65
CA PRO B 38 -6.47 0.87 11.03
C PRO B 38 -7.55 0.97 9.95
N ASP B 39 -8.59 1.74 10.23
CA ASP B 39 -9.69 1.91 9.30
C ASP B 39 -9.25 2.74 8.09
N GLN B 40 -7.98 3.07 8.04
CA GLN B 40 -7.43 3.86 6.93
C GLN B 40 -6.31 3.10 6.23
N GLN B 41 -5.31 2.68 7.01
CA GLN B 41 -4.16 1.95 6.47
C GLN B 41 -4.60 0.74 5.66
N ARG B 42 -3.97 0.57 4.48
CA ARG B 42 -4.28 -0.56 3.61
C ARG B 42 -3.00 -1.14 3.02
N LEU B 43 -2.77 -2.42 3.29
CA LEU B 43 -1.57 -3.11 2.80
C LEU B 43 -1.75 -3.55 1.35
N ILE B 44 -0.72 -3.31 0.53
CA ILE B 44 -0.78 -3.69 -0.89
C ILE B 44 0.53 -4.35 -1.33
N PHE B 45 0.41 -5.37 -2.17
CA PHE B 45 1.57 -6.08 -2.66
C PHE B 45 1.26 -6.77 -3.99
N ALA B 46 2.22 -6.72 -4.92
CA ALA B 46 2.06 -7.34 -6.24
C ALA B 46 0.93 -6.67 -7.01
N GLY B 47 0.49 -5.51 -6.55
CA GLY B 47 -0.58 -4.79 -7.21
C GLY B 47 -1.96 -5.19 -6.74
N LYS B 48 -2.01 -6.07 -5.73
CA LYS B 48 -3.28 -6.53 -5.19
C LYS B 48 -3.40 -6.23 -3.70
N GLN B 49 -4.59 -5.83 -3.28
CA GLN B 49 -4.85 -5.50 -1.88
C GLN B 49 -4.80 -6.75 -1.00
N LEU B 50 -4.06 -6.67 0.09
CA LEU B 50 -3.95 -7.79 1.02
C LEU B 50 -5.13 -7.81 1.98
N GLU B 51 -6.12 -8.66 1.68
CA GLU B 51 -7.31 -8.78 2.50
C GLU B 51 -6.95 -9.17 3.94
N ASP B 52 -7.86 -8.91 4.87
CA ASP B 52 -7.64 -9.22 6.27
C ASP B 52 -8.08 -10.65 6.58
N GLY B 53 -7.36 -11.29 7.50
CA GLY B 53 -7.69 -12.66 7.88
C GLY B 53 -6.75 -13.67 7.26
N ARG B 54 -6.42 -13.47 5.99
CA ARG B 54 -5.53 -14.38 5.28
C ARG B 54 -4.08 -14.15 5.74
N THR B 55 -3.22 -15.13 5.44
CA THR B 55 -1.82 -15.05 5.83
C THR B 55 -0.97 -14.42 4.71
N LEU B 56 0.33 -14.35 4.95
CA LEU B 56 1.26 -13.77 3.98
C LEU B 56 1.53 -14.73 2.83
N SER B 57 1.53 -16.03 3.14
CA SER B 57 1.78 -17.06 2.13
C SER B 57 0.63 -17.14 1.14
N ASP B 58 -0.54 -16.65 1.55
CA ASP B 58 -1.73 -16.67 0.70
C ASP B 58 -1.57 -15.72 -0.49
N TYR B 59 -0.58 -14.84 -0.41
CA TYR B 59 -0.33 -13.88 -1.48
C TYR B 59 1.07 -14.03 -2.05
N ASN B 60 1.69 -15.16 -1.78
CA ASN B 60 3.04 -15.46 -2.27
C ASN B 60 4.04 -14.41 -1.79
N ILE B 61 3.70 -13.70 -0.72
CA ILE B 61 4.58 -12.67 -0.16
C ILE B 61 5.93 -13.26 0.23
N GLN B 62 6.95 -12.95 -0.57
CA GLN B 62 8.29 -13.45 -0.31
C GLN B 62 8.89 -12.80 0.93
N LYS B 63 10.17 -13.07 1.18
CA LYS B 63 10.87 -12.52 2.33
C LYS B 63 11.40 -11.12 2.02
N GLU B 64 11.47 -10.28 3.06
CA GLU B 64 11.97 -8.91 2.94
C GLU B 64 11.39 -8.22 1.70
N SER B 65 10.18 -8.64 1.31
CA SER B 65 9.51 -8.05 0.15
C SER B 65 9.11 -6.61 0.44
N THR B 66 8.89 -5.84 -0.62
CA THR B 66 8.50 -4.44 -0.48
C THR B 66 6.98 -4.28 -0.53
N LEU B 67 6.38 -3.98 0.62
CA LEU B 67 4.94 -3.80 0.70
C LEU B 67 4.59 -2.31 0.77
N HIS B 68 3.32 -1.99 0.54
CA HIS B 68 2.87 -0.59 0.56
C HIS B 68 1.77 -0.39 1.59
N LEU B 69 1.62 0.85 2.03
CA LEU B 69 0.60 1.20 3.02
C LEU B 69 -0.05 2.53 2.66
N VAL B 70 -1.27 2.46 2.13
CA VAL B 70 -2.01 3.65 1.76
C VAL B 70 -3.30 3.78 2.58
N LEU B 71 -3.66 5.01 2.89
CA LEU B 71 -4.88 5.27 3.67
C LEU B 71 -6.11 5.09 2.80
N ARG B 72 -7.24 4.81 3.45
CA ARG B 72 -8.51 4.61 2.74
C ARG B 72 -8.84 5.81 1.87
N LEU B 73 -9.31 6.89 2.50
CA LEU B 73 -9.67 8.12 1.80
C LEU B 73 -10.12 9.19 2.77
N ARG B 74 -9.53 9.18 3.97
CA ARG B 74 -9.88 10.14 5.01
C ARG B 74 -11.37 10.11 5.32
N GLY B 75 -11.75 9.31 6.31
CA GLY B 75 -13.14 9.20 6.69
C GLY B 75 -13.68 7.79 6.49
N GLY B 76 -13.48 6.93 7.48
CA GLY B 76 -13.96 5.56 7.39
C GLY B 76 -14.76 5.15 8.61
N THR A 1 10.92 18.07 -7.24
CA THR A 1 10.72 17.27 -8.47
C THR A 1 9.30 17.45 -9.00
N THR A 2 9.14 17.29 -10.31
CA THR A 2 7.85 17.43 -10.96
C THR A 2 6.81 16.51 -10.30
N PRO A 3 5.76 17.08 -9.70
CA PRO A 3 4.71 16.30 -9.02
C PRO A 3 3.94 15.40 -9.97
N LYS A 4 3.49 15.97 -11.07
CA LYS A 4 2.72 15.23 -12.08
C LYS A 4 3.40 13.92 -12.46
N SER A 5 4.70 13.99 -12.74
CA SER A 5 5.45 12.80 -13.13
C SER A 5 5.92 12.00 -11.91
N LEU A 6 6.14 12.70 -10.80
CA LEU A 6 6.59 12.06 -9.57
C LEU A 6 5.58 11.01 -9.10
N ALA A 7 4.31 11.39 -9.10
CA ALA A 7 3.25 10.48 -8.68
C ALA A 7 3.23 9.23 -9.55
N VAL A 8 3.33 9.42 -10.86
CA VAL A 8 3.33 8.31 -11.79
C VAL A 8 4.51 7.38 -11.56
N GLU A 9 5.69 7.96 -11.33
CA GLU A 9 6.90 7.18 -11.10
C GLU A 9 6.82 6.46 -9.75
N GLU A 10 6.08 7.04 -8.82
CA GLU A 10 5.91 6.45 -7.49
C GLU A 10 4.86 5.35 -7.54
N LEU A 11 3.93 5.49 -8.47
CA LEU A 11 2.86 4.52 -8.64
C LEU A 11 3.32 3.33 -9.49
N SER A 12 4.37 3.55 -10.26
CA SER A 12 4.91 2.50 -11.13
C SER A 12 5.59 1.41 -10.29
N GLY A 13 6.07 1.80 -9.11
CA GLY A 13 6.72 0.86 -8.23
C GLY A 13 5.74 0.08 -7.38
N MET A 14 4.46 0.40 -7.54
CA MET A 14 3.40 -0.27 -6.77
C MET A 14 3.07 -1.62 -7.39
N GLY A 15 2.61 -1.60 -8.65
CA GLY A 15 2.27 -2.83 -9.33
C GLY A 15 1.57 -2.60 -10.65
N PHE A 16 1.63 -1.36 -11.15
CA PHE A 16 1.00 -1.01 -12.41
C PHE A 16 1.90 -0.11 -13.24
N THR A 17 1.62 -0.03 -14.54
CA THR A 17 2.40 0.80 -15.46
C THR A 17 2.18 2.29 -15.20
N GLU A 18 2.93 3.12 -15.93
CA GLU A 18 2.83 4.57 -15.80
C GLU A 18 1.54 5.10 -16.42
N GLU A 19 1.02 4.36 -17.40
CA GLU A 19 -0.21 4.75 -18.08
C GLU A 19 -1.41 4.71 -17.14
N GLU A 20 -1.66 3.52 -16.59
CA GLU A 20 -2.78 3.33 -15.66
C GLU A 20 -2.69 4.31 -14.50
N ALA A 21 -1.47 4.60 -14.07
CA ALA A 21 -1.26 5.54 -12.97
C ALA A 21 -1.59 6.96 -13.40
N HIS A 22 -1.26 7.29 -14.64
CA HIS A 22 -1.53 8.62 -15.18
C HIS A 22 -3.03 8.92 -15.16
N ASN A 23 -3.81 8.02 -15.75
CA ASN A 23 -5.25 8.19 -15.80
C ASN A 23 -5.84 8.21 -14.39
N ALA A 24 -5.42 7.25 -13.58
CA ALA A 24 -5.90 7.13 -12.21
C ALA A 24 -5.70 8.43 -11.43
N LEU A 25 -4.51 9.02 -11.56
CA LEU A 25 -4.20 10.27 -10.85
C LEU A 25 -5.10 11.40 -11.32
N GLU A 26 -5.03 11.69 -12.63
CA GLU A 26 -5.82 12.77 -13.20
C GLU A 26 -7.25 12.71 -12.70
N LYS A 27 -7.95 11.64 -13.07
CA LYS A 27 -9.36 11.45 -12.67
C LYS A 27 -9.54 11.64 -11.17
N CYS A 28 -8.77 10.91 -10.37
CA CYS A 28 -8.88 11.02 -8.92
C CYS A 28 -8.63 12.46 -8.46
N ASN A 29 -8.17 13.28 -9.42
CA ASN A 29 -7.89 14.71 -9.19
C ASN A 29 -6.44 14.88 -8.84
N TRP A 30 -5.59 14.27 -9.66
CA TRP A 30 -4.14 14.30 -9.45
C TRP A 30 -3.79 14.17 -7.97
N ASP A 31 -3.97 12.97 -7.43
CA ASP A 31 -3.66 12.70 -6.02
C ASP A 31 -3.00 11.33 -5.85
N LEU A 32 -2.05 11.24 -4.94
CA LEU A 32 -1.32 9.99 -4.70
C LEU A 32 -2.23 8.88 -4.15
N GLU A 33 -2.54 8.96 -2.86
CA GLU A 33 -3.38 7.95 -2.20
C GLU A 33 -4.64 7.65 -3.02
N ALA A 34 -5.24 8.68 -3.59
CA ALA A 34 -6.46 8.51 -4.38
C ALA A 34 -6.19 7.63 -5.60
N ALA A 35 -5.06 7.85 -6.25
CA ALA A 35 -4.69 7.08 -7.43
C ALA A 35 -4.55 5.60 -7.07
N THR A 36 -3.74 5.31 -6.06
CA THR A 36 -3.55 3.93 -5.63
C THR A 36 -4.90 3.29 -5.33
N ASN A 37 -5.76 4.05 -4.67
CA ASN A 37 -7.10 3.56 -4.33
C ASN A 37 -7.90 3.34 -5.60
N PHE A 38 -7.57 4.11 -6.64
CA PHE A 38 -8.25 3.98 -7.93
C PHE A 38 -7.92 2.64 -8.56
N LEU A 39 -6.66 2.21 -8.44
CA LEU A 39 -6.21 0.94 -8.99
C LEU A 39 -6.78 -0.23 -8.18
N LEU A 40 -7.12 0.03 -6.93
CA LEU A 40 -7.67 -1.02 -6.05
C LEU A 40 -9.16 -1.21 -6.30
N ASP A 41 -9.94 -0.17 -6.02
CA ASP A 41 -11.38 -0.23 -6.19
C ASP A 41 -11.79 0.09 -7.63
N SER A 42 -11.56 1.34 -8.04
CA SER A 42 -11.90 1.77 -9.39
C SER A 42 -11.22 0.90 -10.44
N ALA A 43 -11.60 1.10 -11.70
CA ALA A 43 -11.01 0.34 -12.81
C ALA A 43 -9.56 0.74 -13.04
N MET B 1 11.08 -13.54 9.35
CA MET B 1 10.53 -12.86 8.15
C MET B 1 10.40 -11.36 8.38
N GLN B 2 11.23 -10.59 7.67
CA GLN B 2 11.21 -9.14 7.80
C GLN B 2 10.45 -8.50 6.64
N ILE B 3 9.73 -7.42 6.93
CA ILE B 3 8.97 -6.70 5.92
C ILE B 3 9.24 -5.21 5.96
N PHE B 4 9.11 -4.56 4.80
CA PHE B 4 9.34 -3.13 4.70
C PHE B 4 8.11 -2.40 4.17
N VAL B 5 7.36 -1.77 5.06
CA VAL B 5 6.16 -1.05 4.69
C VAL B 5 6.51 0.40 4.32
N LYS B 6 5.87 0.92 3.28
CA LYS B 6 6.13 2.28 2.83
C LYS B 6 4.85 3.10 2.70
N THR B 7 4.87 4.31 3.24
CA THR B 7 3.72 5.20 3.18
C THR B 7 3.92 6.25 2.09
N LEU B 8 2.83 6.67 1.44
CA LEU B 8 2.92 7.66 0.37
C LEU B 8 3.54 8.96 0.87
N THR B 9 3.37 9.24 2.16
CA THR B 9 3.94 10.45 2.75
C THR B 9 5.45 10.43 2.69
N GLY B 10 6.03 9.23 2.67
CA GLY B 10 7.47 9.09 2.60
C GLY B 10 8.05 8.61 3.91
N LYS B 11 7.62 7.42 4.36
CA LYS B 11 8.11 6.86 5.60
C LYS B 11 8.28 5.35 5.48
N THR B 12 9.35 4.83 6.09
CA THR B 12 9.65 3.41 6.05
C THR B 12 9.32 2.75 7.39
N ILE B 13 8.83 1.51 7.34
CA ILE B 13 8.47 0.78 8.55
C ILE B 13 8.96 -0.67 8.49
N THR B 14 10.02 -0.96 9.23
CA THR B 14 10.58 -2.31 9.26
C THR B 14 9.98 -3.11 10.41
N LEU B 15 9.32 -4.21 10.07
CA LEU B 15 8.69 -5.05 11.08
C LEU B 15 9.12 -6.51 10.94
N GLU B 16 9.21 -7.21 12.08
CA GLU B 16 9.59 -8.61 12.09
C GLU B 16 8.36 -9.50 12.27
N VAL B 17 7.83 -9.98 11.15
CA VAL B 17 6.64 -10.83 11.18
C VAL B 17 6.98 -12.27 10.82
N GLU B 18 5.94 -13.08 10.63
CA GLU B 18 6.12 -14.48 10.27
C GLU B 18 5.21 -14.87 9.09
N SER B 19 5.51 -15.99 8.46
CA SER B 19 4.72 -16.46 7.33
C SER B 19 3.40 -17.08 7.79
N SER B 20 3.33 -17.42 9.07
CA SER B 20 2.12 -18.01 9.64
C SER B 20 1.23 -16.95 10.26
N ASP B 21 1.63 -15.69 10.14
CA ASP B 21 0.87 -14.58 10.70
C ASP B 21 -0.19 -14.11 9.70
N THR B 22 -1.13 -13.29 10.18
CA THR B 22 -2.20 -12.78 9.33
C THR B 22 -2.00 -11.30 9.03
N ILE B 23 -2.83 -10.78 8.13
CA ILE B 23 -2.75 -9.38 7.75
C ILE B 23 -3.21 -8.47 8.88
N ASP B 24 -4.42 -8.72 9.37
CA ASP B 24 -5.00 -7.93 10.45
C ASP B 24 -4.02 -7.76 11.61
N ASN B 25 -3.18 -8.77 11.83
CA ASN B 25 -2.20 -8.73 12.91
C ASN B 25 -1.09 -7.73 12.60
N VAL B 26 -0.65 -7.72 11.35
CA VAL B 26 0.41 -6.82 10.91
C VAL B 26 -0.02 -5.36 11.07
N LYS B 27 -1.27 -5.07 10.73
CA LYS B 27 -1.80 -3.72 10.84
C LYS B 27 -1.68 -3.20 12.27
N SER B 28 -2.06 -4.05 13.23
CA SER B 28 -2.00 -3.69 14.64
C SER B 28 -0.56 -3.43 15.08
N LYS B 29 0.34 -4.33 14.70
CA LYS B 29 1.75 -4.21 15.03
C LYS B 29 2.30 -2.86 14.56
N ILE B 30 1.86 -2.43 13.38
CA ILE B 30 2.31 -1.16 12.83
C ILE B 30 1.66 0.02 13.54
N GLN B 31 0.43 -0.19 14.02
CA GLN B 31 -0.30 0.85 14.72
C GLN B 31 0.36 1.19 16.06
N ASP B 32 0.87 0.17 16.74
CA ASP B 32 1.52 0.36 18.03
C ASP B 32 2.97 0.81 17.85
N LYS B 33 3.50 0.60 16.65
CA LYS B 33 4.87 1.00 16.36
C LYS B 33 4.95 2.46 15.92
N GLU B 34 4.38 2.76 14.77
CA GLU B 34 4.39 4.12 14.24
C GLU B 34 3.22 4.93 14.81
N GLY B 35 2.00 4.61 14.37
CA GLY B 35 0.84 5.32 14.84
C GLY B 35 -0.21 5.52 13.77
N ILE B 36 -0.22 4.63 12.77
CA ILE B 36 -1.18 4.73 11.68
C ILE B 36 -2.46 3.95 12.02
N PRO B 37 -3.65 4.56 11.85
CA PRO B 37 -4.92 3.91 12.15
C PRO B 37 -5.17 2.69 11.25
N PRO B 38 -5.65 1.57 11.83
CA PRO B 38 -5.92 0.34 11.08
C PRO B 38 -7.16 0.46 10.21
N ASP B 39 -8.14 1.22 10.67
CA ASP B 39 -9.39 1.41 9.94
C ASP B 39 -9.15 2.21 8.66
N GLN B 40 -7.93 2.71 8.48
CA GLN B 40 -7.58 3.50 7.31
C GLN B 40 -6.50 2.80 6.48
N GLN B 41 -5.34 2.60 7.10
CA GLN B 41 -4.22 1.97 6.42
C GLN B 41 -4.63 0.66 5.74
N ARG B 42 -4.04 0.40 4.57
CA ARG B 42 -4.32 -0.82 3.83
C ARG B 42 -3.03 -1.38 3.23
N LEU B 43 -2.75 -2.65 3.54
CA LEU B 43 -1.55 -3.30 3.04
C LEU B 43 -1.72 -3.75 1.60
N ILE B 44 -0.74 -3.42 0.75
CA ILE B 44 -0.79 -3.80 -0.67
C ILE B 44 0.55 -4.39 -1.12
N PHE B 45 0.49 -5.37 -2.01
CA PHE B 45 1.69 -6.02 -2.52
C PHE B 45 1.43 -6.68 -3.87
N ALA B 46 2.41 -6.58 -4.78
CA ALA B 46 2.29 -7.16 -6.11
C ALA B 46 1.14 -6.54 -6.89
N GLY B 47 0.69 -5.37 -6.45
CA GLY B 47 -0.40 -4.69 -7.13
C GLY B 47 -1.76 -5.18 -6.66
N LYS B 48 -1.75 -6.11 -5.71
CA LYS B 48 -2.99 -6.66 -5.18
C LYS B 48 -3.12 -6.38 -3.68
N GLN B 49 -4.30 -5.94 -3.26
CA GLN B 49 -4.55 -5.64 -1.86
C GLN B 49 -4.63 -6.92 -1.03
N LEU B 50 -4.18 -6.85 0.21
CA LEU B 50 -4.21 -8.01 1.09
C LEU B 50 -5.41 -7.98 2.02
N GLU B 51 -6.24 -9.01 1.97
CA GLU B 51 -7.43 -9.09 2.81
C GLU B 51 -7.06 -9.50 4.23
N ASP B 52 -7.85 -9.06 5.20
CA ASP B 52 -7.61 -9.37 6.60
C ASP B 52 -8.19 -10.73 6.98
N GLY B 53 -8.52 -11.53 5.98
CA GLY B 53 -9.08 -12.85 6.23
C GLY B 53 -8.19 -13.97 5.76
N ARG B 54 -7.02 -13.61 5.22
CA ARG B 54 -6.07 -14.60 4.71
C ARG B 54 -4.67 -14.32 5.21
N THR B 55 -3.75 -15.25 4.97
CA THR B 55 -2.36 -15.10 5.41
C THR B 55 -1.52 -14.42 4.33
N LEU B 56 -0.21 -14.32 4.61
CA LEU B 56 0.72 -13.70 3.68
C LEU B 56 1.07 -14.63 2.52
N SER B 57 1.08 -15.93 2.80
CA SER B 57 1.41 -16.93 1.80
C SER B 57 0.31 -17.07 0.74
N ASP B 58 -0.91 -16.70 1.12
CA ASP B 58 -2.04 -16.78 0.20
C ASP B 58 -1.89 -15.79 -0.95
N TYR B 59 -1.05 -14.78 -0.77
CA TYR B 59 -0.82 -13.77 -1.79
C TYR B 59 0.60 -13.81 -2.30
N ASN B 60 1.34 -14.85 -1.89
CA ASN B 60 2.73 -15.03 -2.31
C ASN B 60 3.58 -13.82 -1.92
N ILE B 61 4.16 -13.89 -0.72
CA ILE B 61 5.00 -12.81 -0.23
C ILE B 61 6.35 -13.33 0.25
N GLN B 62 7.43 -12.96 -0.45
CA GLN B 62 8.77 -13.40 -0.09
C GLN B 62 9.29 -12.62 1.11
N LYS B 63 10.53 -12.94 1.51
CA LYS B 63 11.15 -12.27 2.65
C LYS B 63 11.71 -10.91 2.24
N GLU B 64 11.78 -9.99 3.21
CA GLU B 64 12.30 -8.65 2.95
C GLU B 64 11.49 -7.94 1.88
N SER B 65 10.28 -8.42 1.63
CA SER B 65 9.40 -7.83 0.62
C SER B 65 9.04 -6.40 0.99
N THR B 66 8.63 -5.62 -0.01
CA THR B 66 8.25 -4.23 0.21
C THR B 66 6.74 -4.05 0.12
N LEU B 67 6.10 -3.88 1.28
CA LEU B 67 4.66 -3.69 1.33
C LEU B 67 4.30 -2.21 1.28
N HIS B 68 3.08 -1.91 0.84
CA HIS B 68 2.64 -0.52 0.73
C HIS B 68 1.52 -0.25 1.74
N LEU B 69 1.49 0.97 2.25
CA LEU B 69 0.48 1.39 3.22
C LEU B 69 -0.33 2.56 2.68
N VAL B 70 -1.59 2.31 2.33
CA VAL B 70 -2.46 3.35 1.79
C VAL B 70 -3.65 3.60 2.71
N LEU B 71 -3.94 4.88 2.95
CA LEU B 71 -5.07 5.25 3.80
C LEU B 71 -6.39 5.01 3.07
N ARG B 72 -7.40 4.59 3.81
CA ARG B 72 -8.72 4.33 3.23
C ARG B 72 -9.27 5.59 2.59
N LEU B 73 -9.00 6.73 3.21
CA LEU B 73 -9.46 8.02 2.69
C LEU B 73 -10.98 8.04 2.61
N ARG B 74 -11.52 9.12 2.03
CA ARG B 74 -12.96 9.27 1.86
C ARG B 74 -13.67 9.39 3.22
N GLY B 75 -14.69 10.25 3.27
CA GLY B 75 -15.43 10.44 4.51
C GLY B 75 -15.96 11.86 4.65
N GLY B 76 -17.19 12.08 4.20
CA GLY B 76 -17.78 13.39 4.29
C GLY B 76 -19.26 13.34 4.59
N THR A 1 10.52 20.43 -8.93
CA THR A 1 9.93 19.20 -9.53
C THR A 1 8.40 19.26 -9.55
N THR A 2 7.81 18.82 -10.65
CA THR A 2 6.36 18.82 -10.79
C THR A 2 5.73 17.70 -9.97
N PRO A 3 4.59 17.97 -9.31
CA PRO A 3 3.89 16.98 -8.49
C PRO A 3 3.10 15.98 -9.32
N LYS A 4 2.49 16.47 -10.38
CA LYS A 4 1.69 15.62 -11.28
C LYS A 4 2.49 14.42 -11.75
N SER A 5 3.79 14.64 -11.94
CA SER A 5 4.68 13.57 -12.41
C SER A 5 5.15 12.70 -11.23
N LEU A 6 5.36 13.33 -10.08
CA LEU A 6 5.81 12.61 -8.90
C LEU A 6 4.85 11.48 -8.53
N ALA A 7 3.55 11.78 -8.55
CA ALA A 7 2.54 10.79 -8.22
C ALA A 7 2.64 9.59 -9.15
N VAL A 8 2.71 9.86 -10.44
CA VAL A 8 2.81 8.80 -11.45
C VAL A 8 4.03 7.91 -11.20
N GLU A 9 5.16 8.54 -10.88
CA GLU A 9 6.38 7.80 -10.62
C GLU A 9 6.24 6.93 -9.37
N GLU A 10 5.74 7.54 -8.30
CA GLU A 10 5.54 6.83 -7.04
C GLU A 10 4.56 5.67 -7.21
N LEU A 11 3.69 5.79 -8.21
CA LEU A 11 2.71 4.76 -8.49
C LEU A 11 3.28 3.69 -9.41
N SER A 12 4.21 4.10 -10.27
CA SER A 12 4.83 3.19 -11.22
C SER A 12 5.69 2.14 -10.50
N GLY A 13 5.91 2.35 -9.21
CA GLY A 13 6.71 1.42 -8.44
C GLY A 13 5.88 0.58 -7.48
N MET A 14 4.68 0.21 -7.91
CA MET A 14 3.80 -0.61 -7.07
C MET A 14 3.36 -1.87 -7.82
N GLY A 15 3.13 -1.75 -9.12
CA GLY A 15 2.71 -2.89 -9.90
C GLY A 15 2.04 -2.49 -11.21
N PHE A 16 2.19 -1.23 -11.59
CA PHE A 16 1.58 -0.73 -12.83
C PHE A 16 2.48 0.30 -13.49
N THR A 17 2.20 0.59 -14.77
CA THR A 17 2.99 1.55 -15.53
C THR A 17 2.55 2.99 -15.25
N GLU A 18 3.21 3.94 -15.91
CA GLU A 18 2.90 5.36 -15.74
C GLU A 18 1.55 5.69 -16.37
N GLU A 19 1.20 4.95 -17.42
CA GLU A 19 -0.07 5.17 -18.12
C GLU A 19 -1.25 4.90 -17.21
N GLU A 20 -1.31 3.69 -16.66
CA GLU A 20 -2.39 3.31 -15.75
C GLU A 20 -2.50 4.29 -14.60
N ALA A 21 -1.34 4.70 -14.07
CA ALA A 21 -1.30 5.65 -12.97
C ALA A 21 -1.77 7.03 -13.42
N HIS A 22 -1.52 7.34 -14.69
CA HIS A 22 -1.91 8.63 -15.25
C HIS A 22 -3.44 8.77 -15.25
N ASN A 23 -4.13 7.78 -15.80
CA ASN A 23 -5.58 7.80 -15.85
C ASN A 23 -6.18 7.79 -14.45
N ALA A 24 -5.68 6.90 -13.61
CA ALA A 24 -6.17 6.77 -12.23
C ALA A 24 -6.09 8.11 -11.51
N LEU A 25 -4.91 8.73 -11.53
CA LEU A 25 -4.69 10.01 -10.86
C LEU A 25 -5.62 11.08 -11.41
N GLU A 26 -5.51 11.34 -12.71
CA GLU A 26 -6.30 12.38 -13.36
C GLU A 26 -7.75 12.29 -12.93
N LYS A 27 -8.40 11.19 -13.30
CA LYS A 27 -9.82 10.97 -12.98
C LYS A 27 -10.09 11.17 -11.49
N CYS A 28 -9.31 10.48 -10.65
CA CYS A 28 -9.47 10.59 -9.21
C CYS A 28 -9.23 12.03 -8.75
N ASN A 29 -8.79 12.87 -9.70
CA ASN A 29 -8.51 14.29 -9.49
C ASN A 29 -7.06 14.45 -9.09
N TRP A 30 -6.19 13.90 -9.94
CA TRP A 30 -4.75 13.94 -9.72
C TRP A 30 -4.38 13.68 -8.25
N ASP A 31 -5.13 12.78 -7.61
CA ASP A 31 -4.88 12.43 -6.21
C ASP A 31 -4.11 11.11 -6.13
N LEU A 32 -3.01 11.11 -5.37
CA LEU A 32 -2.17 9.92 -5.23
C LEU A 32 -2.91 8.77 -4.58
N GLU A 33 -3.19 8.86 -3.28
CA GLU A 33 -3.88 7.79 -2.56
C GLU A 33 -5.11 7.32 -3.31
N ALA A 34 -5.83 8.25 -3.92
CA ALA A 34 -7.03 7.92 -4.69
C ALA A 34 -6.66 7.08 -5.90
N ALA A 35 -5.57 7.47 -6.57
CA ALA A 35 -5.10 6.76 -7.74
C ALA A 35 -4.75 5.31 -7.38
N THR A 36 -4.02 5.14 -6.28
CA THR A 36 -3.65 3.81 -5.82
C THR A 36 -4.91 2.99 -5.59
N ASN A 37 -5.85 3.59 -4.86
CA ASN A 37 -7.12 2.93 -4.56
C ASN A 37 -7.84 2.58 -5.85
N PHE A 38 -7.55 3.34 -6.91
CA PHE A 38 -8.15 3.11 -8.21
C PHE A 38 -7.59 1.83 -8.82
N LEU A 39 -6.28 1.64 -8.69
CA LEU A 39 -5.62 0.45 -9.21
C LEU A 39 -5.97 -0.79 -8.40
N LEU A 40 -6.47 -0.56 -7.19
CA LEU A 40 -6.84 -1.67 -6.30
C LEU A 40 -8.28 -2.13 -6.54
N ASP A 41 -9.23 -1.23 -6.30
CA ASP A 41 -10.65 -1.56 -6.47
C ASP A 41 -11.17 -1.20 -7.86
N SER A 42 -11.05 0.08 -8.22
CA SER A 42 -11.52 0.56 -9.52
C SER A 42 -10.92 -0.23 -10.68
N ALA A 43 -9.91 -1.04 -10.38
CA ALA A 43 -9.26 -1.86 -11.40
C ALA A 43 -10.23 -2.86 -12.02
N MET B 1 11.54 -13.45 9.66
CA MET B 1 10.76 -12.89 8.52
C MET B 1 10.39 -11.44 8.79
N GLN B 2 10.88 -10.54 7.94
CA GLN B 2 10.61 -9.11 8.08
C GLN B 2 9.95 -8.56 6.82
N ILE B 3 9.35 -7.38 6.95
CA ILE B 3 8.69 -6.72 5.83
C ILE B 3 9.00 -5.23 5.82
N PHE B 4 9.10 -4.66 4.62
CA PHE B 4 9.40 -3.24 4.48
C PHE B 4 8.19 -2.47 3.97
N VAL B 5 7.46 -1.86 4.91
CA VAL B 5 6.29 -1.09 4.58
C VAL B 5 6.69 0.26 3.97
N LYS B 6 6.11 0.58 2.82
CA LYS B 6 6.43 1.83 2.14
C LYS B 6 5.30 2.84 2.27
N THR B 7 5.41 3.73 3.26
CA THR B 7 4.40 4.76 3.48
C THR B 7 4.53 5.86 2.43
N LEU B 8 3.41 6.40 1.98
CA LEU B 8 3.41 7.45 0.98
C LEU B 8 4.01 8.75 1.54
N THR B 9 4.28 8.75 2.84
CA THR B 9 4.85 9.92 3.48
C THR B 9 6.37 9.91 3.36
N GLY B 10 6.90 8.85 2.78
CA GLY B 10 8.34 8.74 2.60
C GLY B 10 9.02 8.12 3.81
N LYS B 11 8.45 7.04 4.32
CA LYS B 11 9.00 6.35 5.47
C LYS B 11 8.96 4.83 5.29
N THR B 12 10.11 4.19 5.48
CA THR B 12 10.21 2.74 5.34
C THR B 12 10.19 2.07 6.72
N ILE B 13 9.08 1.43 7.04
CA ILE B 13 8.94 0.75 8.33
C ILE B 13 9.31 -0.73 8.23
N THR B 14 10.31 -1.14 8.99
CA THR B 14 10.75 -2.53 9.00
C THR B 14 10.15 -3.26 10.20
N LEU B 15 9.27 -4.22 9.93
CA LEU B 15 8.62 -4.97 11.00
C LEU B 15 8.93 -6.47 10.89
N GLU B 16 9.10 -7.10 12.06
CA GLU B 16 9.38 -8.53 12.11
C GLU B 16 8.09 -9.31 12.35
N VAL B 17 7.60 -9.96 11.31
CA VAL B 17 6.35 -10.72 11.41
C VAL B 17 6.56 -12.18 10.99
N GLU B 18 5.47 -12.95 10.99
CA GLU B 18 5.53 -14.36 10.61
C GLU B 18 4.51 -14.67 9.52
N SER B 19 4.72 -15.75 8.79
CA SER B 19 3.82 -16.16 7.73
C SER B 19 2.52 -16.71 8.29
N SER B 20 2.43 -16.78 9.61
CA SER B 20 1.24 -17.29 10.27
C SER B 20 0.30 -16.14 10.67
N ASP B 21 0.84 -14.93 10.72
CA ASP B 21 0.07 -13.76 11.10
C ASP B 21 -0.87 -13.33 9.96
N THR B 22 -2.07 -12.89 10.33
CA THR B 22 -3.05 -12.45 9.35
C THR B 22 -2.78 -11.02 8.90
N ILE B 23 -3.36 -10.63 7.78
CA ILE B 23 -3.18 -9.30 7.23
C ILE B 23 -3.62 -8.23 8.23
N ASP B 24 -4.83 -8.38 8.75
CA ASP B 24 -5.38 -7.43 9.70
C ASP B 24 -4.48 -7.29 10.92
N ASN B 25 -3.87 -8.41 11.33
CA ASN B 25 -2.98 -8.41 12.49
C ASN B 25 -1.77 -7.51 12.25
N VAL B 26 -1.25 -7.53 11.04
CA VAL B 26 -0.09 -6.72 10.68
C VAL B 26 -0.37 -5.23 10.89
N LYS B 27 -1.49 -4.75 10.38
CA LYS B 27 -1.87 -3.35 10.52
C LYS B 27 -1.82 -2.93 11.98
N SER B 28 -2.38 -3.76 12.85
CA SER B 28 -2.40 -3.48 14.28
C SER B 28 -0.98 -3.37 14.85
N LYS B 29 -0.15 -4.35 14.49
CA LYS B 29 1.24 -4.37 14.96
C LYS B 29 1.97 -3.10 14.54
N ILE B 30 1.62 -2.57 13.37
CA ILE B 30 2.24 -1.36 12.86
C ILE B 30 1.78 -0.14 13.68
N GLN B 31 0.50 -0.12 14.02
CA GLN B 31 -0.06 0.98 14.81
C GLN B 31 0.60 1.05 16.17
N ASP B 32 0.91 -0.12 16.74
CA ASP B 32 1.55 -0.19 18.05
C ASP B 32 3.06 0.04 17.93
N LYS B 33 3.57 -0.10 16.70
CA LYS B 33 5.00 0.08 16.45
C LYS B 33 5.32 1.56 16.24
N GLU B 34 4.84 2.10 15.11
CA GLU B 34 5.07 3.50 14.79
C GLU B 34 3.92 4.38 15.29
N GLY B 35 2.79 4.32 14.59
CA GLY B 35 1.63 5.11 14.97
C GLY B 35 0.64 5.30 13.85
N ILE B 36 0.53 4.31 12.97
CA ILE B 36 -0.41 4.38 11.86
C ILE B 36 -1.64 3.49 12.12
N PRO B 37 -2.83 4.10 12.29
CA PRO B 37 -4.06 3.34 12.55
C PRO B 37 -4.32 2.26 11.49
N PRO B 38 -4.98 1.15 11.87
CA PRO B 38 -5.26 0.05 10.94
C PRO B 38 -6.39 0.37 9.96
N ASP B 39 -7.46 0.98 10.46
CA ASP B 39 -8.60 1.34 9.63
C ASP B 39 -8.29 2.57 8.77
N GLN B 40 -7.03 2.98 8.79
CA GLN B 40 -6.60 4.14 8.02
C GLN B 40 -5.47 3.79 7.08
N GLN B 41 -4.93 2.59 7.25
CA GLN B 41 -3.84 2.11 6.40
C GLN B 41 -4.15 0.74 5.77
N ARG B 42 -3.79 0.59 4.49
CA ARG B 42 -3.99 -0.67 3.78
C ARG B 42 -2.69 -1.14 3.13
N LEU B 43 -2.35 -2.41 3.33
CA LEU B 43 -1.11 -2.97 2.78
C LEU B 43 -1.28 -3.37 1.32
N ILE B 44 -0.22 -3.13 0.53
CA ILE B 44 -0.23 -3.48 -0.88
C ILE B 44 1.06 -4.19 -1.27
N PHE B 45 0.92 -5.25 -2.08
CA PHE B 45 2.08 -6.01 -2.53
C PHE B 45 1.85 -6.57 -3.94
N ALA B 46 2.82 -6.35 -4.82
CA ALA B 46 2.73 -6.83 -6.20
C ALA B 46 1.53 -6.22 -6.91
N GLY B 47 1.07 -5.07 -6.42
CA GLY B 47 -0.07 -4.40 -7.02
C GLY B 47 -1.39 -5.02 -6.60
N LYS B 48 -1.36 -5.81 -5.54
CA LYS B 48 -2.56 -6.46 -5.03
C LYS B 48 -2.81 -6.08 -3.57
N GLN B 49 -4.03 -5.62 -3.30
CA GLN B 49 -4.41 -5.23 -1.95
C GLN B 49 -4.57 -6.45 -1.05
N LEU B 50 -3.86 -6.45 0.08
CA LEU B 50 -3.94 -7.56 1.02
C LEU B 50 -5.25 -7.52 1.80
N GLU B 51 -6.18 -8.39 1.43
CA GLU B 51 -7.48 -8.46 2.08
C GLU B 51 -7.34 -8.94 3.53
N ASP B 52 -8.06 -8.29 4.43
CA ASP B 52 -8.02 -8.64 5.84
C ASP B 52 -8.73 -9.97 6.09
N GLY B 53 -8.02 -10.91 6.69
CA GLY B 53 -8.59 -12.22 6.97
C GLY B 53 -7.68 -13.36 6.55
N ARG B 54 -7.07 -13.22 5.39
CA ARG B 54 -6.17 -14.24 4.86
C ARG B 54 -4.78 -14.10 5.48
N THR B 55 -3.87 -15.00 5.08
CA THR B 55 -2.51 -14.96 5.60
C THR B 55 -1.55 -14.35 4.57
N LEU B 56 -0.26 -14.35 4.91
CA LEU B 56 0.75 -13.79 4.02
C LEU B 56 1.13 -14.77 2.92
N SER B 57 0.69 -16.02 3.07
CA SER B 57 0.99 -17.07 2.10
C SER B 57 0.05 -17.00 0.91
N ASP B 58 -1.13 -16.41 1.10
CA ASP B 58 -2.11 -16.30 0.03
C ASP B 58 -1.66 -15.31 -1.04
N TYR B 59 -0.55 -14.62 -0.78
CA TYR B 59 -0.02 -13.65 -1.73
C TYR B 59 1.46 -13.91 -2.03
N ASN B 60 1.92 -15.09 -1.64
CA ASN B 60 3.32 -15.49 -1.88
C ASN B 60 4.29 -14.50 -1.24
N ILE B 61 3.80 -13.71 -0.28
CA ILE B 61 4.64 -12.74 0.40
C ILE B 61 5.82 -13.43 1.09
N GLN B 62 7.00 -13.30 0.50
CA GLN B 62 8.20 -13.91 1.03
C GLN B 62 8.84 -13.04 2.11
N LYS B 63 10.09 -13.34 2.44
CA LYS B 63 10.81 -12.58 3.46
C LYS B 63 11.42 -11.31 2.87
N GLU B 64 11.55 -10.28 3.70
CA GLU B 64 12.12 -9.01 3.28
C GLU B 64 11.32 -8.40 2.13
N SER B 65 10.09 -8.87 1.94
CA SER B 65 9.23 -8.37 0.87
C SER B 65 8.90 -6.91 1.09
N THR B 66 9.00 -6.12 0.01
CA THR B 66 8.72 -4.68 0.09
C THR B 66 7.23 -4.41 -0.12
N LEU B 67 6.53 -4.10 0.97
CA LEU B 67 5.12 -3.80 0.90
C LEU B 67 4.88 -2.30 0.81
N HIS B 68 3.63 -1.90 0.58
CA HIS B 68 3.28 -0.49 0.48
C HIS B 68 2.18 -0.13 1.46
N LEU B 69 2.09 1.15 1.79
CA LEU B 69 1.10 1.64 2.74
C LEU B 69 0.25 2.74 2.10
N VAL B 70 -1.01 2.40 1.80
CA VAL B 70 -1.93 3.36 1.20
C VAL B 70 -3.35 3.18 1.75
N LEU B 71 -4.02 4.30 1.99
CA LEU B 71 -5.40 4.32 2.50
C LEU B 71 -5.75 5.73 2.98
N ARG B 72 -6.35 5.81 4.16
CA ARG B 72 -6.75 7.09 4.75
C ARG B 72 -7.83 7.76 3.91
N LEU B 73 -8.89 7.00 3.61
CA LEU B 73 -9.99 7.52 2.82
C LEU B 73 -11.34 7.07 3.40
N ARG B 74 -12.00 7.98 4.10
CA ARG B 74 -13.29 7.69 4.72
C ARG B 74 -13.21 6.47 5.64
N GLY B 75 -13.40 5.28 5.07
CA GLY B 75 -13.35 4.06 5.85
C GLY B 75 -14.71 3.41 6.00
N GLY B 76 -15.70 3.93 5.29
CA GLY B 76 -17.03 3.37 5.35
C GLY B 76 -18.02 4.14 4.50
N THR A 1 9.46 21.08 -7.93
CA THR A 1 9.02 19.81 -8.56
C THR A 1 7.50 19.73 -8.63
N THR A 2 6.98 19.28 -9.76
CA THR A 2 5.54 19.15 -9.95
C THR A 2 4.98 18.05 -9.05
N PRO A 3 3.74 18.24 -8.55
CA PRO A 3 3.09 17.26 -7.67
C PRO A 3 2.46 16.10 -8.43
N LYS A 4 1.83 16.41 -9.55
CA LYS A 4 1.18 15.40 -10.38
C LYS A 4 2.16 14.28 -10.72
N SER A 5 3.36 14.65 -11.13
CA SER A 5 4.38 13.68 -11.51
C SER A 5 4.82 12.85 -10.31
N LEU A 6 4.99 13.51 -9.16
CA LEU A 6 5.41 12.82 -7.94
C LEU A 6 4.46 11.66 -7.62
N ALA A 7 3.17 11.87 -7.87
CA ALA A 7 2.17 10.85 -7.61
C ALA A 7 2.31 9.68 -8.59
N VAL A 8 2.56 10.01 -9.85
CA VAL A 8 2.70 8.98 -10.89
C VAL A 8 3.93 8.13 -10.63
N GLU A 9 4.97 8.75 -10.06
CA GLU A 9 6.20 8.05 -9.74
C GLU A 9 5.99 7.09 -8.58
N GLU A 10 5.34 7.58 -7.53
CA GLU A 10 5.05 6.77 -6.35
C GLU A 10 4.26 5.54 -6.74
N LEU A 11 3.28 5.73 -7.63
CA LEU A 11 2.45 4.63 -8.09
C LEU A 11 3.23 3.69 -9.00
N SER A 12 4.34 4.19 -9.55
CA SER A 12 5.17 3.40 -10.43
C SER A 12 6.04 2.44 -9.64
N GLY A 13 6.06 2.62 -8.32
CA GLY A 13 6.85 1.76 -7.45
C GLY A 13 6.03 0.63 -6.85
N MET A 14 4.74 0.61 -7.17
CA MET A 14 3.84 -0.43 -6.65
C MET A 14 3.75 -1.61 -7.61
N GLY A 15 3.01 -1.42 -8.69
CA GLY A 15 2.85 -2.48 -9.67
C GLY A 15 2.30 -1.97 -11.00
N PHE A 16 2.22 -0.65 -11.14
CA PHE A 16 1.71 -0.03 -12.36
C PHE A 16 2.55 1.19 -12.74
N THR A 17 3.03 1.18 -13.98
CA THR A 17 3.87 2.27 -14.49
C THR A 17 3.15 3.62 -14.44
N GLU A 18 3.86 4.66 -14.87
CA GLU A 18 3.32 6.02 -14.88
C GLU A 18 2.14 6.13 -15.83
N GLU A 19 1.97 5.15 -16.71
CA GLU A 19 0.86 5.16 -17.65
C GLU A 19 -0.45 4.83 -16.93
N GLU A 20 -0.54 3.62 -16.37
CA GLU A 20 -1.73 3.20 -15.65
C GLU A 20 -2.01 4.18 -14.52
N ALA A 21 -0.95 4.77 -13.96
CA ALA A 21 -1.09 5.73 -12.89
C ALA A 21 -1.59 7.06 -13.44
N HIS A 22 -1.13 7.40 -14.65
CA HIS A 22 -1.54 8.64 -15.30
C HIS A 22 -3.06 8.67 -15.43
N ASN A 23 -3.63 7.56 -15.87
CA ASN A 23 -5.08 7.46 -16.04
C ASN A 23 -5.78 7.45 -14.69
N ALA A 24 -5.34 6.57 -13.80
CA ALA A 24 -5.90 6.46 -12.46
C ALA A 24 -5.95 7.81 -11.76
N LEU A 25 -4.79 8.43 -11.63
CA LEU A 25 -4.67 9.73 -10.98
C LEU A 25 -5.52 10.78 -11.66
N GLU A 26 -5.24 11.02 -12.95
CA GLU A 26 -5.94 12.03 -13.71
C GLU A 26 -7.44 11.96 -13.48
N LYS A 27 -8.05 10.85 -13.90
CA LYS A 27 -9.49 10.65 -13.75
C LYS A 27 -9.97 10.92 -12.33
N CYS A 28 -9.31 10.29 -11.36
CA CYS A 28 -9.67 10.46 -9.96
C CYS A 28 -9.48 11.92 -9.54
N ASN A 29 -8.84 12.69 -10.44
CA ASN A 29 -8.56 14.12 -10.24
C ASN A 29 -7.16 14.27 -9.68
N TRP A 30 -6.21 13.66 -10.37
CA TRP A 30 -4.80 13.68 -9.97
C TRP A 30 -4.65 13.62 -8.45
N ASP A 31 -4.75 12.42 -7.89
CA ASP A 31 -4.61 12.21 -6.45
C ASP A 31 -3.87 10.90 -6.18
N LEU A 32 -2.73 11.00 -5.49
CA LEU A 32 -1.91 9.84 -5.19
C LEU A 32 -2.70 8.71 -4.52
N GLU A 33 -2.98 8.86 -3.22
CA GLU A 33 -3.71 7.85 -2.47
C GLU A 33 -4.99 7.41 -3.17
N ALA A 34 -5.77 8.37 -3.63
CA ALA A 34 -7.03 8.07 -4.30
C ALA A 34 -6.79 7.18 -5.52
N ALA A 35 -5.73 7.47 -6.26
CA ALA A 35 -5.39 6.69 -7.45
C ALA A 35 -5.02 5.27 -7.04
N THR A 36 -4.26 5.16 -5.95
CA THR A 36 -3.86 3.85 -5.45
C THR A 36 -5.11 3.02 -5.21
N ASN A 37 -6.09 3.65 -4.58
CA ASN A 37 -7.37 3.01 -4.30
C ASN A 37 -8.09 2.70 -5.61
N PHE A 38 -7.82 3.53 -6.63
CA PHE A 38 -8.43 3.34 -7.94
C PHE A 38 -7.97 2.02 -8.55
N LEU A 39 -6.70 1.68 -8.33
CA LEU A 39 -6.14 0.43 -8.85
C LEU A 39 -6.63 -0.76 -8.03
N LEU A 40 -6.93 -0.52 -6.76
CA LEU A 40 -7.39 -1.57 -5.87
C LEU A 40 -8.86 -1.92 -6.13
N ASP A 41 -9.73 -0.93 -6.01
CA ASP A 41 -11.16 -1.13 -6.23
C ASP A 41 -11.55 -0.83 -7.68
N SER A 42 -11.43 0.44 -8.08
CA SER A 42 -11.79 0.85 -9.43
C SER A 42 -11.02 0.04 -10.48
N ALA A 43 -11.40 0.21 -11.74
CA ALA A 43 -10.76 -0.51 -12.83
C ALA A 43 -10.47 0.42 -14.00
N MET B 1 10.95 -13.97 9.83
CA MET B 1 11.03 -13.14 8.61
C MET B 1 10.59 -11.71 8.88
N GLN B 2 11.19 -10.76 8.15
CA GLN B 2 10.86 -9.35 8.32
C GLN B 2 10.37 -8.74 7.02
N ILE B 3 9.35 -7.89 7.12
CA ILE B 3 8.78 -7.23 5.94
C ILE B 3 9.06 -5.72 5.98
N PHE B 4 9.13 -5.10 4.81
CA PHE B 4 9.38 -3.67 4.72
C PHE B 4 8.21 -2.94 4.08
N VAL B 5 7.36 -2.33 4.91
CA VAL B 5 6.22 -1.60 4.43
C VAL B 5 6.64 -0.23 3.88
N LYS B 6 6.03 0.17 2.78
CA LYS B 6 6.35 1.45 2.15
C LYS B 6 5.23 2.47 2.37
N THR B 7 5.50 3.49 3.17
CA THR B 7 4.53 4.53 3.45
C THR B 7 4.53 5.58 2.34
N LEU B 8 3.41 6.29 2.20
CA LEU B 8 3.29 7.32 1.18
C LEU B 8 3.99 8.60 1.63
N THR B 9 4.59 8.55 2.80
CA THR B 9 5.30 9.70 3.36
C THR B 9 6.80 9.60 3.08
N GLY B 10 7.23 8.44 2.61
CA GLY B 10 8.64 8.23 2.32
C GLY B 10 9.38 7.58 3.47
N LYS B 11 8.80 6.53 4.04
CA LYS B 11 9.43 5.82 5.15
C LYS B 11 9.32 4.30 4.97
N THR B 12 10.35 3.59 5.41
CA THR B 12 10.39 2.14 5.32
C THR B 12 10.21 1.50 6.69
N ILE B 13 9.03 0.93 6.92
CA ILE B 13 8.72 0.29 8.18
C ILE B 13 9.20 -1.16 8.20
N THR B 14 10.08 -1.48 9.14
CA THR B 14 10.60 -2.83 9.26
C THR B 14 9.93 -3.57 10.42
N LEU B 15 9.16 -4.60 10.09
CA LEU B 15 8.46 -5.38 11.11
C LEU B 15 8.84 -6.85 11.04
N GLU B 16 9.07 -7.46 12.21
CA GLU B 16 9.41 -8.87 12.28
C GLU B 16 8.17 -9.72 12.45
N VAL B 17 7.72 -10.34 11.36
CA VAL B 17 6.52 -11.17 11.38
C VAL B 17 6.87 -12.65 11.20
N GLU B 18 5.85 -13.47 11.05
CA GLU B 18 6.05 -14.91 10.86
C GLU B 18 5.33 -15.40 9.61
N SER B 19 5.53 -16.66 9.26
CA SER B 19 4.91 -17.25 8.09
C SER B 19 3.44 -17.58 8.36
N SER B 20 3.02 -17.39 9.62
CA SER B 20 1.63 -17.67 10.01
C SER B 20 0.89 -16.38 10.35
N ASP B 21 1.62 -15.27 10.36
CA ASP B 21 1.02 -13.98 10.68
C ASP B 21 -0.05 -13.61 9.66
N THR B 22 -1.06 -12.88 10.12
CA THR B 22 -2.15 -12.45 9.26
C THR B 22 -2.04 -10.96 8.96
N ILE B 23 -2.73 -10.52 7.92
CA ILE B 23 -2.71 -9.11 7.53
C ILE B 23 -3.17 -8.22 8.67
N ASP B 24 -4.31 -8.56 9.26
CA ASP B 24 -4.88 -7.79 10.37
C ASP B 24 -3.85 -7.54 11.47
N ASN B 25 -2.95 -8.50 11.66
CA ASN B 25 -1.92 -8.39 12.69
C ASN B 25 -0.89 -7.33 12.31
N VAL B 26 -0.43 -7.38 11.06
CA VAL B 26 0.57 -6.42 10.55
C VAL B 26 0.13 -4.99 10.81
N LYS B 27 -1.09 -4.67 10.42
CA LYS B 27 -1.65 -3.33 10.58
C LYS B 27 -1.48 -2.86 12.02
N SER B 28 -1.80 -3.75 12.96
CA SER B 28 -1.68 -3.43 14.39
C SER B 28 -0.24 -3.07 14.72
N LYS B 29 0.69 -3.87 14.22
CA LYS B 29 2.11 -3.63 14.47
C LYS B 29 2.53 -2.26 13.94
N ILE B 30 1.98 -1.87 12.79
CA ILE B 30 2.28 -0.59 12.19
C ILE B 30 1.82 0.55 13.10
N GLN B 31 0.62 0.42 13.66
CA GLN B 31 0.08 1.43 14.55
C GLN B 31 0.95 1.56 15.81
N ASP B 32 1.49 0.43 16.26
CA ASP B 32 2.35 0.40 17.43
C ASP B 32 3.76 0.83 17.06
N LYS B 33 4.00 0.93 15.76
CA LYS B 33 5.32 1.33 15.24
C LYS B 33 5.38 2.85 15.07
N GLU B 34 4.62 3.36 14.11
CA GLU B 34 4.58 4.78 13.83
C GLU B 34 3.33 5.42 14.42
N GLY B 35 2.18 5.11 13.82
CA GLY B 35 0.92 5.66 14.30
C GLY B 35 -0.05 5.95 13.18
N ILE B 36 -0.07 5.09 12.17
CA ILE B 36 -0.98 5.27 11.04
C ILE B 36 -2.34 4.64 11.35
N PRO B 37 -3.44 5.39 11.14
CA PRO B 37 -4.81 4.89 11.42
C PRO B 37 -5.13 3.59 10.67
N PRO B 38 -5.35 2.49 11.41
CA PRO B 38 -5.67 1.18 10.81
C PRO B 38 -7.00 1.20 10.05
N ASP B 39 -7.86 2.16 10.38
CA ASP B 39 -9.16 2.28 9.74
C ASP B 39 -9.04 2.90 8.34
N GLN B 40 -7.82 3.29 7.97
CA GLN B 40 -7.60 3.90 6.66
C GLN B 40 -6.49 3.17 5.90
N GLN B 41 -5.36 2.96 6.55
CA GLN B 41 -4.23 2.29 5.93
C GLN B 41 -4.62 0.90 5.39
N ARG B 42 -4.05 0.55 4.25
CA ARG B 42 -4.32 -0.74 3.61
C ARG B 42 -3.03 -1.32 3.04
N LEU B 43 -2.77 -2.59 3.32
CA LEU B 43 -1.57 -3.26 2.83
C LEU B 43 -1.72 -3.66 1.37
N ILE B 44 -0.66 -3.49 0.59
CA ILE B 44 -0.67 -3.85 -0.82
C ILE B 44 0.59 -4.61 -1.22
N PHE B 45 0.43 -5.57 -2.12
CA PHE B 45 1.55 -6.37 -2.60
C PHE B 45 1.28 -6.88 -4.02
N ALA B 46 2.21 -6.59 -4.93
CA ALA B 46 2.07 -7.01 -6.33
C ALA B 46 0.82 -6.39 -6.97
N GLY B 47 0.32 -5.31 -6.36
CA GLY B 47 -0.86 -4.65 -6.88
C GLY B 47 -2.15 -5.20 -6.32
N LYS B 48 -2.03 -6.14 -5.38
CA LYS B 48 -3.19 -6.75 -4.75
C LYS B 48 -3.46 -6.14 -3.38
N GLN B 49 -4.71 -5.76 -3.15
CA GLN B 49 -5.09 -5.17 -1.87
C GLN B 49 -5.21 -6.25 -0.80
N LEU B 50 -4.17 -6.38 0.01
CA LEU B 50 -4.16 -7.38 1.07
C LEU B 50 -5.25 -7.12 2.10
N GLU B 51 -6.29 -7.94 2.06
CA GLU B 51 -7.41 -7.79 2.99
C GLU B 51 -7.20 -8.64 4.24
N ASP B 52 -8.12 -8.52 5.19
CA ASP B 52 -8.04 -9.27 6.44
C ASP B 52 -8.54 -10.70 6.23
N GLY B 53 -8.19 -11.59 7.16
CA GLY B 53 -8.60 -12.97 7.07
C GLY B 53 -7.60 -13.82 6.30
N ARG B 54 -7.10 -13.27 5.20
CA ARG B 54 -6.12 -13.97 4.37
C ARG B 54 -4.73 -13.93 5.00
N THR B 55 -3.85 -14.81 4.53
CA THR B 55 -2.49 -14.87 5.04
C THR B 55 -1.48 -14.54 3.94
N LEU B 56 -0.20 -14.63 4.26
CA LEU B 56 0.85 -14.33 3.30
C LEU B 56 0.94 -15.41 2.23
N SER B 57 0.43 -16.60 2.55
CA SER B 57 0.45 -17.71 1.61
C SER B 57 -0.58 -17.51 0.50
N ASP B 58 -1.60 -16.70 0.79
CA ASP B 58 -2.65 -16.43 -0.18
C ASP B 58 -2.18 -15.44 -1.24
N TYR B 59 -1.05 -14.78 -0.95
CA TYR B 59 -0.49 -13.80 -1.88
C TYR B 59 0.96 -14.12 -2.20
N ASN B 60 1.45 -15.26 -1.69
CA ASN B 60 2.83 -15.68 -1.94
C ASN B 60 3.82 -14.63 -1.44
N ILE B 61 3.44 -13.89 -0.41
CA ILE B 61 4.30 -12.85 0.15
C ILE B 61 5.59 -13.45 0.70
N GLN B 62 6.71 -13.08 0.09
CA GLN B 62 8.01 -13.58 0.52
C GLN B 62 8.58 -12.73 1.66
N LYS B 63 9.80 -13.04 2.08
CA LYS B 63 10.45 -12.30 3.16
C LYS B 63 11.38 -11.23 2.60
N GLU B 64 11.69 -10.24 3.41
CA GLU B 64 12.57 -9.15 3.00
C GLU B 64 11.97 -8.40 1.81
N SER B 65 10.68 -8.60 1.58
CA SER B 65 9.99 -7.94 0.47
C SER B 65 9.58 -6.52 0.87
N THR B 66 9.21 -5.73 -0.13
CA THR B 66 8.79 -4.36 0.12
C THR B 66 7.31 -4.17 -0.19
N LEU B 67 6.49 -4.13 0.86
CA LEU B 67 5.05 -3.94 0.71
C LEU B 67 4.71 -2.45 0.64
N HIS B 68 3.42 -2.15 0.51
CA HIS B 68 2.98 -0.75 0.43
C HIS B 68 1.82 -0.49 1.38
N LEU B 69 1.64 0.78 1.73
CA LEU B 69 0.55 1.17 2.62
C LEU B 69 -0.14 2.42 2.10
N VAL B 70 -1.46 2.32 1.87
CA VAL B 70 -2.23 3.45 1.37
C VAL B 70 -3.49 3.68 2.19
N LEU B 71 -3.91 4.94 2.30
CA LEU B 71 -5.10 5.30 3.06
C LEU B 71 -6.37 4.90 2.31
N ARG B 72 -7.44 4.67 3.07
CA ARG B 72 -8.72 4.29 2.50
C ARG B 72 -9.55 5.52 2.11
N LEU B 73 -9.10 6.69 2.58
CA LEU B 73 -9.78 7.95 2.29
C LEU B 73 -11.14 8.01 2.98
N ARG B 74 -11.34 9.04 3.78
CA ARG B 74 -12.60 9.23 4.51
C ARG B 74 -12.98 10.69 4.58
N GLY B 75 -14.07 11.05 3.89
CA GLY B 75 -14.53 12.43 3.89
C GLY B 75 -15.71 12.64 2.96
N GLY B 76 -16.88 12.15 3.38
CA GLY B 76 -18.07 12.30 2.58
C GLY B 76 -18.34 11.09 1.71
#